data_7SFT
#
_entry.id   7SFT
#
loop_
_entity.id
_entity.type
_entity.pdbx_description
1 polymer Filamin-A
2 polymer 'Integrin alpha-IIb light chain, form 2'
#
loop_
_entity_poly.entity_id
_entity_poly.type
_entity_poly.pdbx_seq_one_letter_code
_entity_poly.pdbx_strand_id
1 'polypeptide(L)'
;GGAHKVRAGGPGLERAEAGVPAEFSIWTREAGAGGLAIAVEGPSKAEISFEDRKDGSCGVAYVVQEPGDYEVSVKFNEEH
IPDSPFVVPVASPSG
;
A
2 'polypeptide(L)' WKVGFFKRNRPPLEEDDEEGE B
#
# COMPACT_ATOMS: atom_id res chain seq x y z
N GLY A 1 -1.32 12.38 11.53
CA GLY A 1 -2.16 11.86 10.37
C GLY A 1 -1.47 11.20 9.20
N GLY A 2 -0.46 11.84 8.69
CA GLY A 2 0.28 11.27 7.53
C GLY A 2 -0.64 11.24 6.31
N ALA A 3 -1.77 10.61 6.44
CA ALA A 3 -2.73 10.55 5.30
C ALA A 3 -2.92 11.96 4.73
N HIS A 4 -2.45 12.97 5.40
CA HIS A 4 -2.62 14.37 4.90
C HIS A 4 -1.43 14.78 4.02
N LYS A 5 -0.44 13.94 3.85
CA LYS A 5 0.72 14.33 2.99
C LYS A 5 1.28 13.09 2.30
N VAL A 6 0.47 12.09 2.06
CA VAL A 6 0.98 10.87 1.40
C VAL A 6 1.05 11.07 -0.13
N ARG A 7 2.03 10.49 -0.74
CA ARG A 7 2.19 10.55 -2.21
C ARG A 7 2.38 9.10 -2.65
N ALA A 8 1.47 8.54 -3.40
CA ALA A 8 1.59 7.09 -3.78
C ALA A 8 1.57 6.89 -5.29
N GLY A 9 2.06 5.75 -5.72
CA GLY A 9 2.05 5.39 -7.17
C GLY A 9 1.03 4.27 -7.33
N GLY A 10 0.99 3.58 -8.45
CA GLY A 10 -0.03 2.51 -8.56
C GLY A 10 -0.15 1.98 -9.98
N PRO A 11 0.89 1.45 -10.55
CA PRO A 11 0.85 0.88 -11.92
C PRO A 11 -0.21 -0.23 -12.00
N GLY A 12 -0.45 -0.89 -10.88
CA GLY A 12 -1.47 -1.98 -10.84
C GLY A 12 -2.46 -1.72 -9.70
N LEU A 13 -2.70 -0.47 -9.37
CA LEU A 13 -3.65 -0.13 -8.27
C LEU A 13 -4.87 0.56 -8.89
N GLU A 14 -4.79 0.84 -10.17
CA GLU A 14 -5.92 1.49 -10.89
C GLU A 14 -6.46 0.51 -11.94
N ARG A 15 -5.72 -0.53 -12.22
CA ARG A 15 -6.17 -1.53 -13.23
C ARG A 15 -5.17 -2.69 -13.26
N ALA A 16 -5.66 -3.90 -13.24
CA ALA A 16 -4.74 -5.09 -13.27
C ALA A 16 -5.29 -6.10 -14.29
N GLU A 17 -4.56 -7.17 -14.52
CA GLU A 17 -5.01 -8.20 -15.49
C GLU A 17 -4.58 -9.57 -14.97
N ALA A 18 -5.52 -10.40 -14.62
CA ALA A 18 -5.22 -11.76 -14.09
C ALA A 18 -3.91 -12.31 -14.67
N GLY A 19 -3.15 -13.04 -13.89
CA GLY A 19 -1.87 -13.60 -14.39
C GLY A 19 -0.78 -12.53 -14.49
N VAL A 20 -1.10 -11.30 -14.13
CA VAL A 20 -0.08 -10.20 -14.20
C VAL A 20 0.08 -9.60 -12.79
N PRO A 21 1.29 -9.34 -12.34
CA PRO A 21 1.51 -8.75 -10.99
C PRO A 21 1.09 -7.28 -10.96
N ALA A 22 0.68 -6.81 -9.83
CA ALA A 22 0.24 -5.38 -9.71
C ALA A 22 0.86 -4.84 -8.42
N GLU A 23 1.18 -3.58 -8.37
CA GLU A 23 1.81 -3.05 -7.13
C GLU A 23 1.56 -1.55 -7.00
N PHE A 24 2.05 -0.99 -5.92
CA PHE A 24 1.91 0.46 -5.70
C PHE A 24 2.97 0.90 -4.70
N SER A 25 2.97 2.14 -4.33
CA SER A 25 3.97 2.62 -3.35
C SER A 25 3.34 3.74 -2.53
N ILE A 26 3.70 3.87 -1.28
CA ILE A 26 3.11 4.95 -0.43
C ILE A 26 4.22 5.89 0.05
N TRP A 27 4.85 6.57 -0.87
CA TRP A 27 5.96 7.51 -0.48
C TRP A 27 5.43 8.50 0.56
N THR A 28 6.02 8.52 1.73
CA THR A 28 5.55 9.46 2.79
C THR A 28 6.67 9.70 3.79
N ARG A 29 7.89 9.84 3.33
CA ARG A 29 9.02 10.07 4.27
C ARG A 29 8.66 11.21 5.23
N GLU A 30 7.77 12.07 4.82
CA GLU A 30 7.38 13.21 5.69
C GLU A 30 6.66 12.68 6.93
N ALA A 31 5.63 11.88 6.73
CA ALA A 31 4.89 11.34 7.91
C ALA A 31 5.86 10.57 8.81
N GLY A 32 7.04 10.29 8.32
CA GLY A 32 8.04 9.55 9.14
C GLY A 32 7.39 8.37 9.86
N ALA A 33 7.80 8.10 11.07
CA ALA A 33 7.22 6.96 11.83
C ALA A 33 5.70 6.97 11.70
N GLY A 34 5.10 5.81 11.67
CA GLY A 34 3.62 5.72 11.55
C GLY A 34 3.27 4.58 10.59
N GLY A 35 3.00 3.42 11.11
CA GLY A 35 2.63 2.28 10.22
C GLY A 35 1.42 2.67 9.38
N LEU A 36 0.98 1.77 8.54
CA LEU A 36 -0.20 2.09 7.67
C LEU A 36 -1.03 0.82 7.47
N ALA A 37 -2.33 0.96 7.45
CA ALA A 37 -3.21 -0.23 7.26
C ALA A 37 -3.56 -0.41 5.78
N ILE A 38 -3.46 -1.61 5.27
CA ILE A 38 -3.80 -1.86 3.85
C ILE A 38 -4.40 -3.25 3.73
N ALA A 39 -5.53 -3.37 3.08
CA ALA A 39 -6.17 -4.71 2.94
C ALA A 39 -7.06 -4.73 1.69
N VAL A 40 -7.45 -5.90 1.25
CA VAL A 40 -8.31 -6.01 0.04
C VAL A 40 -9.47 -6.97 0.34
N GLU A 41 -10.58 -6.81 -0.33
CA GLU A 41 -11.76 -7.71 -0.08
C GLU A 41 -12.45 -8.02 -1.40
N GLY A 42 -12.92 -9.24 -1.54
CA GLY A 42 -13.61 -9.63 -2.80
C GLY A 42 -13.57 -11.16 -2.95
N PRO A 43 -14.40 -11.69 -3.80
CA PRO A 43 -14.46 -13.17 -4.03
C PRO A 43 -13.26 -13.67 -4.84
N SER A 44 -12.10 -13.69 -4.23
CA SER A 44 -10.89 -14.16 -4.96
C SER A 44 -9.71 -14.29 -3.99
N LYS A 45 -8.51 -14.38 -4.50
CA LYS A 45 -7.33 -14.50 -3.62
C LYS A 45 -6.09 -13.98 -4.36
N ALA A 46 -5.07 -13.60 -3.65
CA ALA A 46 -3.84 -13.08 -4.33
C ALA A 46 -2.63 -13.27 -3.42
N GLU A 47 -1.44 -13.15 -3.96
CA GLU A 47 -0.21 -13.31 -3.13
C GLU A 47 0.34 -11.93 -2.78
N ILE A 48 0.23 -11.53 -1.53
CA ILE A 48 0.74 -10.19 -1.13
C ILE A 48 2.18 -10.30 -0.61
N SER A 49 3.00 -9.32 -0.93
CA SER A 49 4.41 -9.34 -0.46
C SER A 49 4.86 -7.91 -0.20
N PHE A 50 4.88 -7.50 1.04
CA PHE A 50 5.29 -6.09 1.39
C PHE A 50 6.71 -6.11 1.95
N GLU A 51 7.29 -4.94 2.09
CA GLU A 51 8.67 -4.86 2.64
C GLU A 51 8.89 -3.48 3.26
N ASP A 52 9.07 -3.41 4.55
CA ASP A 52 9.28 -2.09 5.20
C ASP A 52 10.45 -1.38 4.53
N ARG A 53 10.52 -0.08 4.67
CA ARG A 53 11.63 0.68 4.02
C ARG A 53 11.84 2.00 4.78
N LYS A 54 13.02 2.23 5.29
CA LYS A 54 13.28 3.48 6.05
C LYS A 54 12.74 4.68 5.28
N ASP A 55 12.39 4.50 4.03
CA ASP A 55 11.84 5.64 3.24
C ASP A 55 10.36 5.82 3.57
N GLY A 56 9.84 4.99 4.43
CA GLY A 56 8.40 5.12 4.80
C GLY A 56 7.54 4.63 3.64
N SER A 57 8.09 4.54 2.46
CA SER A 57 7.29 4.08 1.29
C SER A 57 6.97 2.59 1.45
N CYS A 58 5.72 2.23 1.41
CA CYS A 58 5.34 0.80 1.54
C CYS A 58 5.31 0.14 0.15
N GLY A 59 6.30 -0.63 -0.16
CA GLY A 59 6.34 -1.30 -1.50
C GLY A 59 5.64 -2.65 -1.39
N VAL A 60 4.54 -2.82 -2.09
CA VAL A 60 3.79 -4.12 -2.03
C VAL A 60 3.37 -4.53 -3.44
N ALA A 61 3.34 -5.82 -3.72
CA ALA A 61 2.93 -6.28 -5.08
C ALA A 61 2.14 -7.58 -4.97
N TYR A 62 1.27 -7.85 -5.90
CA TYR A 62 0.51 -9.13 -5.85
C TYR A 62 0.06 -9.53 -7.25
N VAL A 63 -0.29 -10.77 -7.40
CA VAL A 63 -0.77 -11.29 -8.72
C VAL A 63 -2.13 -11.96 -8.50
N VAL A 64 -3.18 -11.37 -9.00
CA VAL A 64 -4.53 -11.97 -8.81
C VAL A 64 -4.78 -12.97 -9.93
N GLN A 65 -5.95 -13.57 -9.97
CA GLN A 65 -6.24 -14.57 -11.05
C GLN A 65 -7.73 -14.51 -11.44
N GLU A 66 -8.58 -14.15 -10.52
CA GLU A 66 -10.04 -14.09 -10.85
C GLU A 66 -10.46 -12.64 -11.17
N PRO A 67 -10.78 -12.32 -12.41
CA PRO A 67 -11.20 -10.94 -12.79
C PRO A 67 -12.19 -10.34 -11.80
N GLY A 68 -12.26 -9.04 -11.74
CA GLY A 68 -13.21 -8.36 -10.79
C GLY A 68 -12.47 -7.25 -10.05
N ASP A 69 -13.15 -6.20 -9.71
CA ASP A 69 -12.46 -5.09 -8.99
C ASP A 69 -12.14 -5.49 -7.56
N TYR A 70 -11.09 -4.94 -6.99
CA TYR A 70 -10.70 -5.28 -5.59
C TYR A 70 -10.74 -4.00 -4.74
N GLU A 71 -11.59 -3.96 -3.75
CA GLU A 71 -11.66 -2.74 -2.89
C GLU A 71 -10.38 -2.64 -2.06
N VAL A 72 -9.49 -1.76 -2.42
CA VAL A 72 -8.21 -1.63 -1.64
C VAL A 72 -8.34 -0.46 -0.65
N SER A 73 -8.55 -0.76 0.60
CA SER A 73 -8.68 0.33 1.62
C SER A 73 -7.28 0.76 2.07
N VAL A 74 -6.87 1.95 1.75
CA VAL A 74 -5.53 2.46 2.16
C VAL A 74 -5.71 3.61 3.16
N LYS A 75 -5.42 3.38 4.43
CA LYS A 75 -5.60 4.46 5.46
C LYS A 75 -4.32 4.60 6.29
N PHE A 76 -3.92 5.81 6.58
CA PHE A 76 -2.69 6.02 7.41
C PHE A 76 -3.11 6.20 8.86
N ASN A 77 -2.46 5.53 9.78
CA ASN A 77 -2.85 5.65 11.22
C ASN A 77 -4.38 5.58 11.33
N GLU A 78 -4.99 4.75 10.52
CA GLU A 78 -6.48 4.58 10.52
C GLU A 78 -7.17 5.88 10.11
N GLU A 79 -6.69 6.56 9.10
CA GLU A 79 -7.35 7.82 8.63
C GLU A 79 -7.86 7.63 7.20
N HIS A 80 -7.22 8.21 6.23
CA HIS A 80 -7.68 8.06 4.82
C HIS A 80 -6.72 8.83 3.90
N ILE A 81 -5.73 8.18 3.34
CA ILE A 81 -4.79 8.91 2.44
C ILE A 81 -5.53 9.18 1.11
N PRO A 82 -5.14 10.22 0.40
CA PRO A 82 -5.76 10.61 -0.89
C PRO A 82 -6.40 9.44 -1.63
N ASP A 83 -7.71 9.45 -1.73
CA ASP A 83 -8.43 8.36 -2.44
C ASP A 83 -8.14 7.02 -1.75
N SER A 84 -8.35 6.96 -0.46
CA SER A 84 -8.09 5.69 0.28
C SER A 84 -8.66 4.49 -0.51
N PRO A 85 -9.95 4.39 -0.67
CA PRO A 85 -10.57 3.26 -1.43
C PRO A 85 -10.16 3.30 -2.91
N PHE A 86 -9.35 2.38 -3.35
CA PHE A 86 -8.89 2.36 -4.78
C PHE A 86 -9.27 1.01 -5.42
N VAL A 87 -10.36 0.98 -6.14
CA VAL A 87 -10.77 -0.30 -6.80
C VAL A 87 -9.89 -0.54 -8.03
N VAL A 88 -9.59 -1.78 -8.33
CA VAL A 88 -8.72 -2.11 -9.50
C VAL A 88 -9.45 -3.09 -10.44
N PRO A 89 -10.07 -2.62 -11.50
CA PRO A 89 -10.76 -3.52 -12.47
C PRO A 89 -9.79 -4.57 -13.03
N VAL A 90 -9.91 -5.80 -12.60
CA VAL A 90 -8.99 -6.86 -13.09
C VAL A 90 -9.55 -7.51 -14.36
N ALA A 91 -8.68 -7.87 -15.25
CA ALA A 91 -9.10 -8.52 -16.53
C ALA A 91 -8.46 -9.91 -16.65
N SER A 92 -9.06 -10.77 -17.43
CA SER A 92 -8.52 -12.14 -17.61
C SER A 92 -7.03 -12.06 -18.00
N PRO A 93 -6.34 -13.17 -18.02
CA PRO A 93 -4.90 -13.21 -18.38
C PRO A 93 -4.69 -13.38 -19.89
N SER A 94 -4.34 -14.57 -20.31
CA SER A 94 -4.13 -14.85 -21.76
C SER A 94 -4.96 -16.07 -22.16
N GLY A 95 -5.29 -16.92 -21.23
CA GLY A 95 -6.09 -18.12 -21.55
C GLY A 95 -7.28 -17.73 -22.44
N TRP B 1 -11.12 -13.51 0.55
CA TRP B 1 -12.31 -12.99 1.28
C TRP B 1 -11.92 -11.77 2.10
N LYS B 2 -10.90 -11.89 2.92
CA LYS B 2 -10.47 -10.73 3.75
C LYS B 2 -9.04 -10.95 4.24
N VAL B 3 -8.10 -10.20 3.72
CA VAL B 3 -6.68 -10.36 4.15
C VAL B 3 -5.94 -9.04 3.95
N GLY B 4 -4.84 -8.86 4.63
CA GLY B 4 -4.07 -7.59 4.48
C GLY B 4 -2.75 -7.69 5.25
N PHE B 5 -2.13 -6.58 5.54
CA PHE B 5 -0.84 -6.61 6.29
C PHE B 5 -0.58 -5.22 6.89
N PHE B 6 -0.02 -5.18 8.07
CA PHE B 6 0.27 -3.86 8.72
C PHE B 6 1.73 -3.47 8.49
N LYS B 7 2.00 -2.18 8.41
CA LYS B 7 3.39 -1.70 8.18
C LYS B 7 3.88 -0.90 9.38
N ARG B 8 5.09 -0.42 9.35
CA ARG B 8 5.65 0.37 10.49
C ARG B 8 6.65 1.39 9.96
N ASN B 9 6.18 2.54 9.53
CA ASN B 9 7.12 3.58 9.01
C ASN B 9 8.18 3.89 10.07
N ARG B 10 9.31 4.38 9.67
CA ARG B 10 10.37 4.72 10.66
C ARG B 10 11.54 5.40 9.95
N PRO B 11 12.26 6.27 10.63
CA PRO B 11 13.42 6.98 10.02
C PRO B 11 14.64 6.06 9.86
N PRO B 12 15.57 6.43 9.02
CA PRO B 12 16.81 5.62 8.77
C PRO B 12 17.76 5.67 9.97
N LEU B 13 18.60 6.67 10.05
CA LEU B 13 19.56 6.78 11.18
C LEU B 13 18.94 7.63 12.30
N GLU B 14 19.61 7.77 13.41
CA GLU B 14 19.07 8.59 14.53
C GLU B 14 19.32 10.07 14.25
N GLU B 15 19.57 10.84 15.29
CA GLU B 15 19.82 12.29 15.09
C GLU B 15 20.29 12.91 16.41
N ASP B 16 21.27 13.77 16.36
CA ASP B 16 21.77 14.40 17.61
C ASP B 16 20.71 15.35 18.16
N ASP B 17 20.29 15.17 19.39
CA ASP B 17 19.26 16.07 19.97
C ASP B 17 19.70 17.53 19.81
N GLU B 18 18.97 18.44 20.40
CA GLU B 18 19.34 19.88 20.28
C GLU B 18 20.67 20.12 21.01
N GLU B 19 21.38 21.15 20.64
CA GLU B 19 22.67 21.45 21.32
C GLU B 19 22.41 21.94 22.75
N GLY B 20 21.56 21.26 23.47
CA GLY B 20 21.26 21.70 24.86
C GLY B 20 22.56 21.82 25.66
N GLU B 21 23.49 20.93 25.42
CA GLU B 21 24.78 20.99 26.16
C GLU B 21 25.57 22.22 25.71
N GLY A 1 1.34 17.25 4.96
CA GLY A 1 0.51 16.40 4.00
C GLY A 1 1.13 15.20 3.35
N GLY A 2 2.28 15.38 2.77
CA GLY A 2 2.97 14.24 2.10
C GLY A 2 2.15 13.81 0.88
N ALA A 3 0.92 13.50 1.08
CA ALA A 3 0.04 13.08 -0.04
C ALA A 3 0.20 14.07 -1.21
N HIS A 4 0.86 15.17 -0.99
CA HIS A 4 1.04 16.17 -2.09
C HIS A 4 2.36 15.93 -2.82
N LYS A 5 3.15 14.97 -2.40
CA LYS A 5 4.45 14.71 -3.10
C LYS A 5 4.80 13.22 -3.03
N VAL A 6 3.82 12.37 -2.89
CA VAL A 6 4.11 10.92 -2.82
C VAL A 6 4.42 10.38 -4.21
N ARG A 7 5.32 9.43 -4.28
CA ARG A 7 5.67 8.79 -5.57
C ARG A 7 5.46 7.31 -5.35
N ALA A 8 4.48 6.73 -6.00
CA ALA A 8 4.18 5.29 -5.77
C ALA A 8 4.26 4.49 -7.07
N GLY A 9 4.45 3.20 -6.94
CA GLY A 9 4.51 2.30 -8.14
C GLY A 9 3.24 1.47 -8.11
N GLY A 10 3.13 0.43 -8.89
CA GLY A 10 1.87 -0.35 -8.83
C GLY A 10 1.73 -1.31 -10.01
N PRO A 11 2.63 -2.24 -10.17
CA PRO A 11 2.55 -3.24 -11.27
C PRO A 11 1.25 -4.03 -11.17
N GLY A 12 0.75 -4.17 -9.96
CA GLY A 12 -0.54 -4.91 -9.75
C GLY A 12 -1.51 -4.04 -8.94
N LEU A 13 -1.43 -2.74 -9.08
CA LEU A 13 -2.35 -1.82 -8.33
C LEU A 13 -3.28 -1.15 -9.35
N GLU A 14 -3.01 -1.38 -10.62
CA GLU A 14 -3.88 -0.79 -11.70
C GLU A 14 -4.56 -1.93 -12.45
N ARG A 15 -4.06 -3.13 -12.29
CA ARG A 15 -4.66 -4.30 -12.99
C ARG A 15 -3.98 -5.58 -12.52
N ALA A 16 -4.75 -6.59 -12.17
CA ALA A 16 -4.16 -7.88 -11.70
C ALA A 16 -4.87 -9.04 -12.38
N GLU A 17 -4.41 -10.24 -12.14
CA GLU A 17 -5.03 -11.45 -12.74
C GLU A 17 -5.13 -12.53 -11.65
N ALA A 18 -6.32 -12.95 -11.33
CA ALA A 18 -6.53 -13.98 -10.27
C ALA A 18 -5.37 -15.00 -10.25
N GLY A 19 -5.00 -15.45 -9.09
CA GLY A 19 -3.90 -16.47 -8.99
C GLY A 19 -2.52 -15.81 -9.18
N VAL A 20 -2.48 -14.56 -9.55
CA VAL A 20 -1.17 -13.85 -9.77
C VAL A 20 -0.98 -12.83 -8.65
N PRO A 21 0.19 -12.74 -8.05
CA PRO A 21 0.45 -11.76 -6.96
C PRO A 21 0.49 -10.33 -7.52
N ALA A 22 0.13 -9.37 -6.70
CA ALA A 22 0.15 -7.95 -7.16
C ALA A 22 0.78 -7.12 -6.05
N GLU A 23 1.42 -6.04 -6.37
CA GLU A 23 2.06 -5.23 -5.29
C GLU A 23 2.20 -3.77 -5.73
N PHE A 24 2.77 -2.97 -4.87
CA PHE A 24 2.99 -1.54 -5.21
C PHE A 24 3.89 -0.93 -4.13
N SER A 25 4.18 0.34 -4.23
CA SER A 25 5.07 0.97 -3.21
C SER A 25 4.70 2.44 -3.04
N ILE A 26 4.96 3.00 -1.89
CA ILE A 26 4.64 4.45 -1.64
C ILE A 26 5.94 5.21 -1.34
N TRP A 27 6.83 5.29 -2.30
CA TRP A 27 8.12 5.99 -2.06
C TRP A 27 7.84 7.43 -1.60
N THR A 28 8.32 7.79 -0.43
CA THR A 28 8.08 9.16 0.07
C THR A 28 8.96 9.44 1.29
N ARG A 29 10.14 8.89 1.31
CA ARG A 29 11.05 9.12 2.47
C ARG A 29 11.20 10.63 2.70
N GLU A 30 10.69 11.44 1.82
CA GLU A 30 10.80 12.92 1.99
C GLU A 30 9.68 13.40 2.90
N ALA A 31 8.47 13.04 2.61
CA ALA A 31 7.34 13.48 3.48
C ALA A 31 7.59 13.03 4.91
N GLY A 32 7.89 11.77 5.10
CA GLY A 32 8.15 11.26 6.47
C GLY A 32 6.95 11.55 7.36
N ALA A 33 6.83 10.87 8.47
CA ALA A 33 5.68 11.10 9.39
C ALA A 33 5.63 9.98 10.43
N GLY A 34 5.10 8.85 10.06
CA GLY A 34 5.01 7.72 11.03
C GLY A 34 4.02 6.67 10.50
N GLY A 35 3.18 6.16 11.36
CA GLY A 35 2.19 5.13 10.93
C GLY A 35 1.45 5.63 9.68
N LEU A 36 1.77 5.08 8.54
CA LEU A 36 1.09 5.51 7.29
C LEU A 36 -0.24 4.75 7.16
N ALA A 37 -1.19 5.29 6.43
CA ALA A 37 -2.52 4.62 6.30
C ALA A 37 -2.56 3.77 5.01
N ILE A 38 -2.95 2.53 5.13
CA ILE A 38 -3.03 1.64 3.94
C ILE A 38 -4.19 0.65 4.15
N ALA A 39 -5.12 0.59 3.21
CA ALA A 39 -6.28 -0.32 3.38
C ALA A 39 -6.80 -0.79 2.02
N VAL A 40 -7.31 -1.99 1.95
CA VAL A 40 -7.85 -2.53 0.66
C VAL A 40 -9.23 -3.15 0.93
N GLU A 41 -10.08 -3.20 -0.06
CA GLU A 41 -11.43 -3.80 0.13
C GLU A 41 -11.87 -4.52 -1.14
N GLY A 42 -12.45 -5.68 -1.02
CA GLY A 42 -12.90 -6.43 -2.23
C GLY A 42 -13.91 -7.49 -1.82
N PRO A 43 -14.50 -8.16 -2.78
CA PRO A 43 -15.51 -9.23 -2.53
C PRO A 43 -14.87 -10.52 -2.02
N SER A 44 -13.91 -11.05 -2.75
CA SER A 44 -13.26 -12.31 -2.31
C SER A 44 -12.19 -12.00 -1.26
N LYS A 45 -11.56 -13.00 -0.72
CA LYS A 45 -10.52 -12.78 0.32
C LYS A 45 -9.17 -12.51 -0.35
N ALA A 46 -8.19 -12.11 0.41
CA ALA A 46 -6.84 -11.84 -0.17
C ALA A 46 -5.78 -12.01 0.91
N GLU A 47 -4.54 -12.19 0.53
CA GLU A 47 -3.44 -12.35 1.54
C GLU A 47 -2.55 -11.11 1.52
N ILE A 48 -2.62 -10.29 2.53
CA ILE A 48 -1.77 -9.07 2.58
C ILE A 48 -0.40 -9.39 3.19
N SER A 49 0.64 -8.76 2.70
CA SER A 49 2.00 -9.01 3.27
C SER A 49 2.80 -7.72 3.22
N PHE A 50 2.90 -7.03 4.33
CA PHE A 50 3.65 -5.73 4.36
C PHE A 50 5.00 -5.93 5.07
N GLU A 51 5.95 -5.08 4.80
CA GLU A 51 7.29 -5.20 5.44
C GLU A 51 7.85 -3.80 5.68
N ASP A 52 8.04 -3.43 6.92
CA ASP A 52 8.57 -2.07 7.22
C ASP A 52 9.89 -1.85 6.49
N ARG A 53 10.14 -0.65 6.03
CA ARG A 53 11.41 -0.34 5.31
C ARG A 53 11.91 1.04 5.74
N LYS A 54 13.18 1.16 6.04
CA LYS A 54 13.71 2.48 6.46
C LYS A 54 13.60 3.48 5.31
N ASP A 55 13.01 3.08 4.22
CA ASP A 55 12.86 4.00 3.05
C ASP A 55 11.50 4.69 3.11
N GLY A 56 10.72 4.40 4.12
CA GLY A 56 9.37 5.04 4.23
C GLY A 56 8.44 4.47 3.15
N SER A 57 8.99 3.90 2.12
CA SER A 57 8.15 3.32 1.04
C SER A 57 7.44 2.07 1.58
N CYS A 58 6.13 2.04 1.50
CA CYS A 58 5.39 0.85 2.00
C CYS A 58 5.35 -0.23 0.92
N GLY A 59 6.17 -1.24 1.06
CA GLY A 59 6.18 -2.34 0.03
C GLY A 59 5.26 -3.46 0.49
N VAL A 60 4.18 -3.69 -0.23
CA VAL A 60 3.21 -4.76 0.16
C VAL A 60 2.80 -5.56 -1.09
N ALA A 61 2.43 -6.80 -0.91
CA ALA A 61 2.00 -7.64 -2.08
C ALA A 61 0.78 -8.46 -1.68
N TYR A 62 -0.03 -8.86 -2.64
CA TYR A 62 -1.22 -9.67 -2.28
C TYR A 62 -1.71 -10.46 -3.50
N VAL A 63 -2.23 -11.63 -3.26
CA VAL A 63 -2.76 -12.49 -4.37
C VAL A 63 -4.29 -12.43 -4.32
N VAL A 64 -4.89 -11.97 -5.37
CA VAL A 64 -6.38 -11.86 -5.39
C VAL A 64 -6.98 -13.19 -5.85
N GLN A 65 -8.17 -13.50 -5.39
CA GLN A 65 -8.81 -14.79 -5.78
C GLN A 65 -9.61 -14.62 -7.08
N GLU A 66 -10.88 -14.88 -7.05
CA GLU A 66 -11.71 -14.77 -8.28
C GLU A 66 -11.75 -13.30 -8.75
N PRO A 67 -11.91 -13.07 -10.04
CA PRO A 67 -11.96 -11.68 -10.61
C PRO A 67 -12.77 -10.71 -9.73
N GLY A 68 -12.54 -9.45 -9.88
CA GLY A 68 -13.29 -8.43 -9.08
C GLY A 68 -12.35 -7.27 -8.75
N ASP A 69 -12.82 -6.07 -8.88
CA ASP A 69 -11.95 -4.90 -8.57
C ASP A 69 -11.78 -4.76 -7.06
N TYR A 70 -10.66 -4.22 -6.63
CA TYR A 70 -10.41 -4.04 -5.17
C TYR A 70 -10.18 -2.55 -4.88
N GLU A 71 -11.05 -1.94 -4.11
CA GLU A 71 -10.87 -0.49 -3.79
C GLU A 71 -9.64 -0.31 -2.91
N VAL A 72 -8.56 0.19 -3.47
CA VAL A 72 -7.32 0.38 -2.68
C VAL A 72 -7.29 1.80 -2.10
N SER A 73 -7.59 1.94 -0.85
CA SER A 73 -7.56 3.30 -0.22
C SER A 73 -6.13 3.61 0.22
N VAL A 74 -5.59 4.72 -0.20
CA VAL A 74 -4.18 5.06 0.19
C VAL A 74 -4.13 6.57 0.49
N LYS A 75 -3.68 6.92 1.68
CA LYS A 75 -3.62 8.37 2.05
C LYS A 75 -2.41 8.65 2.97
N PHE A 76 -1.93 9.87 2.96
CA PHE A 76 -0.76 10.24 3.82
C PHE A 76 -1.22 11.30 4.84
N ASN A 77 -0.71 11.24 6.04
CA ASN A 77 -1.15 12.25 7.05
C ASN A 77 -2.67 12.34 7.04
N GLU A 78 -3.33 11.24 6.86
CA GLU A 78 -4.82 11.22 6.81
C GLU A 78 -5.32 12.17 5.72
N GLU A 79 -4.65 12.17 4.58
CA GLU A 79 -5.08 13.04 3.44
C GLU A 79 -5.52 12.15 2.27
N HIS A 80 -4.85 12.23 1.16
CA HIS A 80 -5.21 11.36 0.00
C HIS A 80 -4.15 11.53 -1.09
N ILE A 81 -3.23 10.61 -1.19
CA ILE A 81 -2.18 10.73 -2.23
C ILE A 81 -2.86 10.63 -3.61
N PRO A 82 -2.28 11.24 -4.63
CA PRO A 82 -2.83 11.22 -6.00
C PRO A 82 -3.73 10.01 -6.28
N ASP A 83 -4.89 10.25 -6.82
CA ASP A 83 -5.84 9.13 -7.12
C ASP A 83 -5.88 8.14 -5.94
N SER A 84 -6.12 8.63 -4.75
CA SER A 84 -6.18 7.73 -3.56
C SER A 84 -6.94 6.45 -3.90
N PRO A 85 -8.22 6.53 -4.23
CA PRO A 85 -9.01 5.32 -4.61
C PRO A 85 -8.44 4.70 -5.88
N PHE A 86 -7.74 3.59 -5.75
CA PHE A 86 -7.13 2.93 -6.94
C PHE A 86 -7.70 1.51 -7.08
N VAL A 87 -8.69 1.35 -7.91
CA VAL A 87 -9.31 0.00 -8.10
C VAL A 87 -8.44 -0.83 -9.04
N VAL A 88 -8.41 -2.13 -8.84
CA VAL A 88 -7.58 -3.03 -9.70
C VAL A 88 -8.47 -4.09 -10.37
N PRO A 89 -8.88 -3.89 -11.61
CA PRO A 89 -9.71 -4.89 -12.32
C PRO A 89 -8.99 -6.24 -12.39
N VAL A 90 -9.42 -7.21 -11.60
CA VAL A 90 -8.74 -8.53 -11.61
C VAL A 90 -9.32 -9.42 -12.69
N ALA A 91 -8.48 -10.21 -13.31
CA ALA A 91 -8.94 -11.14 -14.39
C ALA A 91 -8.79 -12.58 -13.92
N SER A 92 -9.54 -13.48 -14.48
CA SER A 92 -9.44 -14.90 -14.07
C SER A 92 -7.96 -15.34 -14.14
N PRO A 93 -7.63 -16.50 -13.62
CA PRO A 93 -6.23 -17.02 -13.63
C PRO A 93 -5.92 -17.80 -14.92
N SER A 94 -5.91 -19.11 -14.83
CA SER A 94 -5.63 -19.96 -16.02
C SER A 94 -6.77 -20.97 -16.18
N GLY A 95 -7.47 -21.26 -15.12
CA GLY A 95 -8.61 -22.23 -15.22
C GLY A 95 -8.86 -22.85 -13.84
N TRP B 1 -13.09 -9.59 2.33
CA TRP B 1 -14.13 -8.66 2.84
C TRP B 1 -13.53 -7.26 3.02
N LYS B 2 -12.68 -7.10 4.00
CA LYS B 2 -12.07 -5.76 4.23
C LYS B 2 -10.92 -5.89 5.25
N VAL B 3 -9.78 -5.35 4.94
CA VAL B 3 -8.63 -5.43 5.88
C VAL B 3 -7.74 -4.19 5.71
N GLY B 4 -6.49 -4.31 6.06
CA GLY B 4 -5.56 -3.14 5.91
C GLY B 4 -4.46 -3.23 6.96
N PHE B 5 -3.55 -2.29 6.98
CA PHE B 5 -2.45 -2.34 7.98
C PHE B 5 -1.84 -0.93 8.12
N PHE B 6 -0.55 -0.85 8.37
CA PHE B 6 0.10 0.48 8.53
C PHE B 6 1.61 0.34 8.41
N LYS B 7 2.32 1.43 8.47
CA LYS B 7 3.81 1.37 8.36
C LYS B 7 4.41 2.65 8.94
N ARG B 8 5.47 2.53 9.69
CA ARG B 8 6.10 3.75 10.30
C ARG B 8 7.02 4.40 9.27
N ASN B 9 6.95 5.71 9.16
CA ASN B 9 7.82 6.45 8.19
C ASN B 9 8.41 7.68 8.86
N ARG B 10 9.68 7.64 9.18
CA ARG B 10 10.33 8.81 9.84
C ARG B 10 9.52 9.22 11.08
N PRO B 11 9.56 8.43 12.11
CA PRO B 11 8.83 8.72 13.38
C PRO B 11 9.17 10.12 13.92
N PRO B 12 8.34 10.67 14.77
CA PRO B 12 8.57 12.01 15.36
C PRO B 12 10.05 12.29 15.66
N LEU B 13 10.63 11.58 16.59
CA LEU B 13 12.07 11.79 16.90
C LEU B 13 12.92 11.22 15.77
N GLU B 14 13.87 11.98 15.30
CA GLU B 14 14.75 11.48 14.20
C GLU B 14 15.53 10.27 14.68
N GLU B 15 16.01 10.30 15.90
CA GLU B 15 16.79 9.14 16.43
C GLU B 15 15.84 7.99 16.73
N ASP B 16 15.96 6.91 16.01
CA ASP B 16 15.06 5.74 16.26
C ASP B 16 15.38 5.13 17.62
N ASP B 17 14.54 4.26 18.10
CA ASP B 17 14.79 3.62 19.43
C ASP B 17 16.18 2.98 19.43
N GLU B 18 16.48 2.20 20.43
CA GLU B 18 17.81 1.54 20.49
C GLU B 18 18.01 0.66 19.25
N GLU B 19 17.78 -0.62 19.39
CA GLU B 19 17.95 -1.53 18.22
C GLU B 19 17.15 -0.99 17.03
N GLY B 20 17.55 -1.33 15.84
CA GLY B 20 16.82 -0.82 14.63
C GLY B 20 17.76 -0.86 13.43
N GLU B 21 19.04 -0.69 13.66
CA GLU B 21 20.01 -0.71 12.54
C GLU B 21 20.16 -2.13 12.02
N GLY A 1 -3.78 11.67 11.85
CA GLY A 1 -4.60 11.95 10.59
C GLY A 1 -3.92 12.02 9.27
N GLY A 2 -2.84 11.31 9.11
CA GLY A 2 -2.10 11.35 7.81
C GLY A 2 -3.09 11.17 6.67
N ALA A 3 -4.05 10.31 6.82
CA ALA A 3 -5.06 10.09 5.73
C ALA A 3 -5.54 11.44 5.19
N HIS A 4 -5.26 12.51 5.89
CA HIS A 4 -5.72 13.86 5.42
C HIS A 4 -4.64 14.50 4.52
N LYS A 5 -3.51 13.87 4.33
CA LYS A 5 -2.45 14.48 3.49
C LYS A 5 -1.60 13.39 2.84
N VAL A 6 -2.15 12.22 2.62
CA VAL A 6 -1.34 11.13 1.99
C VAL A 6 -1.23 11.37 0.49
N ARG A 7 -0.10 11.01 -0.06
CA ARG A 7 0.12 11.13 -1.53
C ARG A 7 0.55 9.75 -1.98
N ALA A 8 -0.25 9.07 -2.74
CA ALA A 8 0.11 7.68 -3.16
C ALA A 8 0.15 7.53 -4.68
N GLY A 9 0.83 6.52 -5.14
CA GLY A 9 0.92 6.25 -6.61
C GLY A 9 0.10 4.98 -6.86
N GLY A 10 0.20 4.37 -8.00
CA GLY A 10 -0.61 3.14 -8.21
C GLY A 10 -0.67 2.73 -9.67
N PRO A 11 0.43 2.45 -10.29
CA PRO A 11 0.47 2.00 -11.71
C PRO A 11 -0.39 0.75 -11.88
N GLY A 12 -0.48 -0.04 -10.84
CA GLY A 12 -1.29 -1.30 -10.91
C GLY A 12 -2.28 -1.33 -9.73
N LEU A 13 -2.73 -0.18 -9.27
CA LEU A 13 -3.70 -0.12 -8.14
C LEU A 13 -5.03 0.39 -8.69
N GLU A 14 -5.04 0.78 -9.93
CA GLU A 14 -6.30 1.27 -10.58
C GLU A 14 -6.66 0.31 -11.71
N ARG A 15 -5.74 -0.51 -12.11
CA ARG A 15 -6.02 -1.48 -13.22
C ARG A 15 -4.81 -2.39 -13.41
N ALA A 16 -5.02 -3.69 -13.48
CA ALA A 16 -3.89 -4.64 -13.66
C ALA A 16 -4.26 -5.68 -14.73
N GLU A 17 -3.33 -6.54 -15.06
CA GLU A 17 -3.59 -7.59 -16.09
C GLU A 17 -3.00 -8.90 -15.56
N ALA A 18 -3.84 -9.90 -15.39
CA ALA A 18 -3.38 -11.21 -14.87
C ALA A 18 -1.96 -11.55 -15.35
N GLY A 19 -1.18 -12.19 -14.52
CA GLY A 19 0.21 -12.58 -14.93
C GLY A 19 1.14 -11.37 -14.91
N VAL A 20 0.62 -10.18 -14.72
CA VAL A 20 1.49 -8.95 -14.69
C VAL A 20 1.55 -8.43 -13.25
N PRO A 21 2.70 -8.06 -12.75
CA PRO A 21 2.82 -7.53 -11.37
C PRO A 21 2.21 -6.13 -11.25
N ALA A 22 1.73 -5.78 -10.10
CA ALA A 22 1.11 -4.43 -9.91
C ALA A 22 1.64 -3.88 -8.59
N GLU A 23 1.71 -2.58 -8.45
CA GLU A 23 2.24 -2.02 -7.18
C GLU A 23 1.72 -0.61 -6.94
N PHE A 24 2.12 -0.02 -5.86
CA PHE A 24 1.69 1.36 -5.51
C PHE A 24 2.60 1.90 -4.42
N SER A 25 2.33 3.07 -3.92
CA SER A 25 3.18 3.63 -2.84
C SER A 25 2.34 4.60 -2.00
N ILE A 26 2.67 4.75 -0.74
CA ILE A 26 1.90 5.69 0.15
C ILE A 26 2.84 6.79 0.66
N TRP A 27 3.35 7.60 -0.21
CA TRP A 27 4.29 8.68 0.23
C TRP A 27 3.62 9.53 1.31
N THR A 28 4.17 9.53 2.50
CA THR A 28 3.56 10.34 3.60
C THR A 28 4.56 10.51 4.74
N ARG A 29 5.82 10.59 4.41
CA ARG A 29 6.85 10.76 5.48
C ARG A 29 6.48 11.95 6.36
N GLU A 30 5.51 12.73 5.96
CA GLU A 30 5.11 13.91 6.77
C GLU A 30 4.22 13.46 7.93
N ALA A 31 3.37 12.50 7.70
CA ALA A 31 2.46 12.02 8.78
C ALA A 31 3.20 11.00 9.67
N GLY A 32 4.14 10.28 9.11
CA GLY A 32 4.90 9.29 9.93
C GLY A 32 3.90 8.45 10.74
N ALA A 33 3.88 8.64 12.03
CA ALA A 33 2.95 7.88 12.93
C ALA A 33 3.57 6.53 13.28
N GLY A 34 3.71 5.64 12.34
CA GLY A 34 4.30 4.30 12.63
C GLY A 34 3.50 3.20 11.91
N GLY A 35 2.97 2.27 12.66
CA GLY A 35 2.19 1.15 12.05
C GLY A 35 1.27 1.68 10.95
N LEU A 36 1.56 1.33 9.72
CA LEU A 36 0.71 1.77 8.58
C LEU A 36 -0.29 0.65 8.26
N ALA A 37 -1.55 0.98 8.12
CA ALA A 37 -2.57 -0.09 7.84
C ALA A 37 -2.78 -0.23 6.32
N ILE A 38 -2.37 -1.34 5.77
CA ILE A 38 -2.55 -1.56 4.30
C ILE A 38 -2.80 -3.07 4.07
N ALA A 39 -3.95 -3.42 3.55
CA ALA A 39 -4.24 -4.86 3.31
C ALA A 39 -5.17 -5.01 2.10
N VAL A 40 -5.42 -6.23 1.69
CA VAL A 40 -6.31 -6.48 0.50
C VAL A 40 -7.33 -7.56 0.87
N GLU A 41 -8.47 -7.55 0.23
CA GLU A 41 -9.53 -8.57 0.51
C GLU A 41 -10.09 -9.11 -0.79
N GLY A 42 -10.13 -10.39 -0.96
CA GLY A 42 -10.68 -10.98 -2.21
C GLY A 42 -10.61 -12.51 -2.14
N PRO A 43 -11.33 -13.18 -3.00
CA PRO A 43 -11.36 -14.67 -3.03
C PRO A 43 -10.05 -15.26 -3.60
N SER A 44 -9.36 -14.50 -4.40
CA SER A 44 -8.08 -15.01 -4.99
C SER A 44 -6.97 -14.95 -3.93
N LYS A 45 -5.74 -15.17 -4.34
CA LYS A 45 -4.61 -15.14 -3.37
C LYS A 45 -3.36 -14.57 -4.06
N ALA A 46 -3.34 -13.27 -4.29
CA ALA A 46 -2.17 -12.66 -4.96
C ALA A 46 -0.94 -12.77 -4.04
N GLU A 47 0.24 -12.55 -4.57
CA GLU A 47 1.47 -12.63 -3.74
C GLU A 47 1.82 -11.25 -3.24
N ILE A 48 1.64 -10.99 -1.97
CA ILE A 48 1.95 -9.65 -1.42
C ILE A 48 3.45 -9.57 -1.05
N SER A 49 4.07 -8.45 -1.32
CA SER A 49 5.52 -8.28 -0.99
C SER A 49 5.76 -6.82 -0.61
N PHE A 50 5.85 -6.54 0.67
CA PHE A 50 6.06 -5.13 1.14
C PHE A 50 7.50 -4.96 1.65
N GLU A 51 7.96 -3.75 1.72
CA GLU A 51 9.34 -3.49 2.21
C GLU A 51 9.54 -1.98 2.34
N ASP A 52 9.45 -1.45 3.54
CA ASP A 52 9.63 0.02 3.73
C ASP A 52 11.12 0.35 3.86
N ARG A 53 11.58 1.34 3.16
CA ARG A 53 13.03 1.71 3.24
C ARG A 53 13.24 3.02 2.49
N LYS A 54 12.27 3.50 1.79
CA LYS A 54 12.42 4.78 1.03
C LYS A 54 12.19 5.95 1.97
N ASP A 55 10.97 6.17 2.37
CA ASP A 55 10.69 7.30 3.30
C ASP A 55 9.24 7.21 3.80
N GLY A 56 8.96 6.26 4.66
CA GLY A 56 7.57 6.12 5.18
C GLY A 56 6.63 5.65 4.08
N SER A 57 7.01 5.82 2.84
CA SER A 57 6.14 5.36 1.73
C SER A 57 6.09 3.83 1.72
N CYS A 58 4.91 3.26 1.77
CA CYS A 58 4.81 1.78 1.76
C CYS A 58 4.92 1.27 0.33
N GLY A 59 6.06 0.73 -0.04
CA GLY A 59 6.24 0.21 -1.42
C GLY A 59 5.88 -1.28 -1.42
N VAL A 60 4.83 -1.64 -2.11
CA VAL A 60 4.40 -3.09 -2.16
C VAL A 60 4.05 -3.47 -3.59
N ALA A 61 4.18 -4.74 -3.92
CA ALA A 61 3.84 -5.19 -5.31
C ALA A 61 3.19 -6.56 -5.24
N TYR A 62 2.39 -6.90 -6.23
CA TYR A 62 1.73 -8.25 -6.20
C TYR A 62 1.35 -8.68 -7.62
N VAL A 63 1.22 -9.96 -7.81
CA VAL A 63 0.82 -10.50 -9.15
C VAL A 63 -0.56 -11.16 -9.02
N VAL A 64 -1.52 -10.60 -9.69
CA VAL A 64 -2.90 -11.16 -9.61
C VAL A 64 -3.04 -12.34 -10.57
N GLN A 65 -3.82 -13.31 -10.21
CA GLN A 65 -3.99 -14.51 -11.10
C GLN A 65 -5.11 -14.27 -12.12
N GLU A 66 -6.14 -15.07 -12.11
CA GLU A 66 -7.25 -14.89 -13.10
C GLU A 66 -7.93 -13.52 -12.88
N PRO A 67 -8.48 -12.94 -13.93
CA PRO A 67 -9.18 -11.62 -13.82
C PRO A 67 -10.05 -11.52 -12.57
N GLY A 68 -10.36 -10.31 -12.16
CA GLY A 68 -11.20 -10.10 -10.94
C GLY A 68 -10.71 -8.86 -10.21
N ASP A 69 -11.62 -8.04 -9.74
CA ASP A 69 -11.18 -6.82 -9.01
C ASP A 69 -10.69 -7.19 -7.62
N TYR A 70 -9.79 -6.41 -7.08
CA TYR A 70 -9.25 -6.69 -5.71
C TYR A 70 -9.52 -5.48 -4.80
N GLU A 71 -10.30 -5.66 -3.78
CA GLU A 71 -10.59 -4.52 -2.87
C GLU A 71 -9.35 -4.18 -2.06
N VAL A 72 -8.67 -3.12 -2.40
CA VAL A 72 -7.43 -2.73 -1.65
C VAL A 72 -7.81 -1.77 -0.53
N SER A 73 -7.72 -2.21 0.70
CA SER A 73 -8.06 -1.32 1.84
C SER A 73 -6.84 -0.47 2.20
N VAL A 74 -6.91 0.82 1.97
CA VAL A 74 -5.77 1.72 2.29
C VAL A 74 -6.19 2.70 3.39
N LYS A 75 -5.68 2.54 4.59
CA LYS A 75 -6.09 3.47 5.72
C LYS A 75 -4.85 3.93 6.47
N PHE A 76 -4.81 5.19 6.85
CA PHE A 76 -3.66 5.74 7.62
C PHE A 76 -4.05 5.84 9.08
N ASN A 77 -3.23 5.34 9.98
CA ASN A 77 -3.60 5.41 11.42
C ASN A 77 -5.03 4.90 11.58
N GLU A 78 -5.38 3.89 10.83
CA GLU A 78 -6.76 3.32 10.89
C GLU A 78 -7.79 4.41 10.59
N GLU A 79 -7.54 5.24 9.60
CA GLU A 79 -8.50 6.32 9.24
C GLU A 79 -9.07 6.04 7.85
N HIS A 80 -8.66 6.80 6.86
CA HIS A 80 -9.18 6.57 5.49
C HIS A 80 -8.50 7.56 4.55
N ILE A 81 -7.45 7.15 3.87
CA ILE A 81 -6.78 8.10 2.94
C ILE A 81 -7.65 8.21 1.67
N PRO A 82 -7.57 9.31 0.97
CA PRO A 82 -8.37 9.57 -0.27
C PRO A 82 -8.87 8.30 -0.95
N ASP A 83 -10.17 8.14 -1.02
CA ASP A 83 -10.76 6.92 -1.67
C ASP A 83 -10.00 5.68 -1.18
N SER A 84 -9.99 5.45 0.10
CA SER A 84 -9.28 4.27 0.67
C SER A 84 -9.53 3.01 -0.21
N PRO A 85 -10.75 2.53 -0.30
CA PRO A 85 -11.06 1.31 -1.11
C PRO A 85 -10.72 1.53 -2.60
N PHE A 86 -9.66 0.90 -3.08
CA PHE A 86 -9.27 1.06 -4.52
C PHE A 86 -9.35 -0.28 -5.23
N VAL A 87 -10.43 -0.54 -5.91
CA VAL A 87 -10.57 -1.84 -6.64
C VAL A 87 -9.71 -1.80 -7.91
N VAL A 88 -9.13 -2.91 -8.29
CA VAL A 88 -8.28 -2.94 -9.51
C VAL A 88 -8.83 -3.96 -10.52
N PRO A 89 -9.57 -3.52 -11.52
CA PRO A 89 -10.12 -4.43 -12.55
C PRO A 89 -8.98 -5.20 -13.24
N VAL A 90 -8.82 -6.46 -12.94
CA VAL A 90 -7.72 -7.24 -13.56
C VAL A 90 -8.17 -7.83 -14.89
N ALA A 91 -7.27 -7.89 -15.84
CA ALA A 91 -7.60 -8.46 -17.18
C ALA A 91 -6.81 -9.75 -17.40
N SER A 92 -7.28 -10.61 -18.25
CA SER A 92 -6.57 -11.88 -18.51
C SER A 92 -5.09 -11.56 -18.84
N PRO A 93 -4.24 -12.56 -18.90
CA PRO A 93 -2.80 -12.36 -19.22
C PRO A 93 -2.54 -12.39 -20.73
N SER A 94 -2.01 -13.49 -21.21
CA SER A 94 -1.72 -13.62 -22.67
C SER A 94 -2.36 -14.92 -23.18
N GLY A 95 -2.58 -15.87 -22.31
CA GLY A 95 -3.20 -17.15 -22.74
C GLY A 95 -4.40 -16.88 -23.65
N TRP B 1 -8.79 -14.88 0.90
CA TRP B 1 -9.72 -14.32 1.92
C TRP B 1 -9.06 -13.12 2.59
N LYS B 2 -9.11 -13.04 3.89
CA LYS B 2 -8.50 -11.89 4.61
C LYS B 2 -6.98 -12.04 4.59
N VAL B 3 -6.28 -11.18 3.89
CA VAL B 3 -4.80 -11.27 3.83
C VAL B 3 -4.21 -9.87 3.65
N GLY B 4 -3.09 -9.60 4.27
CA GLY B 4 -2.47 -8.26 4.13
C GLY B 4 -1.30 -8.12 5.10
N PHE B 5 -0.73 -6.96 5.19
CA PHE B 5 0.42 -6.75 6.12
C PHE B 5 0.55 -5.27 6.46
N PHE B 6 1.58 -4.88 7.15
CA PHE B 6 1.75 -3.44 7.50
C PHE B 6 3.22 -3.14 7.83
N LYS B 7 3.53 -1.90 8.08
CA LYS B 7 4.93 -1.52 8.41
C LYS B 7 4.92 -0.34 9.40
N ARG B 8 6.01 -0.11 10.09
CA ARG B 8 6.08 1.01 11.06
C ARG B 8 6.58 2.28 10.37
N ASN B 9 5.72 3.20 10.09
CA ASN B 9 6.16 4.47 9.43
C ASN B 9 6.96 5.30 10.41
N ARG B 10 8.27 5.18 10.39
CA ARG B 10 9.12 5.98 11.32
C ARG B 10 8.79 7.47 11.14
N PRO B 11 8.98 8.27 12.16
CA PRO B 11 8.70 9.73 12.09
C PRO B 11 9.71 10.47 11.19
N PRO B 12 9.37 11.66 10.75
CA PRO B 12 10.25 12.47 9.87
C PRO B 12 11.74 12.29 10.23
N LEU B 13 12.60 12.38 9.25
CA LEU B 13 14.06 12.22 9.52
C LEU B 13 14.49 13.23 10.59
N GLU B 14 15.64 13.04 11.17
CA GLU B 14 16.11 13.99 12.22
C GLU B 14 17.63 13.84 12.38
N GLU B 15 18.25 13.08 11.53
CA GLU B 15 19.73 12.90 11.65
C GLU B 15 20.08 12.39 13.05
N ASP B 16 20.98 13.06 13.73
CA ASP B 16 21.35 12.61 15.09
C ASP B 16 20.19 12.84 16.04
N ASP B 17 20.01 11.98 17.01
CA ASP B 17 18.88 12.15 17.97
C ASP B 17 19.06 13.46 18.73
N GLU B 18 18.42 13.59 19.86
CA GLU B 18 18.55 14.84 20.65
C GLU B 18 19.99 14.97 21.19
N GLU B 19 20.31 16.07 21.80
CA GLU B 19 21.69 16.25 22.34
C GLU B 19 21.87 15.33 23.55
N GLY B 20 23.09 14.98 23.85
CA GLY B 20 23.36 14.08 25.01
C GLY B 20 24.70 13.39 24.82
N GLU B 21 25.09 13.17 23.60
CA GLU B 21 26.40 12.50 23.34
C GLU B 21 27.54 13.42 23.76
N GLY A 1 0.53 10.80 12.67
CA GLY A 1 -0.53 10.33 11.67
C GLY A 1 -0.11 9.93 10.28
N GLY A 2 0.66 10.77 9.64
CA GLY A 2 1.11 10.46 8.26
C GLY A 2 -0.08 10.48 7.32
N ALA A 3 -1.10 9.74 7.64
CA ALA A 3 -2.31 9.70 6.78
C ALA A 3 -2.75 11.13 6.44
N HIS A 4 -2.18 12.11 7.09
CA HIS A 4 -2.57 13.53 6.82
C HIS A 4 -1.67 14.15 5.74
N LYS A 5 -0.72 13.42 5.22
CA LYS A 5 0.17 14.01 4.17
C LYS A 5 0.63 12.92 3.20
N VAL A 6 -0.17 11.89 3.03
CA VAL A 6 0.23 10.79 2.10
C VAL A 6 -0.09 11.17 0.65
N ARG A 7 0.76 10.72 -0.24
CA ARG A 7 0.55 10.95 -1.70
C ARG A 7 0.76 9.58 -2.34
N ALA A 8 -0.26 9.01 -2.92
CA ALA A 8 -0.12 7.63 -3.49
C ALA A 8 -0.52 7.55 -4.96
N GLY A 9 -0.03 6.53 -5.63
CA GLY A 9 -0.36 6.29 -7.07
C GLY A 9 -1.23 5.04 -7.10
N GLY A 10 -1.46 4.44 -8.25
CA GLY A 10 -2.32 3.23 -8.23
C GLY A 10 -2.78 2.83 -9.63
N PRO A 11 -1.88 2.53 -10.53
CA PRO A 11 -2.24 2.09 -11.90
C PRO A 11 -3.11 0.84 -11.85
N GLY A 12 -2.94 0.05 -10.81
CA GLY A 12 -3.74 -1.21 -10.65
C GLY A 12 -4.39 -1.22 -9.26
N LEU A 13 -4.71 -0.06 -8.72
CA LEU A 13 -5.35 0.01 -7.37
C LEU A 13 -6.77 0.56 -7.56
N GLU A 14 -7.09 0.95 -8.77
CA GLU A 14 -8.45 1.48 -9.06
C GLU A 14 -9.13 0.55 -10.06
N ARG A 15 -8.36 -0.32 -10.67
CA ARG A 15 -8.94 -1.29 -11.65
C ARG A 15 -7.85 -2.25 -12.10
N ALA A 16 -8.14 -3.53 -12.13
CA ALA A 16 -7.13 -4.54 -12.56
C ALA A 16 -7.80 -5.55 -13.50
N GLU A 17 -7.02 -6.45 -14.05
CA GLU A 17 -7.57 -7.48 -14.99
C GLU A 17 -6.86 -8.80 -14.70
N ALA A 18 -7.59 -9.79 -14.26
CA ALA A 18 -6.99 -11.13 -13.95
C ALA A 18 -5.81 -11.44 -14.87
N GLY A 19 -4.81 -12.10 -14.35
CA GLY A 19 -3.62 -12.45 -15.18
C GLY A 19 -2.73 -11.23 -15.45
N VAL A 20 -3.12 -10.07 -14.96
CA VAL A 20 -2.29 -8.83 -15.19
C VAL A 20 -1.80 -8.32 -13.82
N PRO A 21 -0.54 -7.94 -13.70
CA PRO A 21 -0.02 -7.42 -12.40
C PRO A 21 -0.59 -6.03 -12.10
N ALA A 22 -0.75 -5.72 -10.84
CA ALA A 22 -1.30 -4.39 -10.45
C ALA A 22 -0.44 -3.86 -9.31
N GLU A 23 -0.28 -2.58 -9.19
CA GLU A 23 0.59 -2.05 -8.10
C GLU A 23 0.17 -0.64 -7.71
N PHE A 24 0.86 -0.09 -6.77
CA PHE A 24 0.57 1.28 -6.32
C PHE A 24 1.75 1.77 -5.48
N SER A 25 1.70 2.99 -5.02
CA SER A 25 2.83 3.51 -4.19
C SER A 25 2.26 4.45 -3.13
N ILE A 26 2.87 4.50 -1.98
CA ILE A 26 2.37 5.40 -0.89
C ILE A 26 3.47 6.41 -0.57
N TRP A 27 3.80 7.25 -1.52
CA TRP A 27 4.86 8.27 -1.30
C TRP A 27 4.54 9.08 -0.05
N THR A 28 5.38 9.02 0.95
CA THR A 28 5.13 9.80 2.20
C THR A 28 6.41 9.83 3.04
N ARG A 29 7.42 10.52 2.57
CA ARG A 29 8.69 10.61 3.34
C ARG A 29 8.55 11.72 4.38
N GLU A 30 7.53 12.53 4.26
CA GLU A 30 7.33 13.63 5.24
C GLU A 30 6.83 13.03 6.55
N ALA A 31 6.07 11.98 6.47
CA ALA A 31 5.56 11.34 7.72
C ALA A 31 6.74 10.89 8.56
N GLY A 32 7.93 11.04 8.05
CA GLY A 32 9.15 10.64 8.82
C GLY A 32 8.94 9.29 9.48
N ALA A 33 9.55 9.08 10.62
CA ALA A 33 9.39 7.78 11.32
C ALA A 33 7.91 7.42 11.41
N GLY A 34 7.56 6.23 11.00
CA GLY A 34 6.13 5.81 11.06
C GLY A 34 5.85 4.79 9.96
N GLY A 35 5.78 3.54 10.30
CA GLY A 35 5.52 2.49 9.28
C GLY A 35 4.24 2.83 8.53
N LEU A 36 3.73 1.88 7.79
CA LEU A 36 2.49 2.12 7.00
C LEU A 36 1.67 0.81 6.99
N ALA A 37 0.44 0.86 7.41
CA ALA A 37 -0.41 -0.37 7.45
C ALA A 37 -1.20 -0.53 6.16
N ILE A 38 -1.12 -1.68 5.54
CA ILE A 38 -1.88 -1.92 4.28
C ILE A 38 -2.30 -3.39 4.22
N ALA A 39 -3.52 -3.66 3.87
CA ALA A 39 -4.00 -5.08 3.81
C ALA A 39 -5.02 -5.24 2.69
N VAL A 40 -5.22 -6.45 2.22
CA VAL A 40 -6.20 -6.70 1.13
C VAL A 40 -7.09 -7.89 1.51
N GLU A 41 -8.29 -7.95 0.99
CA GLU A 41 -9.21 -9.09 1.32
C GLU A 41 -9.96 -9.52 0.05
N GLY A 42 -9.78 -10.74 -0.35
CA GLY A 42 -10.49 -11.23 -1.58
C GLY A 42 -10.53 -12.75 -1.57
N PRO A 43 -11.16 -13.33 -2.55
CA PRO A 43 -11.29 -14.82 -2.68
C PRO A 43 -9.96 -15.47 -3.13
N SER A 44 -9.43 -15.03 -4.24
CA SER A 44 -8.16 -15.63 -4.73
C SER A 44 -6.99 -15.06 -3.93
N LYS A 45 -6.02 -15.88 -3.61
CA LYS A 45 -4.85 -15.40 -2.82
C LYS A 45 -3.83 -14.76 -3.77
N ALA A 46 -4.03 -13.52 -4.13
CA ALA A 46 -3.07 -12.85 -5.05
C ALA A 46 -1.65 -12.95 -4.46
N GLU A 47 -0.64 -12.69 -5.25
CA GLU A 47 0.76 -12.76 -4.74
C GLU A 47 1.25 -11.36 -4.40
N ILE A 48 1.38 -11.05 -3.14
CA ILE A 48 1.85 -9.69 -2.75
C ILE A 48 3.38 -9.63 -2.75
N SER A 49 3.94 -8.52 -3.15
CA SER A 49 5.42 -8.38 -3.18
C SER A 49 5.78 -6.93 -2.84
N PHE A 50 6.16 -6.67 -1.62
CA PHE A 50 6.51 -5.28 -1.20
C PHE A 50 8.03 -5.13 -1.05
N GLU A 51 8.50 -3.92 -0.99
CA GLU A 51 9.97 -3.68 -0.84
C GLU A 51 10.17 -2.37 -0.06
N ASP A 52 10.59 -2.45 1.16
CA ASP A 52 10.80 -1.22 1.97
C ASP A 52 11.76 -0.28 1.23
N ARG A 53 11.52 1.00 1.29
CA ARG A 53 12.41 1.98 0.60
C ARG A 53 12.61 3.20 1.51
N LYS A 54 13.84 3.59 1.74
CA LYS A 54 14.10 4.76 2.62
C LYS A 54 13.24 5.95 2.19
N ASP A 55 12.56 5.84 1.07
CA ASP A 55 11.71 6.98 0.62
C ASP A 55 10.34 6.91 1.32
N GLY A 56 10.15 5.91 2.15
CA GLY A 56 8.84 5.80 2.87
C GLY A 56 7.76 5.36 1.88
N SER A 57 8.02 5.47 0.60
CA SER A 57 7.01 5.06 -0.40
C SER A 57 6.88 3.53 -0.40
N CYS A 58 5.68 3.03 -0.21
CA CYS A 58 5.49 1.55 -0.19
C CYS A 58 5.24 1.04 -1.62
N GLY A 59 6.27 0.55 -2.26
CA GLY A 59 6.10 0.04 -3.65
C GLY A 59 5.72 -1.45 -3.58
N VAL A 60 4.50 -1.77 -3.95
CA VAL A 60 4.04 -3.19 -3.89
C VAL A 60 3.30 -3.56 -5.18
N ALA A 61 3.34 -4.81 -5.57
CA ALA A 61 2.63 -5.24 -6.81
C ALA A 61 1.99 -6.61 -6.58
N TYR A 62 0.94 -6.91 -7.29
CA TYR A 62 0.29 -8.24 -7.11
C TYR A 62 -0.42 -8.65 -8.40
N VAL A 63 -0.55 -9.94 -8.62
CA VAL A 63 -1.25 -10.45 -9.84
C VAL A 63 -2.50 -11.21 -9.40
N VAL A 64 -3.64 -10.70 -9.73
CA VAL A 64 -4.91 -11.37 -9.34
C VAL A 64 -5.27 -12.42 -10.40
N GLN A 65 -6.05 -13.40 -10.04
CA GLN A 65 -6.43 -14.46 -11.03
C GLN A 65 -7.88 -14.87 -10.81
N GLU A 66 -8.75 -13.93 -10.55
CA GLU A 66 -10.18 -14.25 -10.31
C GLU A 66 -10.98 -12.95 -10.23
N PRO A 67 -11.71 -12.57 -11.26
CA PRO A 67 -12.50 -11.31 -11.25
C PRO A 67 -13.18 -11.05 -9.91
N GLY A 68 -13.38 -9.80 -9.59
CA GLY A 68 -14.04 -9.43 -8.29
C GLY A 68 -13.28 -8.27 -7.66
N ASP A 69 -13.97 -7.39 -7.00
CA ASP A 69 -13.28 -6.24 -6.37
C ASP A 69 -12.51 -6.69 -5.13
N TYR A 70 -11.44 -6.01 -4.81
CA TYR A 70 -10.62 -6.37 -3.60
C TYR A 70 -10.62 -5.20 -2.62
N GLU A 71 -11.11 -5.41 -1.42
CA GLU A 71 -11.13 -4.31 -0.43
C GLU A 71 -9.70 -4.00 0.01
N VAL A 72 -9.14 -2.93 -0.48
CA VAL A 72 -7.74 -2.56 -0.10
C VAL A 72 -7.76 -1.58 1.07
N SER A 73 -7.41 -2.03 2.25
CA SER A 73 -7.41 -1.12 3.43
C SER A 73 -6.07 -0.39 3.49
N VAL A 74 -6.08 0.90 3.29
CA VAL A 74 -4.81 1.71 3.32
C VAL A 74 -4.88 2.71 4.47
N LYS A 75 -4.18 2.46 5.55
CA LYS A 75 -4.21 3.40 6.72
C LYS A 75 -2.78 3.66 7.20
N PHE A 76 -2.49 4.86 7.63
CA PHE A 76 -1.13 5.20 8.13
C PHE A 76 -1.19 5.27 9.65
N ASN A 77 -0.27 4.65 10.33
CA ASN A 77 -0.32 4.68 11.83
C ASN A 77 -1.73 4.27 12.27
N GLU A 78 -2.32 3.34 11.57
CA GLU A 78 -3.70 2.88 11.90
C GLU A 78 -4.66 4.08 11.88
N GLU A 79 -4.54 4.94 10.89
CA GLU A 79 -5.45 6.12 10.80
C GLU A 79 -6.33 5.99 9.56
N HIS A 80 -5.99 6.67 8.50
CA HIS A 80 -6.81 6.59 7.26
C HIS A 80 -6.23 7.59 6.24
N ILE A 81 -5.44 7.13 5.31
CA ILE A 81 -4.86 8.06 4.30
C ILE A 81 -5.96 8.33 3.26
N PRO A 82 -5.89 9.46 2.59
CA PRO A 82 -6.88 9.86 1.57
C PRO A 82 -7.59 8.67 0.91
N ASP A 83 -8.84 8.50 1.25
CA ASP A 83 -9.63 7.36 0.67
C ASP A 83 -9.00 6.03 1.08
N SER A 84 -8.84 5.79 2.36
CA SER A 84 -8.23 4.51 2.83
C SER A 84 -8.79 3.32 2.01
N PRO A 85 -10.07 3.03 2.10
CA PRO A 85 -10.68 1.91 1.34
C PRO A 85 -10.62 2.15 -0.18
N PHE A 86 -9.99 1.26 -0.91
CA PHE A 86 -9.89 1.43 -2.39
C PHE A 86 -10.19 0.09 -3.07
N VAL A 87 -11.40 -0.10 -3.52
CA VAL A 87 -11.77 -1.38 -4.19
C VAL A 87 -11.24 -1.37 -5.62
N VAL A 88 -10.83 -2.53 -6.11
CA VAL A 88 -10.28 -2.61 -7.50
C VAL A 88 -11.11 -3.61 -8.33
N PRO A 89 -12.04 -3.15 -9.13
CA PRO A 89 -12.85 -4.06 -9.99
C PRO A 89 -11.95 -4.89 -10.91
N VAL A 90 -11.79 -6.15 -10.63
CA VAL A 90 -10.90 -7.00 -11.48
C VAL A 90 -11.69 -7.62 -12.63
N ALA A 91 -11.05 -7.74 -13.77
CA ALA A 91 -11.73 -8.33 -14.97
C ALA A 91 -11.00 -9.60 -15.40
N SER A 92 -11.66 -10.46 -16.13
CA SER A 92 -11.02 -11.72 -16.59
C SER A 92 -9.70 -11.40 -17.30
N PRO A 93 -8.91 -12.40 -17.61
CA PRO A 93 -7.60 -12.20 -18.30
C PRO A 93 -7.75 -12.21 -19.82
N SER A 94 -7.39 -13.30 -20.44
CA SER A 94 -7.50 -13.43 -21.93
C SER A 94 -8.32 -14.68 -22.26
N GLY A 95 -8.34 -15.63 -21.37
CA GLY A 95 -9.12 -16.88 -21.63
C GLY A 95 -8.56 -18.02 -20.78
N TRP B 1 -7.59 -15.94 0.27
CA TRP B 1 -8.18 -15.78 1.63
C TRP B 1 -7.99 -14.33 2.10
N LYS B 2 -6.87 -14.03 2.68
CA LYS B 2 -6.62 -12.65 3.16
C LYS B 2 -5.16 -12.51 3.60
N VAL B 3 -4.56 -11.39 3.32
CA VAL B 3 -3.13 -11.18 3.72
C VAL B 3 -2.88 -9.70 3.96
N GLY B 4 -1.65 -9.28 3.89
CA GLY B 4 -1.32 -7.84 4.11
C GLY B 4 0.10 -7.71 4.65
N PHE B 5 0.59 -6.52 4.79
CA PHE B 5 1.98 -6.34 5.31
C PHE B 5 2.14 -4.91 5.85
N PHE B 6 3.33 -4.52 6.21
CA PHE B 6 3.53 -3.14 6.75
C PHE B 6 4.95 -2.65 6.42
N LYS B 7 5.28 -1.44 6.83
CA LYS B 7 6.65 -0.89 6.53
C LYS B 7 7.20 -0.19 7.79
N ARG B 8 8.31 0.46 7.64
CA ARG B 8 8.93 1.18 8.79
C ARG B 8 9.59 2.47 8.29
N ASN B 9 8.81 3.48 8.02
CA ASN B 9 9.39 4.76 7.52
C ASN B 9 10.60 5.15 8.37
N ARG B 10 11.62 5.69 7.77
CA ARG B 10 12.83 6.08 8.53
C ARG B 10 13.55 7.23 7.80
N PRO B 11 13.42 8.46 8.25
CA PRO B 11 14.08 9.63 7.60
C PRO B 11 15.54 9.79 8.05
N PRO B 12 16.34 10.49 7.29
CA PRO B 12 17.77 10.71 7.63
C PRO B 12 18.00 10.88 9.13
N LEU B 13 19.21 10.71 9.58
CA LEU B 13 19.50 10.85 11.04
C LEU B 13 19.26 12.30 11.45
N GLU B 14 19.41 12.61 12.72
CA GLU B 14 19.20 14.00 13.19
C GLU B 14 19.84 14.18 14.56
N GLU B 15 19.71 15.35 15.13
CA GLU B 15 20.33 15.59 16.47
C GLU B 15 19.48 14.90 17.54
N ASP B 16 20.08 14.53 18.65
CA ASP B 16 19.32 13.86 19.73
C ASP B 16 18.45 14.89 20.46
N ASP B 17 17.76 15.73 19.74
CA ASP B 17 16.91 16.75 20.38
C ASP B 17 15.91 16.06 21.32
N GLU B 18 14.91 16.78 21.77
CA GLU B 18 13.91 16.16 22.68
C GLU B 18 13.15 15.07 21.94
N GLU B 19 12.94 15.23 20.66
CA GLU B 19 12.21 14.20 19.88
C GLU B 19 12.94 12.85 20.00
N GLY B 20 12.67 11.95 19.10
CA GLY B 20 13.35 10.62 19.16
C GLY B 20 12.58 9.70 20.11
N GLU B 21 11.93 10.27 21.09
CA GLU B 21 11.17 9.45 22.06
C GLU B 21 9.91 8.89 21.37
N GLY A 1 -2.55 9.86 13.16
CA GLY A 1 -3.44 10.47 12.07
C GLY A 1 -2.83 10.85 10.77
N GLY A 2 -1.80 10.16 10.35
CA GLY A 2 -1.16 10.50 9.06
C GLY A 2 -2.23 10.64 7.98
N ALA A 3 -3.28 9.86 8.08
CA ALA A 3 -4.37 9.94 7.06
C ALA A 3 -4.72 11.41 6.79
N HIS A 4 -4.30 12.30 7.65
CA HIS A 4 -4.62 13.74 7.44
C HIS A 4 -3.56 14.39 6.54
N LYS A 5 -2.55 13.66 6.13
CA LYS A 5 -1.50 14.27 5.26
C LYS A 5 -0.79 13.19 4.45
N VAL A 6 -1.45 12.11 4.14
CA VAL A 6 -0.78 11.04 3.33
C VAL A 6 -0.74 11.44 1.86
N ARG A 7 0.32 11.07 1.20
CA ARG A 7 0.46 11.34 -0.25
C ARG A 7 0.83 10.01 -0.88
N ALA A 8 -0.03 9.45 -1.69
CA ALA A 8 0.27 8.09 -2.27
C ALA A 8 0.26 8.12 -3.80
N GLY A 9 0.91 7.15 -4.38
CA GLY A 9 0.94 7.02 -5.87
C GLY A 9 0.09 5.81 -6.24
N GLY A 10 0.13 5.32 -7.44
CA GLY A 10 -0.71 4.15 -7.75
C GLY A 10 -0.79 3.86 -9.24
N PRO A 11 0.32 3.61 -9.88
CA PRO A 11 0.34 3.27 -11.33
C PRO A 11 -0.54 2.06 -11.61
N GLY A 12 -0.66 1.18 -10.62
CA GLY A 12 -1.51 -0.04 -10.78
C GLY A 12 -2.50 -0.14 -9.60
N LEU A 13 -2.92 0.98 -9.07
CA LEU A 13 -3.89 0.97 -7.93
C LEU A 13 -5.21 1.55 -8.43
N GLU A 14 -5.21 2.04 -9.64
CA GLU A 14 -6.44 2.62 -10.24
C GLU A 14 -6.85 1.75 -11.43
N ARG A 15 -5.98 0.90 -11.87
CA ARG A 15 -6.30 0.00 -13.02
C ARG A 15 -5.13 -0.94 -13.27
N ALA A 16 -5.39 -2.22 -13.41
CA ALA A 16 -4.29 -3.21 -13.67
C ALA A 16 -4.70 -4.13 -14.83
N GLU A 17 -3.81 -4.99 -15.25
CA GLU A 17 -4.12 -5.93 -16.37
C GLU A 17 -3.48 -7.28 -16.04
N ALA A 18 -4.31 -8.28 -15.86
CA ALA A 18 -3.81 -9.66 -15.53
C ALA A 18 -2.41 -9.92 -16.13
N GLY A 19 -1.59 -10.65 -15.42
CA GLY A 19 -0.22 -10.96 -15.93
C GLY A 19 0.71 -9.75 -15.82
N VAL A 20 0.16 -8.60 -15.49
CA VAL A 20 1.01 -7.37 -15.37
C VAL A 20 1.11 -6.99 -13.89
N PRO A 21 2.29 -6.66 -13.39
CA PRO A 21 2.44 -6.27 -11.97
C PRO A 21 1.86 -4.88 -11.71
N ALA A 22 1.38 -4.65 -10.51
CA ALA A 22 0.79 -3.33 -10.17
C ALA A 22 1.33 -2.92 -8.80
N GLU A 23 1.47 -1.65 -8.54
CA GLU A 23 2.02 -1.24 -7.22
C GLU A 23 1.53 0.14 -6.85
N PHE A 24 1.94 0.61 -5.71
CA PHE A 24 1.56 1.96 -5.25
C PHE A 24 2.55 2.40 -4.19
N SER A 25 2.30 3.51 -3.55
CA SER A 25 3.23 3.99 -2.49
C SER A 25 2.45 4.86 -1.52
N ILE A 26 2.80 4.84 -0.26
CA ILE A 26 2.09 5.69 0.74
C ILE A 26 3.08 6.69 1.36
N TRP A 27 3.61 7.58 0.57
CA TRP A 27 4.59 8.56 1.10
C TRP A 27 3.97 9.31 2.29
N THR A 28 4.52 9.12 3.46
CA THR A 28 3.97 9.82 4.66
C THR A 28 5.08 9.98 5.71
N ARG A 29 6.31 10.07 5.29
CA ARG A 29 7.43 10.23 6.25
C ARG A 29 7.10 11.38 7.21
N GLU A 30 6.10 12.16 6.89
CA GLU A 30 5.73 13.29 7.77
C GLU A 30 4.96 12.75 8.98
N ALA A 31 4.11 11.78 8.77
CA ALA A 31 3.35 11.20 9.90
C ALA A 31 4.29 10.33 10.75
N GLY A 32 5.12 9.55 10.12
CA GLY A 32 6.07 8.67 10.86
C GLY A 32 5.38 8.05 12.09
N ALA A 33 4.45 7.16 11.86
CA ALA A 33 3.74 6.53 13.00
C ALA A 33 4.52 5.33 13.51
N GLY A 34 4.21 4.17 12.98
CA GLY A 34 4.92 2.95 13.43
C GLY A 34 4.34 1.75 12.67
N GLY A 35 3.65 2.00 11.58
CA GLY A 35 3.07 0.89 10.79
C GLY A 35 1.78 1.37 10.12
N LEU A 36 1.26 0.60 9.20
CA LEU A 36 0.00 1.00 8.50
C LEU A 36 -0.83 -0.25 8.23
N ALA A 37 -2.12 -0.09 8.07
CA ALA A 37 -3.02 -1.26 7.81
C ALA A 37 -3.23 -1.43 6.31
N ILE A 38 -3.17 -2.65 5.83
CA ILE A 38 -3.39 -2.91 4.37
C ILE A 38 -4.16 -4.22 4.20
N ALA A 39 -5.29 -4.18 3.57
CA ALA A 39 -6.10 -5.43 3.37
C ALA A 39 -6.92 -5.31 2.09
N VAL A 40 -6.60 -6.11 1.11
CA VAL A 40 -7.34 -6.06 -0.18
C VAL A 40 -8.34 -7.23 -0.25
N GLU A 41 -9.57 -6.96 -0.61
CA GLU A 41 -10.57 -8.06 -0.69
C GLU A 41 -10.56 -8.66 -2.10
N GLY A 42 -10.41 -9.95 -2.21
CA GLY A 42 -10.38 -10.60 -3.55
C GLY A 42 -10.11 -12.09 -3.38
N PRO A 43 -10.04 -12.82 -4.47
CA PRO A 43 -9.78 -14.28 -4.44
C PRO A 43 -8.33 -14.60 -4.04
N SER A 44 -8.12 -15.68 -3.35
CA SER A 44 -6.74 -16.05 -2.92
C SER A 44 -5.94 -16.50 -4.14
N LYS A 45 -5.11 -15.63 -4.67
CA LYS A 45 -4.29 -16.01 -5.85
C LYS A 45 -3.23 -14.94 -6.11
N ALA A 46 -3.61 -13.70 -6.10
CA ALA A 46 -2.62 -12.61 -6.33
C ALA A 46 -1.48 -12.75 -5.34
N GLU A 47 -0.38 -12.08 -5.57
CA GLU A 47 0.80 -12.17 -4.65
C GLU A 47 1.20 -10.77 -4.18
N ILE A 48 0.95 -10.46 -2.93
CA ILE A 48 1.33 -9.10 -2.41
C ILE A 48 2.66 -9.20 -1.66
N SER A 49 3.52 -8.24 -1.84
CA SER A 49 4.85 -8.27 -1.14
C SER A 49 5.29 -6.84 -0.81
N PHE A 50 5.25 -6.46 0.45
CA PHE A 50 5.66 -5.08 0.84
C PHE A 50 7.09 -5.10 1.39
N GLU A 51 7.66 -3.94 1.60
CA GLU A 51 9.06 -3.88 2.14
C GLU A 51 9.16 -2.70 3.11
N ASP A 52 9.52 -2.95 4.34
CA ASP A 52 9.64 -1.84 5.32
C ASP A 52 10.66 -0.83 4.81
N ARG A 53 10.40 0.44 5.01
CA ARG A 53 11.35 1.50 4.54
C ARG A 53 11.33 2.66 5.54
N LYS A 54 12.48 3.10 5.96
CA LYS A 54 12.53 4.24 6.92
C LYS A 54 11.92 5.49 6.28
N ASP A 55 11.42 5.37 5.08
CA ASP A 55 10.80 6.56 4.40
C ASP A 55 9.31 6.60 4.72
N GLY A 56 8.83 5.63 5.45
CA GLY A 56 7.38 5.62 5.79
C GLY A 56 6.55 5.29 4.54
N SER A 57 7.13 5.45 3.38
CA SER A 57 6.38 5.13 2.13
C SER A 57 6.19 3.62 2.03
N CYS A 58 4.97 3.18 1.90
CA CYS A 58 4.72 1.71 1.80
C CYS A 58 4.89 1.26 0.34
N GLY A 59 6.03 0.71 0.01
CA GLY A 59 6.26 0.24 -1.38
C GLY A 59 5.79 -1.21 -1.50
N VAL A 60 4.71 -1.44 -2.22
CA VAL A 60 4.19 -2.83 -2.37
C VAL A 60 3.81 -3.08 -3.83
N ALA A 61 3.94 -4.30 -4.30
CA ALA A 61 3.56 -4.62 -5.71
C ALA A 61 2.79 -5.93 -5.75
N TYR A 62 1.95 -6.11 -6.74
CA TYR A 62 1.16 -7.36 -6.83
C TYR A 62 0.79 -7.67 -8.27
N VAL A 63 0.78 -8.94 -8.62
CA VAL A 63 0.39 -9.36 -9.99
C VAL A 63 -0.97 -10.04 -9.89
N VAL A 64 -1.98 -9.45 -10.49
CA VAL A 64 -3.34 -10.06 -10.42
C VAL A 64 -3.50 -11.06 -11.55
N GLN A 65 -4.66 -11.66 -11.68
CA GLN A 65 -4.89 -12.67 -12.76
C GLN A 65 -6.33 -12.53 -13.29
N GLU A 66 -7.17 -13.46 -12.95
CA GLU A 66 -8.59 -13.38 -13.43
C GLU A 66 -9.12 -11.95 -13.30
N PRO A 67 -9.43 -11.28 -14.39
CA PRO A 67 -9.95 -9.88 -14.34
C PRO A 67 -10.95 -9.66 -13.20
N GLY A 68 -11.13 -8.44 -12.79
CA GLY A 68 -12.11 -8.16 -11.69
C GLY A 68 -11.53 -7.05 -10.81
N ASP A 69 -12.37 -6.20 -10.28
CA ASP A 69 -11.85 -5.11 -9.41
C ASP A 69 -11.45 -5.66 -8.05
N TYR A 70 -10.49 -5.03 -7.42
CA TYR A 70 -10.02 -5.49 -6.07
C TYR A 70 -10.23 -4.35 -5.05
N GLU A 71 -11.06 -4.57 -4.07
CA GLU A 71 -11.30 -3.50 -3.05
C GLU A 71 -10.02 -3.31 -2.22
N VAL A 72 -9.29 -2.26 -2.49
CA VAL A 72 -8.03 -2.01 -1.74
C VAL A 72 -8.30 -1.11 -0.53
N SER A 73 -8.12 -1.63 0.66
CA SER A 73 -8.36 -0.82 1.88
C SER A 73 -7.07 -0.08 2.24
N VAL A 74 -7.15 1.18 2.56
CA VAL A 74 -5.92 1.96 2.90
C VAL A 74 -6.25 2.92 4.06
N LYS A 75 -5.71 2.69 5.23
CA LYS A 75 -6.02 3.60 6.38
C LYS A 75 -4.77 3.87 7.22
N PHE A 76 -4.72 5.02 7.85
CA PHE A 76 -3.55 5.38 8.70
C PHE A 76 -3.99 5.40 10.17
N ASN A 77 -3.24 4.81 11.05
CA ASN A 77 -3.66 4.78 12.49
C ASN A 77 -5.12 4.33 12.56
N GLU A 78 -5.49 3.36 11.76
CA GLU A 78 -6.88 2.86 11.75
C GLU A 78 -7.85 4.00 11.44
N GLU A 79 -7.46 4.91 10.58
CA GLU A 79 -8.37 6.04 10.19
C GLU A 79 -8.81 5.82 8.74
N HIS A 80 -8.43 6.71 7.85
CA HIS A 80 -8.80 6.53 6.43
C HIS A 80 -8.04 7.59 5.60
N ILE A 81 -6.99 7.18 4.95
CA ILE A 81 -6.21 8.17 4.15
C ILE A 81 -7.03 8.54 2.89
N PRO A 82 -6.80 9.72 2.35
CA PRO A 82 -7.52 10.22 1.15
C PRO A 82 -8.03 9.12 0.23
N ASP A 83 -9.32 8.97 0.15
CA ASP A 83 -9.91 7.92 -0.72
C ASP A 83 -9.44 6.52 -0.27
N SER A 84 -9.62 6.22 1.00
CA SER A 84 -9.18 4.90 1.53
C SER A 84 -9.52 3.78 0.53
N PRO A 85 -10.78 3.53 0.26
CA PRO A 85 -11.20 2.46 -0.70
C PRO A 85 -10.73 2.78 -2.13
N PHE A 86 -9.93 1.93 -2.73
CA PHE A 86 -9.45 2.20 -4.12
C PHE A 86 -9.57 0.91 -4.94
N VAL A 87 -10.62 0.78 -5.71
CA VAL A 87 -10.82 -0.44 -6.53
C VAL A 87 -9.92 -0.38 -7.77
N VAL A 88 -9.47 -1.51 -8.26
CA VAL A 88 -8.59 -1.54 -9.46
C VAL A 88 -9.17 -2.48 -10.53
N PRO A 89 -9.89 -1.97 -11.51
CA PRO A 89 -10.47 -2.81 -12.60
C PRO A 89 -9.37 -3.60 -13.31
N VAL A 90 -9.28 -4.88 -13.08
CA VAL A 90 -8.20 -5.68 -13.73
C VAL A 90 -8.68 -6.19 -15.08
N ALA A 91 -7.79 -6.21 -16.05
CA ALA A 91 -8.16 -6.69 -17.43
C ALA A 91 -7.35 -7.95 -17.76
N SER A 92 -7.82 -8.72 -18.69
CA SER A 92 -7.10 -9.97 -19.07
C SER A 92 -5.64 -9.62 -19.39
N PRO A 93 -4.79 -10.61 -19.58
CA PRO A 93 -3.36 -10.38 -19.90
C PRO A 93 -3.11 -10.29 -21.42
N SER A 94 -2.60 -11.34 -22.00
CA SER A 94 -2.34 -11.36 -23.47
C SER A 94 -3.09 -12.53 -24.09
N GLY A 95 -3.39 -13.53 -23.31
CA GLY A 95 -4.14 -14.71 -23.85
C GLY A 95 -3.86 -15.93 -22.96
N TRP B 1 -10.42 -15.65 -0.83
CA TRP B 1 -11.38 -14.97 0.08
C TRP B 1 -10.87 -13.56 0.39
N LYS B 2 -9.70 -13.45 0.94
CA LYS B 2 -9.15 -12.11 1.27
C LYS B 2 -7.68 -12.23 1.68
N VAL B 3 -6.96 -11.15 1.62
CA VAL B 3 -5.51 -11.20 2.01
C VAL B 3 -5.07 -9.82 2.51
N GLY B 4 -3.93 -9.73 3.12
CA GLY B 4 -3.46 -8.41 3.63
C GLY B 4 -2.14 -8.58 4.37
N PHE B 5 -1.64 -7.53 4.97
CA PHE B 5 -0.36 -7.63 5.72
C PHE B 5 -0.23 -6.43 6.67
N PHE B 6 0.94 -6.19 7.19
CA PHE B 6 1.14 -5.04 8.13
C PHE B 6 2.48 -4.38 7.82
N LYS B 7 2.72 -3.20 8.36
CA LYS B 7 4.01 -2.50 8.08
C LYS B 7 4.51 -1.80 9.34
N ARG B 8 5.70 -1.21 9.27
CA ARG B 8 6.27 -0.51 10.46
C ARG B 8 6.81 0.86 10.04
N ASN B 9 6.02 1.89 10.17
CA ASN B 9 6.49 3.26 9.79
C ASN B 9 7.05 3.96 11.02
N ARG B 10 8.29 3.70 11.36
CA ARG B 10 8.89 4.37 12.55
C ARG B 10 9.31 5.80 12.17
N PRO B 11 9.33 6.70 13.12
CA PRO B 11 9.73 8.12 12.86
C PRO B 11 10.88 8.21 11.84
N PRO B 12 11.02 9.34 11.18
CA PRO B 12 12.11 9.54 10.17
C PRO B 12 13.48 9.70 10.84
N LEU B 13 14.52 9.76 10.05
CA LEU B 13 15.88 9.92 10.64
C LEU B 13 15.97 11.27 11.35
N GLU B 14 16.23 11.27 12.63
CA GLU B 14 16.32 12.56 13.38
C GLU B 14 17.69 13.19 13.11
N GLU B 15 17.88 14.41 13.55
CA GLU B 15 19.18 15.09 13.32
C GLU B 15 20.23 14.50 14.26
N ASP B 16 19.87 14.23 15.49
CA ASP B 16 20.85 13.66 16.45
C ASP B 16 21.22 12.24 16.02
N ASP B 17 22.35 12.07 15.41
CA ASP B 17 22.77 10.71 14.96
C ASP B 17 22.73 9.75 16.15
N GLU B 18 23.25 8.56 15.98
CA GLU B 18 23.24 7.57 17.11
C GLU B 18 23.93 8.20 18.33
N GLU B 19 23.72 7.62 19.48
CA GLU B 19 24.37 8.18 20.70
C GLU B 19 25.87 7.91 20.66
N GLY B 20 26.57 8.18 21.72
CA GLY B 20 28.04 7.94 21.74
C GLY B 20 28.76 9.14 21.12
N GLU B 21 28.10 9.82 20.22
CA GLU B 21 28.73 11.00 19.57
C GLU B 21 28.83 12.15 20.58
N GLY A 1 -4.62 8.41 13.68
CA GLY A 1 -5.50 8.96 12.56
C GLY A 1 -4.87 9.55 11.34
N GLY A 2 -3.74 9.04 10.96
CA GLY A 2 -3.07 9.60 9.75
C GLY A 2 -4.08 9.66 8.61
N ALA A 3 -5.02 8.76 8.60
CA ALA A 3 -6.05 8.74 7.52
C ALA A 3 -6.57 10.17 7.29
N HIS A 4 -6.31 11.06 8.20
CA HIS A 4 -6.79 12.46 8.05
C HIS A 4 -5.77 13.29 7.26
N LYS A 5 -4.62 12.75 6.99
CA LYS A 5 -3.59 13.54 6.23
C LYS A 5 -2.72 12.61 5.38
N VAL A 6 -3.24 11.50 4.94
CA VAL A 6 -2.40 10.58 4.12
C VAL A 6 -2.33 11.09 2.67
N ARG A 7 -1.20 10.88 2.06
CA ARG A 7 -1.00 11.27 0.63
C ARG A 7 -0.46 10.02 -0.04
N ALA A 8 -1.18 9.44 -0.95
CA ALA A 8 -0.72 8.16 -1.58
C ALA A 8 -0.65 8.25 -3.10
N GLY A 9 0.10 7.36 -3.69
CA GLY A 9 0.23 7.30 -5.17
C GLY A 9 -0.50 6.05 -5.62
N GLY A 10 -0.35 5.60 -6.84
CA GLY A 10 -1.09 4.37 -7.23
C GLY A 10 -1.10 4.16 -8.75
N PRO A 11 0.04 4.03 -9.36
CA PRO A 11 0.12 3.78 -10.82
C PRO A 11 -0.66 2.52 -11.20
N GLY A 12 -0.75 1.59 -10.28
CA GLY A 12 -1.49 0.31 -10.54
C GLY A 12 -2.53 0.10 -9.43
N LEU A 13 -3.02 1.16 -8.83
CA LEU A 13 -4.05 1.02 -7.75
C LEU A 13 -5.38 1.56 -8.28
N GLU A 14 -5.35 2.13 -9.45
CA GLU A 14 -6.60 2.67 -10.08
C GLU A 14 -6.87 1.91 -11.37
N ARG A 15 -5.88 1.20 -11.85
CA ARG A 15 -6.06 0.41 -13.12
C ARG A 15 -4.81 -0.42 -13.38
N ALA A 16 -4.97 -1.68 -13.68
CA ALA A 16 -3.80 -2.56 -13.94
C ALA A 16 -4.07 -3.41 -15.19
N GLU A 17 -3.10 -4.18 -15.62
CA GLU A 17 -3.27 -5.04 -16.82
C GLU A 17 -2.62 -6.40 -16.53
N ALA A 18 -3.39 -7.45 -16.57
CA ALA A 18 -2.85 -8.83 -16.29
C ALA A 18 -1.39 -8.97 -16.75
N GLY A 19 -0.59 -9.68 -15.98
CA GLY A 19 0.84 -9.89 -16.36
C GLY A 19 1.67 -8.63 -16.10
N VAL A 20 1.05 -7.54 -15.74
CA VAL A 20 1.82 -6.28 -15.46
C VAL A 20 1.80 -6.01 -13.95
N PRO A 21 2.92 -5.65 -13.36
CA PRO A 21 2.96 -5.38 -11.90
C PRO A 21 2.22 -4.08 -11.56
N ALA A 22 1.71 -3.98 -10.36
CA ALA A 22 0.96 -2.75 -9.95
C ALA A 22 1.44 -2.38 -8.56
N GLU A 23 1.45 -1.12 -8.23
CA GLU A 23 1.93 -0.72 -6.87
C GLU A 23 1.34 0.61 -6.45
N PHE A 24 1.70 1.05 -5.27
CA PHE A 24 1.20 2.34 -4.76
C PHE A 24 2.06 2.74 -3.55
N SER A 25 1.84 3.90 -2.99
CA SER A 25 2.63 4.33 -1.81
C SER A 25 1.73 5.09 -0.85
N ILE A 26 2.03 5.08 0.42
CA ILE A 26 1.19 5.81 1.44
C ILE A 26 2.05 6.87 2.12
N TRP A 27 2.51 7.86 1.39
CA TRP A 27 3.36 8.92 2.01
C TRP A 27 2.64 9.51 3.22
N THR A 28 3.13 9.25 4.40
CA THR A 28 2.46 9.81 5.61
C THR A 28 3.40 9.72 6.82
N ARG A 29 4.68 9.86 6.60
CA ARG A 29 5.63 9.79 7.75
C ARG A 29 5.23 10.81 8.82
N GLU A 30 4.24 11.62 8.54
CA GLU A 30 3.80 12.63 9.55
C GLU A 30 2.93 11.94 10.59
N ALA A 31 2.16 10.95 10.18
CA ALA A 31 1.29 10.24 11.14
C ALA A 31 2.09 9.14 11.85
N GLY A 32 3.08 8.60 11.19
CA GLY A 32 3.92 7.54 11.81
C GLY A 32 3.01 6.49 12.46
N ALA A 33 2.89 6.53 13.76
CA ALA A 33 2.04 5.53 14.48
C ALA A 33 2.78 4.20 14.55
N GLY A 34 3.61 3.92 13.59
CA GLY A 34 4.37 2.65 13.60
C GLY A 34 3.47 1.48 13.19
N GLY A 35 2.77 1.60 12.09
CA GLY A 35 1.88 0.48 11.66
C GLY A 35 0.91 0.96 10.59
N LEU A 36 0.66 0.13 9.60
CA LEU A 36 -0.28 0.51 8.51
C LEU A 36 -1.05 -0.76 8.08
N ALA A 37 -2.35 -0.67 7.95
CA ALA A 37 -3.15 -1.88 7.55
C ALA A 37 -3.35 -1.89 6.04
N ILE A 38 -3.24 -3.05 5.44
CA ILE A 38 -3.43 -3.17 3.97
C ILE A 38 -4.07 -4.53 3.66
N ALA A 39 -5.10 -4.56 2.86
CA ALA A 39 -5.76 -5.87 2.56
C ALA A 39 -6.36 -5.83 1.15
N VAL A 40 -6.31 -6.95 0.45
CA VAL A 40 -6.87 -7.02 -0.94
C VAL A 40 -7.72 -8.28 -1.05
N GLU A 41 -8.96 -8.13 -1.48
CA GLU A 41 -9.87 -9.31 -1.63
C GLU A 41 -9.99 -9.68 -3.11
N GLY A 42 -9.63 -10.88 -3.46
CA GLY A 42 -9.74 -11.30 -4.89
C GLY A 42 -9.55 -12.81 -5.00
N PRO A 43 -9.94 -13.39 -6.10
CA PRO A 43 -9.82 -14.86 -6.34
C PRO A 43 -8.37 -15.27 -6.62
N SER A 44 -7.69 -14.58 -7.49
CA SER A 44 -6.28 -14.94 -7.80
C SER A 44 -5.38 -14.55 -6.63
N LYS A 45 -4.40 -15.37 -6.33
CA LYS A 45 -3.47 -15.05 -5.21
C LYS A 45 -2.30 -14.21 -5.72
N ALA A 46 -2.53 -12.95 -5.94
CA ALA A 46 -1.44 -12.07 -6.44
C ALA A 46 -0.23 -12.17 -5.51
N GLU A 47 0.91 -11.71 -5.94
CA GLU A 47 2.13 -11.77 -5.07
C GLU A 47 2.37 -10.39 -4.46
N ILE A 48 2.14 -10.25 -3.17
CA ILE A 48 2.34 -8.93 -2.49
C ILE A 48 3.70 -8.88 -1.80
N SER A 49 4.30 -7.71 -1.76
CA SER A 49 5.62 -7.55 -1.09
C SER A 49 5.69 -6.16 -0.46
N PHE A 50 5.48 -6.06 0.83
CA PHE A 50 5.52 -4.74 1.51
C PHE A 50 6.93 -4.50 2.07
N GLU A 51 7.34 -3.26 2.13
CA GLU A 51 8.70 -2.95 2.67
C GLU A 51 8.85 -1.43 2.82
N ASP A 52 8.72 -0.93 4.01
CA ASP A 52 8.85 0.54 4.22
C ASP A 52 10.33 0.91 4.32
N ARG A 53 10.72 1.97 3.64
CA ARG A 53 12.15 2.38 3.69
C ARG A 53 12.29 3.81 3.16
N LYS A 54 11.45 4.19 2.24
CA LYS A 54 11.52 5.56 1.69
C LYS A 54 11.33 6.57 2.83
N ASP A 55 10.16 6.65 3.37
CA ASP A 55 9.91 7.61 4.48
C ASP A 55 8.51 7.36 5.07
N GLY A 56 8.34 6.30 5.81
CA GLY A 56 7.01 6.01 6.41
C GLY A 56 6.03 5.59 5.31
N SER A 57 6.34 5.90 4.08
CA SER A 57 5.43 5.53 2.96
C SER A 57 5.45 4.02 2.76
N CYS A 58 4.30 3.39 2.78
CA CYS A 58 4.25 1.92 2.58
C CYS A 58 4.37 1.61 1.08
N GLY A 59 5.53 1.21 0.64
CA GLY A 59 5.72 0.90 -0.81
C GLY A 59 5.53 -0.61 -1.04
N VAL A 60 4.50 -0.98 -1.77
CA VAL A 60 4.25 -2.43 -2.05
C VAL A 60 3.90 -2.61 -3.52
N ALA A 61 4.11 -3.79 -4.06
CA ALA A 61 3.79 -4.02 -5.50
C ALA A 61 3.27 -5.44 -5.69
N TYR A 62 2.49 -5.68 -6.70
CA TYR A 62 1.97 -7.06 -6.94
C TYR A 62 1.61 -7.25 -8.41
N VAL A 63 1.65 -8.49 -8.84
CA VAL A 63 1.28 -8.81 -10.25
C VAL A 63 0.00 -9.65 -10.19
N VAL A 64 -1.06 -9.13 -10.76
CA VAL A 64 -2.35 -9.85 -10.72
C VAL A 64 -2.37 -10.91 -11.82
N GLN A 65 -3.38 -11.77 -11.82
CA GLN A 65 -3.47 -12.85 -12.85
C GLN A 65 -4.44 -12.45 -13.96
N GLU A 66 -5.56 -13.13 -14.06
CA GLU A 66 -6.55 -12.81 -15.12
C GLU A 66 -7.34 -11.55 -14.75
N PRO A 67 -7.85 -10.82 -15.73
CA PRO A 67 -8.65 -9.59 -15.48
C PRO A 67 -9.59 -9.71 -14.28
N GLY A 68 -10.02 -8.60 -13.74
CA GLY A 68 -10.94 -8.64 -12.57
C GLY A 68 -10.57 -7.51 -11.61
N ASP A 69 -11.53 -6.83 -11.07
CA ASP A 69 -11.20 -5.71 -10.13
C ASP A 69 -10.76 -6.29 -8.79
N TYR A 70 -9.93 -5.58 -8.07
CA TYR A 70 -9.44 -6.05 -6.74
C TYR A 70 -9.80 -5.03 -5.67
N GLU A 71 -10.63 -5.40 -4.73
CA GLU A 71 -11.00 -4.43 -3.65
C GLU A 71 -9.79 -4.18 -2.75
N VAL A 72 -9.17 -3.03 -2.89
CA VAL A 72 -7.98 -2.72 -2.04
C VAL A 72 -8.42 -1.91 -0.82
N SER A 73 -8.51 -2.53 0.32
CA SER A 73 -8.93 -1.79 1.56
C SER A 73 -7.72 -1.11 2.17
N VAL A 74 -7.69 0.21 2.16
CA VAL A 74 -6.54 0.97 2.73
C VAL A 74 -7.04 1.82 3.91
N LYS A 75 -6.49 1.65 5.09
CA LYS A 75 -6.96 2.45 6.25
C LYS A 75 -5.79 2.76 7.19
N PHE A 76 -5.88 3.85 7.92
CA PHE A 76 -4.81 4.24 8.88
C PHE A 76 -5.34 4.05 10.31
N ASN A 77 -4.56 3.46 11.18
CA ASN A 77 -5.04 3.24 12.57
C ASN A 77 -6.45 2.63 12.51
N GLU A 78 -6.65 1.72 11.60
CA GLU A 78 -7.98 1.07 11.44
C GLU A 78 -9.06 2.13 11.16
N GLU A 79 -8.72 3.14 10.40
CA GLU A 79 -9.71 4.21 10.05
C GLU A 79 -10.07 4.07 8.57
N HIS A 80 -9.76 5.06 7.78
CA HIS A 80 -10.06 4.98 6.33
C HIS A 80 -9.40 6.18 5.62
N ILE A 81 -8.27 5.97 5.01
CA ILE A 81 -7.58 7.10 4.33
C ILE A 81 -8.38 7.47 3.06
N PRO A 82 -8.29 8.70 2.63
CA PRO A 82 -9.01 9.21 1.43
C PRO A 82 -9.32 8.11 0.40
N ASP A 83 -10.58 7.79 0.24
CA ASP A 83 -10.95 6.74 -0.74
C ASP A 83 -10.36 5.40 -0.31
N SER A 84 -10.55 5.03 0.93
CA SER A 84 -10.00 3.73 1.43
C SER A 84 -10.21 2.61 0.39
N PRO A 85 -11.43 2.25 0.07
CA PRO A 85 -11.72 1.19 -0.94
C PRO A 85 -11.31 1.63 -2.36
N PHE A 86 -10.27 1.05 -2.92
CA PHE A 86 -9.82 1.45 -4.29
C PHE A 86 -9.81 0.21 -5.20
N VAL A 87 -10.85 0.03 -5.98
CA VAL A 87 -10.88 -1.14 -6.90
C VAL A 87 -9.98 -0.87 -8.10
N VAL A 88 -9.35 -1.88 -8.63
CA VAL A 88 -8.43 -1.69 -9.79
C VAL A 88 -8.92 -2.54 -10.99
N PRO A 89 -9.62 -1.97 -11.93
CA PRO A 89 -10.08 -2.73 -13.12
C PRO A 89 -8.89 -3.32 -13.88
N VAL A 90 -8.69 -4.60 -13.79
CA VAL A 90 -7.53 -5.22 -14.47
C VAL A 90 -7.91 -5.59 -15.90
N ALA A 91 -6.95 -5.51 -16.80
CA ALA A 91 -7.22 -5.85 -18.23
C ALA A 91 -6.32 -7.01 -18.65
N SER A 92 -6.71 -7.74 -19.65
CA SER A 92 -5.88 -8.89 -20.11
C SER A 92 -4.43 -8.42 -20.31
N PRO A 93 -3.51 -9.33 -20.55
CA PRO A 93 -2.07 -8.98 -20.76
C PRO A 93 -1.76 -8.68 -22.22
N SER A 94 -1.17 -9.62 -22.91
CA SER A 94 -0.82 -9.43 -24.34
C SER A 94 -1.40 -10.59 -25.16
N GLY A 95 -1.63 -11.71 -24.51
CA GLY A 95 -2.19 -12.89 -25.24
C GLY A 95 -3.37 -12.45 -26.11
N TRP B 1 -8.49 -15.74 -1.68
CA TRP B 1 -9.54 -15.33 -0.71
C TRP B 1 -9.11 -14.05 -0.01
N LYS B 2 -9.44 -13.90 1.25
CA LYS B 2 -9.05 -12.67 1.98
C LYS B 2 -7.57 -12.75 2.36
N VAL B 3 -6.81 -11.73 2.03
CA VAL B 3 -5.35 -11.75 2.37
C VAL B 3 -4.87 -10.31 2.56
N GLY B 4 -3.99 -10.08 3.49
CA GLY B 4 -3.50 -8.70 3.72
C GLY B 4 -2.19 -8.73 4.53
N PHE B 5 -1.62 -7.59 4.77
CA PHE B 5 -0.34 -7.55 5.55
C PHE B 5 -0.23 -6.18 6.25
N PHE B 6 0.95 -5.81 6.66
CA PHE B 6 1.12 -4.50 7.33
C PHE B 6 2.61 -4.20 7.50
N LYS B 7 2.95 -3.07 8.05
CA LYS B 7 4.40 -2.76 8.23
C LYS B 7 4.57 -1.61 9.25
N ARG B 8 5.41 -1.82 10.23
CA ARG B 8 5.62 -0.76 11.26
C ARG B 8 6.02 0.55 10.57
N ASN B 9 5.28 1.60 10.81
CA ASN B 9 5.61 2.91 10.18
C ASN B 9 6.72 3.59 10.98
N ARG B 10 7.96 3.25 10.72
CA ARG B 10 9.11 3.87 11.47
C ARG B 10 10.03 4.58 10.48
N PRO B 11 9.72 5.81 10.13
CA PRO B 11 10.54 6.61 9.19
C PRO B 11 12.03 6.61 9.58
N PRO B 12 12.91 6.88 8.65
CA PRO B 12 14.38 6.91 8.93
C PRO B 12 14.79 8.15 9.72
N LEU B 13 13.84 8.96 10.10
CA LEU B 13 14.18 10.19 10.87
C LEU B 13 14.60 9.80 12.30
N GLU B 14 15.87 9.53 12.49
CA GLU B 14 16.34 9.14 13.85
C GLU B 14 16.50 10.39 14.71
N GLU B 15 16.48 10.24 16.00
CA GLU B 15 16.64 11.42 16.90
C GLU B 15 18.00 12.07 16.67
N ASP B 16 18.87 11.40 15.96
CA ASP B 16 20.23 11.98 15.68
C ASP B 16 20.81 12.55 16.98
N ASP B 17 21.55 11.76 17.70
CA ASP B 17 22.15 12.25 18.96
C ASP B 17 22.98 13.52 18.69
N GLU B 18 23.69 13.99 19.66
CA GLU B 18 24.52 15.21 19.45
C GLU B 18 25.68 14.90 18.50
N GLU B 19 26.55 15.85 18.29
CA GLU B 19 27.70 15.60 17.38
C GLU B 19 28.68 14.63 18.03
N GLY B 20 28.49 13.35 17.80
CA GLY B 20 29.41 12.35 18.42
C GLY B 20 30.86 12.76 18.16
N GLU B 21 31.12 13.34 17.01
CA GLU B 21 32.51 13.75 16.70
C GLU B 21 32.92 14.89 17.63
N GLY A 1 -1.31 11.30 13.06
CA GLY A 1 -2.17 10.84 11.88
C GLY A 1 -1.50 10.44 10.60
N GLY A 2 -0.65 11.29 10.10
CA GLY A 2 0.06 10.98 8.83
C GLY A 2 -0.95 11.00 7.69
N ALA A 3 -1.98 10.23 7.80
CA ALA A 3 -3.03 10.19 6.75
C ALA A 3 -3.42 11.62 6.35
N HIS A 4 -3.00 12.59 7.11
CA HIS A 4 -3.36 14.00 6.78
C HIS A 4 -2.32 14.62 5.83
N LYS A 5 -1.27 13.91 5.49
CA LYS A 5 -0.26 14.49 4.57
C LYS A 5 0.36 13.38 3.71
N VAL A 6 -0.33 12.30 3.51
CA VAL A 6 0.25 11.20 2.69
C VAL A 6 0.09 11.51 1.21
N ARG A 7 1.06 11.09 0.44
CA ARG A 7 1.01 11.28 -1.04
C ARG A 7 1.26 9.91 -1.63
N ALA A 8 0.28 9.33 -2.27
CA ALA A 8 0.46 7.94 -2.80
C ALA A 8 0.26 7.88 -4.31
N GLY A 9 0.79 6.85 -4.92
CA GLY A 9 0.64 6.65 -6.39
C GLY A 9 -0.28 5.45 -6.58
N GLY A 10 -0.38 4.90 -7.76
CA GLY A 10 -1.28 3.73 -7.90
C GLY A 10 -1.56 3.40 -9.36
N PRO A 11 -0.56 3.09 -10.13
CA PRO A 11 -0.74 2.72 -11.56
C PRO A 11 -1.67 1.51 -11.68
N GLY A 12 -1.68 0.69 -10.66
CA GLY A 12 -2.55 -0.54 -10.65
C GLY A 12 -3.39 -0.56 -9.37
N LEU A 13 -3.73 0.59 -8.84
CA LEU A 13 -4.54 0.66 -7.59
C LEU A 13 -5.89 1.28 -7.95
N GLU A 14 -6.03 1.71 -9.17
CA GLU A 14 -7.33 2.32 -9.64
C GLU A 14 -7.91 1.42 -10.74
N ARG A 15 -7.11 0.55 -11.29
CA ARG A 15 -7.60 -0.38 -12.35
C ARG A 15 -6.49 -1.35 -12.71
N ALA A 16 -6.80 -2.62 -12.80
CA ALA A 16 -5.76 -3.64 -13.16
C ALA A 16 -6.33 -4.60 -14.21
N GLU A 17 -5.52 -5.50 -14.70
CA GLU A 17 -5.97 -6.48 -15.73
C GLU A 17 -5.32 -7.82 -15.42
N ALA A 18 -6.12 -8.81 -15.11
CA ALA A 18 -5.59 -10.18 -14.77
C ALA A 18 -4.31 -10.47 -15.56
N GLY A 19 -3.38 -11.17 -14.96
CA GLY A 19 -2.11 -11.52 -15.67
C GLY A 19 -1.19 -10.30 -15.77
N VAL A 20 -1.58 -9.17 -15.24
CA VAL A 20 -0.72 -7.95 -15.30
C VAL A 20 -0.38 -7.50 -13.87
N PRO A 21 0.85 -7.16 -13.57
CA PRO A 21 1.22 -6.71 -12.20
C PRO A 21 0.64 -5.33 -11.89
N ALA A 22 0.32 -5.09 -10.65
CA ALA A 22 -0.25 -3.77 -10.25
C ALA A 22 0.48 -3.33 -8.99
N GLU A 23 0.64 -2.06 -8.78
CA GLU A 23 1.37 -1.61 -7.56
C GLU A 23 0.96 -0.20 -7.17
N PHE A 24 1.55 0.29 -6.12
CA PHE A 24 1.25 1.67 -5.65
C PHE A 24 2.34 2.09 -4.66
N SER A 25 2.26 3.27 -4.13
CA SER A 25 3.30 3.72 -3.16
C SER A 25 2.67 4.69 -2.17
N ILE A 26 3.19 4.74 -0.96
CA ILE A 26 2.64 5.67 0.08
C ILE A 26 3.73 6.67 0.48
N TRP A 27 4.17 7.49 -0.45
CA TRP A 27 5.24 8.48 -0.13
C TRP A 27 4.83 9.33 1.08
N THR A 28 5.51 9.19 2.18
CA THR A 28 5.15 9.99 3.38
C THR A 28 6.23 9.81 4.45
N ARG A 29 7.47 9.81 4.06
CA ARG A 29 8.58 9.66 5.05
C ARG A 29 8.37 10.66 6.19
N GLU A 30 7.72 11.76 5.92
CA GLU A 30 7.49 12.77 6.97
C GLU A 30 6.60 12.16 8.07
N ALA A 31 5.66 11.35 7.70
CA ALA A 31 4.76 10.72 8.72
C ALA A 31 5.44 9.47 9.28
N GLY A 32 6.65 9.20 8.89
CA GLY A 32 7.36 7.99 9.38
C GLY A 32 7.12 7.81 10.89
N ALA A 33 6.57 6.68 11.27
CA ALA A 33 6.29 6.43 12.72
C ALA A 33 6.54 4.95 13.04
N GLY A 34 5.86 4.06 12.36
CA GLY A 34 6.07 2.61 12.64
C GLY A 34 5.21 1.76 11.69
N GLY A 35 4.67 0.69 12.19
CA GLY A 35 3.83 -0.20 11.33
C GLY A 35 2.86 0.62 10.48
N LEU A 36 2.29 0.00 9.48
CA LEU A 36 1.33 0.70 8.59
C LEU A 36 0.20 -0.29 8.25
N ALA A 37 -1.03 0.16 8.22
CA ALA A 37 -2.16 -0.77 7.94
C ALA A 37 -2.48 -0.82 6.44
N ILE A 38 -2.29 -1.96 5.83
CA ILE A 38 -2.61 -2.12 4.37
C ILE A 38 -3.10 -3.54 4.12
N ALA A 39 -4.34 -3.70 3.76
CA ALA A 39 -4.88 -5.07 3.50
C ALA A 39 -5.84 -5.04 2.30
N VAL A 40 -5.97 -6.13 1.59
CA VAL A 40 -6.89 -6.17 0.41
C VAL A 40 -7.76 -7.43 0.48
N GLU A 41 -9.05 -7.27 0.34
CA GLU A 41 -9.97 -8.45 0.39
C GLU A 41 -10.38 -8.81 -1.04
N GLY A 42 -10.23 -10.06 -1.40
CA GLY A 42 -10.59 -10.49 -2.79
C GLY A 42 -10.34 -11.99 -2.92
N PRO A 43 -10.55 -12.54 -4.10
CA PRO A 43 -10.32 -14.00 -4.34
C PRO A 43 -8.83 -14.35 -4.30
N SER A 44 -8.52 -15.60 -4.07
CA SER A 44 -7.09 -16.02 -4.01
C SER A 44 -6.48 -15.98 -5.41
N LYS A 45 -5.38 -16.66 -5.60
CA LYS A 45 -4.71 -16.67 -6.94
C LYS A 45 -4.00 -15.34 -7.16
N ALA A 46 -3.26 -14.87 -6.17
CA ALA A 46 -2.53 -13.59 -6.31
C ALA A 46 -1.33 -13.59 -5.36
N GLU A 47 -0.39 -12.69 -5.54
CA GLU A 47 0.80 -12.67 -4.64
C GLU A 47 1.20 -11.22 -4.32
N ILE A 48 1.22 -10.86 -3.07
CA ILE A 48 1.62 -9.47 -2.67
C ILE A 48 3.05 -9.48 -2.14
N SER A 49 3.80 -8.45 -2.41
CA SER A 49 5.21 -8.40 -1.92
C SER A 49 5.60 -6.95 -1.59
N PHE A 50 5.77 -6.64 -0.33
CA PHE A 50 6.13 -5.24 0.07
C PHE A 50 7.63 -5.17 0.40
N GLU A 51 8.26 -4.06 0.13
CA GLU A 51 9.71 -3.90 0.44
C GLU A 51 9.97 -2.47 0.93
N ASP A 52 10.11 -2.30 2.22
CA ASP A 52 10.36 -0.93 2.76
C ASP A 52 11.87 -0.67 2.81
N ARG A 53 12.36 0.22 1.98
CA ARG A 53 13.82 0.52 2.00
C ARG A 53 14.11 1.73 1.12
N LYS A 54 13.10 2.37 0.59
CA LYS A 54 13.33 3.57 -0.27
C LYS A 54 13.26 4.83 0.60
N ASP A 55 12.11 5.14 1.12
CA ASP A 55 11.99 6.35 1.97
C ASP A 55 10.61 6.40 2.65
N GLY A 56 10.35 5.46 3.52
CA GLY A 56 9.03 5.46 4.23
C GLY A 56 7.90 5.12 3.25
N SER A 57 8.12 5.32 1.98
CA SER A 57 7.06 5.00 0.99
C SER A 57 6.87 3.49 0.92
N CYS A 58 5.68 3.01 1.11
CA CYS A 58 5.44 1.54 1.06
C CYS A 58 5.31 1.10 -0.39
N GLY A 59 6.34 0.51 -0.95
CA GLY A 59 6.27 0.04 -2.36
C GLY A 59 5.82 -1.41 -2.38
N VAL A 60 4.66 -1.68 -2.92
CA VAL A 60 4.15 -3.08 -2.97
C VAL A 60 3.57 -3.37 -4.37
N ALA A 61 3.69 -4.59 -4.85
CA ALA A 61 3.14 -4.94 -6.19
C ALA A 61 2.43 -6.29 -6.10
N TYR A 62 1.45 -6.50 -6.95
CA TYR A 62 0.73 -7.79 -6.92
C TYR A 62 0.17 -8.11 -8.31
N VAL A 63 0.23 -9.36 -8.68
CA VAL A 63 -0.32 -9.79 -10.00
C VAL A 63 -1.59 -10.58 -9.73
N VAL A 64 -2.71 -10.05 -10.15
CA VAL A 64 -4.00 -10.75 -9.91
C VAL A 64 -4.24 -11.76 -11.04
N GLN A 65 -5.20 -12.64 -10.88
CA GLN A 65 -5.48 -13.63 -11.95
C GLN A 65 -6.96 -14.02 -11.90
N GLU A 66 -7.81 -13.06 -11.62
CA GLU A 66 -9.27 -13.36 -11.56
C GLU A 66 -10.04 -12.03 -11.54
N PRO A 67 -10.64 -11.62 -12.64
CA PRO A 67 -11.38 -10.34 -12.70
C PRO A 67 -12.23 -10.08 -11.45
N GLY A 68 -12.43 -8.84 -11.12
CA GLY A 68 -13.23 -8.50 -9.90
C GLY A 68 -12.55 -7.35 -9.17
N ASP A 69 -13.30 -6.49 -8.55
CA ASP A 69 -12.68 -5.35 -7.83
C ASP A 69 -12.09 -5.82 -6.50
N TYR A 70 -11.06 -5.15 -6.04
CA TYR A 70 -10.41 -5.52 -4.74
C TYR A 70 -10.48 -4.32 -3.80
N GLU A 71 -11.16 -4.45 -2.70
CA GLU A 71 -11.25 -3.30 -1.76
C GLU A 71 -9.89 -3.06 -1.11
N VAL A 72 -9.18 -2.05 -1.54
CA VAL A 72 -7.84 -1.77 -0.94
C VAL A 72 -8.00 -0.77 0.21
N SER A 73 -7.94 -1.24 1.42
CA SER A 73 -8.09 -0.32 2.59
C SER A 73 -6.72 0.27 2.92
N VAL A 74 -6.56 1.56 2.72
CA VAL A 74 -5.25 2.22 3.03
C VAL A 74 -5.45 3.19 4.20
N LYS A 75 -4.73 3.01 5.28
CA LYS A 75 -4.89 3.92 6.46
C LYS A 75 -3.55 4.15 7.14
N PHE A 76 -3.35 5.32 7.69
CA PHE A 76 -2.06 5.64 8.40
C PHE A 76 -2.36 5.82 9.88
N ASN A 77 -1.53 5.31 10.74
CA ASN A 77 -1.79 5.46 12.20
C ASN A 77 -3.25 5.07 12.49
N GLU A 78 -3.74 4.07 11.80
CA GLU A 78 -5.15 3.63 12.02
C GLU A 78 -6.11 4.78 11.71
N GLU A 79 -5.86 5.50 10.64
CA GLU A 79 -6.77 6.64 10.27
C GLU A 79 -7.36 6.36 8.88
N HIS A 80 -7.08 7.21 7.93
CA HIS A 80 -7.60 6.97 6.56
C HIS A 80 -6.95 7.99 5.59
N ILE A 81 -5.90 7.59 4.93
CA ILE A 81 -5.23 8.53 3.99
C ILE A 81 -6.20 8.83 2.85
N PRO A 82 -6.11 10.00 2.25
CA PRO A 82 -6.99 10.42 1.13
C PRO A 82 -7.56 9.25 0.33
N ASP A 83 -8.86 9.21 0.16
CA ASP A 83 -9.48 8.09 -0.60
C ASP A 83 -8.95 6.75 -0.05
N SER A 84 -8.99 6.57 1.24
CA SER A 84 -8.50 5.29 1.84
C SER A 84 -9.02 4.09 1.02
N PRO A 85 -10.29 3.86 0.97
CA PRO A 85 -10.87 2.72 0.19
C PRO A 85 -10.67 2.92 -1.32
N PHE A 86 -9.84 2.12 -1.96
CA PHE A 86 -9.59 2.27 -3.43
C PHE A 86 -9.86 0.93 -4.13
N VAL A 87 -11.03 0.77 -4.69
CA VAL A 87 -11.34 -0.51 -5.41
C VAL A 87 -10.60 -0.52 -6.76
N VAL A 88 -10.19 -1.68 -7.20
CA VAL A 88 -9.46 -1.78 -8.51
C VAL A 88 -10.20 -2.74 -9.46
N PRO A 89 -11.03 -2.24 -10.35
CA PRO A 89 -11.75 -3.12 -11.32
C PRO A 89 -10.75 -3.94 -12.14
N VAL A 90 -10.65 -5.21 -11.87
CA VAL A 90 -9.68 -6.06 -12.62
C VAL A 90 -10.33 -6.63 -13.87
N ALA A 91 -9.58 -6.70 -14.95
CA ALA A 91 -10.12 -7.23 -16.24
C ALA A 91 -9.37 -8.51 -16.62
N SER A 92 -9.96 -9.33 -17.45
CA SER A 92 -9.31 -10.59 -17.87
C SER A 92 -7.90 -10.27 -18.42
N PRO A 93 -7.09 -11.26 -18.67
CA PRO A 93 -5.72 -11.07 -19.20
C PRO A 93 -5.70 -11.03 -20.74
N SER A 94 -5.29 -12.11 -21.35
CA SER A 94 -5.23 -12.18 -22.85
C SER A 94 -6.05 -13.39 -23.31
N GLY A 95 -6.21 -14.36 -22.46
CA GLY A 95 -6.98 -15.58 -22.84
C GLY A 95 -8.29 -15.16 -23.54
N TRP B 1 -8.64 -15.55 -0.38
CA TRP B 1 -9.87 -15.16 0.36
C TRP B 1 -9.62 -13.85 1.11
N LYS B 2 -8.51 -13.75 1.79
CA LYS B 2 -8.22 -12.50 2.55
C LYS B 2 -6.75 -12.49 2.96
N VAL B 3 -6.08 -11.39 2.76
CA VAL B 3 -4.63 -11.31 3.15
C VAL B 3 -4.27 -9.85 3.44
N GLY B 4 -3.02 -9.59 3.72
CA GLY B 4 -2.61 -8.19 4.01
C GLY B 4 -1.18 -8.19 4.58
N PHE B 5 -0.62 -7.03 4.81
CA PHE B 5 0.75 -6.97 5.38
C PHE B 5 0.97 -5.59 6.01
N PHE B 6 1.94 -5.48 6.89
CA PHE B 6 2.23 -4.17 7.56
C PHE B 6 3.63 -3.70 7.19
N LYS B 7 3.92 -2.44 7.42
CA LYS B 7 5.27 -1.90 7.06
C LYS B 7 5.74 -0.93 8.15
N ARG B 8 6.92 -1.12 8.66
CA ARG B 8 7.44 -0.22 9.72
C ARG B 8 7.94 1.08 9.10
N ASN B 9 7.05 2.02 8.88
CA ASN B 9 7.47 3.32 8.28
C ASN B 9 8.20 4.16 9.33
N ARG B 10 9.26 4.82 8.96
CA ARG B 10 10.00 5.66 9.94
C ARG B 10 10.87 6.68 9.18
N PRO B 11 11.17 7.80 9.79
CA PRO B 11 12.00 8.86 9.14
C PRO B 11 13.48 8.44 9.04
N PRO B 12 14.24 9.07 8.19
CA PRO B 12 15.69 8.76 8.02
C PRO B 12 16.37 8.40 9.34
N LEU B 13 17.48 7.70 9.28
CA LEU B 13 18.18 7.32 10.53
C LEU B 13 18.66 8.59 11.26
N GLU B 14 19.02 8.46 12.50
CA GLU B 14 19.49 9.65 13.27
C GLU B 14 20.13 9.21 14.57
N GLU B 15 21.41 9.42 14.72
CA GLU B 15 22.11 9.01 15.98
C GLU B 15 21.83 10.05 17.07
N ASP B 16 22.11 9.71 18.30
CA ASP B 16 21.88 10.67 19.42
C ASP B 16 20.49 11.32 19.27
N ASP B 17 19.45 10.58 19.56
CA ASP B 17 18.08 11.14 19.44
C ASP B 17 17.97 12.42 20.29
N GLU B 18 16.78 12.88 20.52
CA GLU B 18 16.61 14.11 21.35
C GLU B 18 17.21 13.89 22.73
N GLU B 19 17.54 14.94 23.43
CA GLU B 19 18.13 14.78 24.79
C GLU B 19 17.13 14.06 25.69
N GLY B 20 17.46 13.92 26.95
CA GLY B 20 16.53 13.22 27.90
C GLY B 20 16.75 11.71 27.79
N GLU B 21 17.16 11.24 26.65
CA GLU B 21 17.40 9.78 26.48
C GLU B 21 18.67 9.38 27.23
N GLY A 1 -2.16 11.66 10.97
CA GLY A 1 -2.98 12.11 9.76
C GLY A 1 -2.30 12.32 8.45
N GLY A 2 -1.28 11.55 8.17
CA GLY A 2 -0.57 11.71 6.89
C GLY A 2 -1.59 11.73 5.75
N ALA A 3 -2.68 11.04 5.92
CA ALA A 3 -3.73 11.02 4.86
C ALA A 3 -3.98 12.43 4.34
N HIS A 4 -3.54 13.43 5.06
CA HIS A 4 -3.75 14.84 4.60
C HIS A 4 -2.61 15.28 3.69
N LYS A 5 -1.62 14.46 3.48
CA LYS A 5 -0.49 14.87 2.58
C LYS A 5 0.16 13.64 1.94
N VAL A 6 -0.57 12.58 1.76
CA VAL A 6 0.04 11.36 1.14
C VAL A 6 0.12 11.53 -0.37
N ARG A 7 1.16 10.99 -0.95
CA ARG A 7 1.35 11.02 -2.42
C ARG A 7 1.63 9.58 -2.82
N ALA A 8 0.77 8.96 -3.60
CA ALA A 8 0.99 7.53 -3.94
C ALA A 8 1.01 7.28 -5.45
N GLY A 9 1.58 6.18 -5.85
CA GLY A 9 1.64 5.81 -7.30
C GLY A 9 0.71 4.61 -7.47
N GLY A 10 0.75 3.91 -8.58
CA GLY A 10 -0.18 2.76 -8.70
C GLY A 10 -0.28 2.25 -10.14
N PRO A 11 0.81 1.81 -10.72
CA PRO A 11 0.79 1.27 -12.10
C PRO A 11 -0.17 0.08 -12.20
N GLY A 12 -0.35 -0.61 -11.10
CA GLY A 12 -1.27 -1.78 -11.06
C GLY A 12 -2.28 -1.62 -9.92
N LEU A 13 -2.63 -0.40 -9.58
CA LEU A 13 -3.61 -0.14 -8.48
C LEU A 13 -4.87 0.48 -9.11
N GLU A 14 -4.80 0.75 -10.39
CA GLU A 14 -5.97 1.35 -11.12
C GLU A 14 -6.44 0.34 -12.16
N ARG A 15 -5.64 -0.66 -12.42
CA ARG A 15 -6.02 -1.70 -13.43
C ARG A 15 -4.95 -2.78 -13.47
N ALA A 16 -5.34 -4.03 -13.41
CA ALA A 16 -4.34 -5.15 -13.45
C ALA A 16 -4.82 -6.21 -14.45
N GLU A 17 -4.02 -7.21 -14.67
CA GLU A 17 -4.41 -8.30 -15.63
C GLU A 17 -3.90 -9.64 -15.07
N ALA A 18 -4.82 -10.51 -14.74
CA ALA A 18 -4.45 -11.85 -14.16
C ALA A 18 -3.10 -12.34 -14.70
N GLY A 19 -2.32 -12.98 -13.86
CA GLY A 19 -0.99 -13.51 -14.30
C GLY A 19 0.03 -12.36 -14.42
N VAL A 20 -0.36 -11.14 -14.15
CA VAL A 20 0.60 -9.99 -14.26
C VAL A 20 0.76 -9.35 -12.87
N PRO A 21 1.96 -9.04 -12.44
CA PRO A 21 2.17 -8.40 -11.11
C PRO A 21 1.68 -6.95 -11.11
N ALA A 22 1.26 -6.47 -9.97
CA ALA A 22 0.77 -5.07 -9.88
C ALA A 22 1.38 -4.46 -8.61
N GLU A 23 1.56 -3.17 -8.57
CA GLU A 23 2.17 -2.58 -7.34
C GLU A 23 1.77 -1.12 -7.19
N PHE A 24 2.25 -0.50 -6.15
CA PHE A 24 1.95 0.93 -5.90
C PHE A 24 2.90 1.43 -4.82
N SER A 25 2.80 2.69 -4.48
CA SER A 25 3.71 3.23 -3.42
C SER A 25 2.95 4.30 -2.65
N ILE A 26 3.27 4.47 -1.38
CA ILE A 26 2.57 5.51 -0.55
C ILE A 26 3.60 6.53 -0.06
N TRP A 27 4.20 7.25 -0.96
CA TRP A 27 5.22 8.26 -0.54
C TRP A 27 4.60 9.21 0.48
N THR A 28 5.12 9.22 1.69
CA THR A 28 4.55 10.12 2.73
C THR A 28 5.57 10.37 3.84
N ARG A 29 6.84 10.25 3.54
CA ARG A 29 7.87 10.49 4.59
C ARG A 29 7.61 11.86 5.24
N GLU A 30 6.71 12.62 4.70
CA GLU A 30 6.41 13.96 5.29
C GLU A 30 5.65 13.74 6.60
N ALA A 31 4.77 12.78 6.63
CA ALA A 31 4.00 12.51 7.87
C ALA A 31 4.92 11.83 8.89
N GLY A 32 5.73 10.90 8.44
CA GLY A 32 6.67 10.19 9.36
C GLY A 32 5.97 9.87 10.69
N ALA A 33 5.06 8.93 10.68
CA ALA A 33 4.35 8.57 11.94
C ALA A 33 4.98 7.33 12.57
N GLY A 34 4.67 6.17 12.06
CA GLY A 34 5.25 4.92 12.64
C GLY A 34 4.28 3.77 12.40
N GLY A 35 3.49 3.84 11.36
CA GLY A 35 2.51 2.75 11.08
C GLY A 35 1.70 3.10 9.84
N LEU A 36 1.36 2.11 9.06
CA LEU A 36 0.56 2.37 7.82
C LEU A 36 -0.39 1.19 7.61
N ALA A 37 -1.65 1.47 7.37
CA ALA A 37 -2.65 0.38 7.17
C ALA A 37 -2.80 0.05 5.68
N ILE A 38 -2.79 -1.22 5.35
CA ILE A 38 -2.95 -1.64 3.92
C ILE A 38 -3.73 -2.96 3.88
N ALA A 39 -4.90 -2.95 3.29
CA ALA A 39 -5.71 -4.20 3.23
C ALA A 39 -6.49 -4.26 1.91
N VAL A 40 -6.81 -5.45 1.47
CA VAL A 40 -7.57 -5.62 0.19
C VAL A 40 -8.72 -6.59 0.42
N GLU A 41 -9.78 -6.47 -0.35
CA GLU A 41 -10.95 -7.38 -0.19
C GLU A 41 -11.34 -7.96 -1.56
N GLY A 42 -11.20 -9.24 -1.74
CA GLY A 42 -11.55 -9.85 -3.04
C GLY A 42 -11.82 -11.35 -2.84
N PRO A 43 -12.35 -12.00 -3.85
CA PRO A 43 -12.68 -13.46 -3.80
C PRO A 43 -11.41 -14.32 -3.88
N SER A 44 -10.63 -14.16 -4.91
CA SER A 44 -9.40 -14.99 -5.04
C SER A 44 -8.30 -14.38 -4.17
N LYS A 45 -7.30 -15.16 -3.83
CA LYS A 45 -6.19 -14.64 -2.97
C LYS A 45 -5.11 -14.02 -3.86
N ALA A 46 -4.06 -13.53 -3.26
CA ALA A 46 -2.97 -12.90 -4.06
C ALA A 46 -1.66 -12.99 -3.26
N GLU A 47 -0.54 -12.76 -3.89
CA GLU A 47 0.76 -12.83 -3.15
C GLU A 47 1.20 -11.41 -2.79
N ILE A 48 1.13 -11.05 -1.54
CA ILE A 48 1.54 -9.69 -1.12
C ILE A 48 2.98 -9.70 -0.60
N SER A 49 3.77 -8.73 -0.97
CA SER A 49 5.19 -8.68 -0.50
C SER A 49 5.59 -7.21 -0.33
N PHE A 50 5.58 -6.73 0.89
CA PHE A 50 5.96 -5.30 1.14
C PHE A 50 7.40 -5.17 1.62
N GLU A 51 7.89 -3.95 1.71
CA GLU A 51 9.30 -3.73 2.17
C GLU A 51 9.39 -2.33 2.81
N ASP A 52 9.66 -2.27 4.09
CA ASP A 52 9.77 -0.94 4.74
C ASP A 52 10.79 -0.09 3.99
N ARG A 53 10.61 1.20 3.97
CA ARG A 53 11.56 2.10 3.24
C ARG A 53 11.79 3.36 4.08
N LYS A 54 13.03 3.66 4.38
CA LYS A 54 13.31 4.88 5.20
C LYS A 54 12.54 6.08 4.63
N ASP A 55 11.98 5.95 3.46
CA ASP A 55 11.22 7.08 2.85
C ASP A 55 9.76 7.01 3.32
N GLY A 56 9.47 6.15 4.26
CA GLY A 56 8.06 6.04 4.76
C GLY A 56 7.15 5.52 3.65
N SER A 57 7.64 5.49 2.43
CA SER A 57 6.80 5.01 1.30
C SER A 57 6.64 3.49 1.39
N CYS A 58 5.43 2.99 1.42
CA CYS A 58 5.23 1.51 1.50
C CYS A 58 5.18 0.95 0.07
N GLY A 59 6.27 0.37 -0.37
CA GLY A 59 6.30 -0.22 -1.74
C GLY A 59 5.88 -1.69 -1.67
N VAL A 60 4.81 -2.05 -2.31
CA VAL A 60 4.33 -3.47 -2.27
C VAL A 60 3.92 -3.90 -3.68
N ALA A 61 3.99 -5.19 -3.95
CA ALA A 61 3.58 -5.70 -5.29
C ALA A 61 2.83 -7.01 -5.12
N TYR A 62 1.96 -7.33 -6.04
CA TYR A 62 1.20 -8.61 -5.92
C TYR A 62 0.76 -9.07 -7.31
N VAL A 63 0.44 -10.34 -7.41
CA VAL A 63 -0.02 -10.91 -8.71
C VAL A 63 -1.37 -11.58 -8.49
N VAL A 64 -2.40 -11.07 -9.10
CA VAL A 64 -3.75 -11.66 -8.93
C VAL A 64 -3.96 -12.76 -9.98
N GLN A 65 -4.86 -13.68 -9.73
CA GLN A 65 -5.11 -14.78 -10.71
C GLN A 65 -6.61 -15.06 -10.80
N GLU A 66 -7.39 -14.02 -10.95
CA GLU A 66 -8.87 -14.21 -11.04
C GLU A 66 -9.52 -12.86 -11.38
N PRO A 67 -9.87 -12.61 -12.63
CA PRO A 67 -10.49 -11.33 -13.04
C PRO A 67 -11.51 -10.81 -12.03
N GLY A 68 -11.67 -9.53 -11.95
CA GLY A 68 -12.65 -8.93 -10.98
C GLY A 68 -11.99 -7.75 -10.28
N ASP A 69 -12.75 -6.76 -9.89
CA ASP A 69 -12.14 -5.59 -9.21
C ASP A 69 -11.80 -5.93 -7.76
N TYR A 70 -10.79 -5.30 -7.21
CA TYR A 70 -10.39 -5.56 -5.79
C TYR A 70 -10.45 -4.25 -5.00
N GLU A 71 -11.31 -4.17 -4.02
CA GLU A 71 -11.40 -2.92 -3.22
C GLU A 71 -10.13 -2.76 -2.38
N VAL A 72 -9.25 -1.88 -2.79
CA VAL A 72 -7.98 -1.66 -2.03
C VAL A 72 -8.21 -0.56 -1.00
N SER A 73 -8.27 -0.92 0.26
CA SER A 73 -8.49 0.11 1.32
C SER A 73 -7.15 0.73 1.71
N VAL A 74 -6.96 1.99 1.40
CA VAL A 74 -5.69 2.69 1.75
C VAL A 74 -5.99 3.83 2.73
N LYS A 75 -5.43 3.78 3.92
CA LYS A 75 -5.72 4.87 4.90
C LYS A 75 -4.48 5.13 5.78
N PHE A 76 -4.36 6.33 6.29
CA PHE A 76 -3.20 6.71 7.16
C PHE A 76 -3.72 7.03 8.56
N ASN A 77 -3.00 6.62 9.58
CA ASN A 77 -3.48 6.90 10.97
C ASN A 77 -4.96 6.54 11.08
N GLU A 78 -5.35 5.46 10.45
CA GLU A 78 -6.77 5.02 10.48
C GLU A 78 -7.67 6.13 9.92
N GLU A 79 -7.23 6.79 8.88
CA GLU A 79 -8.06 7.89 8.26
C GLU A 79 -8.44 7.44 6.85
N HIS A 80 -8.03 8.17 5.84
CA HIS A 80 -8.37 7.78 4.45
C HIS A 80 -7.58 8.67 3.47
N ILE A 81 -6.47 8.19 2.97
CA ILE A 81 -5.67 9.02 2.04
C ILE A 81 -6.50 9.23 0.75
N PRO A 82 -6.30 10.34 0.07
CA PRO A 82 -7.03 10.66 -1.18
C PRO A 82 -7.50 9.43 -1.95
N ASP A 83 -8.79 9.34 -2.21
CA ASP A 83 -9.32 8.16 -2.94
C ASP A 83 -8.90 6.88 -2.21
N SER A 84 -9.12 6.83 -0.92
CA SER A 84 -8.73 5.61 -0.15
C SER A 84 -9.16 4.33 -0.91
N PRO A 85 -10.43 4.10 -1.11
CA PRO A 85 -10.91 2.90 -1.86
C PRO A 85 -10.51 2.95 -3.33
N PHE A 86 -9.54 2.15 -3.72
CA PHE A 86 -9.07 2.16 -5.15
C PHE A 86 -9.35 0.79 -5.78
N VAL A 87 -10.44 0.65 -6.49
CA VAL A 87 -10.76 -0.66 -7.12
C VAL A 87 -9.85 -0.88 -8.32
N VAL A 88 -9.45 -2.10 -8.58
CA VAL A 88 -8.55 -2.40 -9.74
C VAL A 88 -9.21 -3.44 -10.66
N PRO A 89 -9.84 -3.02 -11.74
CA PRO A 89 -10.46 -3.97 -12.70
C PRO A 89 -9.43 -4.96 -13.23
N VAL A 90 -9.48 -6.19 -12.78
CA VAL A 90 -8.49 -7.21 -13.23
C VAL A 90 -8.99 -7.90 -14.49
N ALA A 91 -8.09 -8.19 -15.40
CA ALA A 91 -8.47 -8.87 -16.68
C ALA A 91 -7.76 -10.23 -16.78
N SER A 92 -8.28 -11.10 -17.60
CA SER A 92 -7.67 -12.45 -17.76
C SER A 92 -6.18 -12.29 -18.11
N PRO A 93 -5.42 -13.36 -18.10
CA PRO A 93 -3.96 -13.32 -18.43
C PRO A 93 -3.72 -13.48 -19.93
N SER A 94 -3.30 -14.66 -20.34
CA SER A 94 -3.03 -14.91 -21.78
C SER A 94 -3.86 -16.12 -22.23
N GLY A 95 -4.24 -16.96 -21.31
CA GLY A 95 -5.06 -18.15 -21.67
C GLY A 95 -6.19 -17.74 -22.62
N TRP B 1 -9.07 -12.62 0.75
CA TRP B 1 -10.21 -12.01 1.51
C TRP B 1 -9.78 -10.66 2.08
N LYS B 2 -10.11 -10.39 3.31
CA LYS B 2 -9.72 -9.09 3.93
C LYS B 2 -8.28 -9.20 4.45
N VAL B 3 -7.35 -9.51 3.60
CA VAL B 3 -5.94 -9.63 4.04
C VAL B 3 -5.28 -8.25 4.07
N GLY B 4 -4.06 -8.16 4.49
CA GLY B 4 -3.37 -6.84 4.53
C GLY B 4 -2.02 -6.98 5.24
N PHE B 5 -1.44 -5.88 5.64
CA PHE B 5 -0.12 -5.95 6.34
C PHE B 5 0.08 -4.65 7.14
N PHE B 6 1.26 -4.41 7.64
CA PHE B 6 1.50 -3.16 8.43
C PHE B 6 3.00 -2.83 8.44
N LYS B 7 3.34 -1.56 8.29
CA LYS B 7 4.77 -1.15 8.29
C LYS B 7 4.96 0.12 9.12
N ARG B 8 5.97 0.15 9.95
CA ARG B 8 6.22 1.35 10.80
C ARG B 8 6.75 2.50 9.92
N ASN B 9 6.12 3.65 10.01
CA ASN B 9 6.58 4.82 9.20
C ASN B 9 7.31 5.82 10.10
N ARG B 10 8.50 5.50 10.53
CA ARG B 10 9.26 6.41 11.43
C ARG B 10 10.75 6.32 11.10
N PRO B 11 11.15 6.89 9.99
CA PRO B 11 12.58 6.88 9.54
C PRO B 11 13.53 7.35 10.65
N PRO B 12 14.78 6.98 10.57
CA PRO B 12 15.81 7.39 11.60
C PRO B 12 16.19 8.87 11.47
N LEU B 13 15.88 9.66 12.46
CA LEU B 13 16.24 11.11 12.40
C LEU B 13 17.73 11.27 12.67
N GLU B 14 18.39 12.11 11.92
CA GLU B 14 19.85 12.32 12.15
C GLU B 14 20.10 12.69 13.61
N GLU B 15 19.06 13.02 14.33
CA GLU B 15 19.24 13.37 15.77
C GLU B 15 19.43 12.10 16.59
N ASP B 16 20.66 11.67 16.75
CA ASP B 16 20.92 10.44 17.54
C ASP B 16 20.46 10.65 18.98
N ASP B 17 19.23 10.31 19.28
CA ASP B 17 18.71 10.49 20.66
C ASP B 17 19.63 9.76 21.64
N GLU B 18 19.19 9.60 22.87
CA GLU B 18 20.03 8.89 23.86
C GLU B 18 20.31 7.46 23.38
N GLU B 19 19.66 6.49 23.98
CA GLU B 19 19.89 5.08 23.55
C GLU B 19 19.57 4.94 22.06
N GLY B 20 20.51 5.22 21.21
CA GLY B 20 20.25 5.10 19.75
C GLY B 20 19.97 3.63 19.39
N GLU B 21 20.63 2.72 20.06
CA GLU B 21 20.39 1.28 19.77
C GLU B 21 18.90 0.97 19.86
N GLY A 1 -0.91 9.41 13.55
CA GLY A 1 -1.77 8.94 12.38
C GLY A 1 -1.19 8.92 10.99
N GLY A 2 -0.63 10.03 10.58
CA GLY A 2 -0.04 10.10 9.24
C GLY A 2 -1.16 10.06 8.20
N ALA A 3 -2.10 9.16 8.37
CA ALA A 3 -3.23 9.07 7.42
C ALA A 3 -3.79 10.48 7.14
N HIS A 4 -3.41 11.43 7.95
CA HIS A 4 -3.91 12.82 7.76
C HIS A 4 -2.99 13.61 6.83
N LYS A 5 -1.89 13.02 6.39
CA LYS A 5 -0.97 13.77 5.49
C LYS A 5 -0.24 12.79 4.57
N VAL A 6 -0.82 11.64 4.29
CA VAL A 6 -0.12 10.67 3.41
C VAL A 6 -0.24 11.09 1.95
N ARG A 7 0.78 10.82 1.19
CA ARG A 7 0.79 11.13 -0.27
C ARG A 7 1.15 9.82 -0.95
N ALA A 8 0.22 9.23 -1.67
CA ALA A 8 0.51 7.91 -2.30
C ALA A 8 0.39 7.96 -3.82
N GLY A 9 0.99 6.99 -4.47
CA GLY A 9 0.93 6.90 -5.96
C GLY A 9 0.05 5.70 -6.28
N GLY A 10 0.01 5.24 -7.50
CA GLY A 10 -0.87 4.08 -7.78
C GLY A 10 -1.06 3.83 -9.27
N PRO A 11 0.01 3.60 -10.00
CA PRO A 11 -0.09 3.32 -11.46
C PRO A 11 -1.02 2.12 -11.71
N GLY A 12 -1.07 1.22 -10.76
CA GLY A 12 -1.95 0.01 -10.89
C GLY A 12 -2.86 -0.11 -9.66
N LEU A 13 -3.22 1.00 -9.06
CA LEU A 13 -4.12 0.98 -7.86
C LEU A 13 -5.46 1.60 -8.25
N GLU A 14 -5.52 2.14 -9.45
CA GLU A 14 -6.78 2.76 -9.94
C GLU A 14 -7.26 1.98 -11.16
N ARG A 15 -6.41 1.14 -11.70
CA ARG A 15 -6.81 0.33 -12.89
C ARG A 15 -5.67 -0.62 -13.26
N ALA A 16 -5.96 -1.89 -13.44
CA ALA A 16 -4.89 -2.88 -13.80
C ALA A 16 -5.38 -3.75 -14.96
N GLU A 17 -4.53 -4.61 -15.46
CA GLU A 17 -4.91 -5.51 -16.58
C GLU A 17 -4.37 -6.92 -16.28
N ALA A 18 -5.25 -7.88 -16.17
CA ALA A 18 -4.83 -9.29 -15.86
C ALA A 18 -3.46 -9.62 -16.47
N GLY A 19 -2.68 -10.38 -15.76
CA GLY A 19 -1.33 -10.78 -16.28
C GLY A 19 -0.34 -9.63 -16.19
N VAL A 20 -0.78 -8.45 -15.83
CA VAL A 20 0.15 -7.27 -15.72
C VAL A 20 0.33 -6.92 -14.24
N PRO A 21 1.54 -6.67 -13.78
CA PRO A 21 1.78 -6.31 -12.36
C PRO A 21 1.26 -4.91 -12.05
N ALA A 22 0.88 -4.66 -10.83
CA ALA A 22 0.35 -3.32 -10.44
C ALA A 22 1.01 -2.93 -9.12
N GLU A 23 1.17 -1.66 -8.85
CA GLU A 23 1.82 -1.27 -7.56
C GLU A 23 1.39 0.12 -7.14
N PHE A 24 1.92 0.56 -6.03
CA PHE A 24 1.60 1.91 -5.52
C PHE A 24 2.61 2.26 -4.43
N SER A 25 2.52 3.42 -3.84
CA SER A 25 3.49 3.80 -2.78
C SER A 25 2.79 4.69 -1.75
N ILE A 26 3.28 4.70 -0.54
CA ILE A 26 2.66 5.54 0.53
C ILE A 26 3.70 6.57 1.03
N TRP A 27 4.11 7.46 0.18
CA TRP A 27 5.13 8.48 0.60
C TRP A 27 4.63 9.21 1.85
N THR A 28 5.31 9.06 2.95
CA THR A 28 4.85 9.76 4.20
C THR A 28 5.98 9.78 5.23
N ARG A 29 7.20 9.82 4.79
CA ARG A 29 8.34 9.85 5.75
C ARG A 29 8.12 11.02 6.73
N GLU A 30 7.15 11.84 6.48
CA GLU A 30 6.89 12.98 7.39
C GLU A 30 6.21 12.47 8.65
N ALA A 31 5.30 11.54 8.51
CA ALA A 31 4.61 10.98 9.70
C ALA A 31 5.58 10.06 10.46
N GLY A 32 6.33 9.26 9.75
CA GLY A 32 7.30 8.35 10.41
C GLY A 32 6.67 7.71 11.65
N ALA A 33 5.66 6.92 11.48
CA ALA A 33 5.00 6.26 12.65
C ALA A 33 5.59 4.86 12.87
N GLY A 34 5.26 3.93 12.02
CA GLY A 34 5.81 2.55 12.18
C GLY A 34 4.89 1.54 11.48
N GLY A 35 4.54 0.48 12.17
CA GLY A 35 3.65 -0.56 11.57
C GLY A 35 2.48 0.10 10.85
N LEU A 36 2.47 0.03 9.54
CA LEU A 36 1.34 0.64 8.77
C LEU A 36 0.32 -0.45 8.46
N ALA A 37 -0.93 -0.08 8.26
CA ALA A 37 -1.98 -1.11 7.97
C ALA A 37 -2.15 -1.27 6.45
N ILE A 38 -2.08 -2.48 5.97
CA ILE A 38 -2.24 -2.73 4.50
C ILE A 38 -2.91 -4.09 4.30
N ALA A 39 -4.01 -4.12 3.58
CA ALA A 39 -4.72 -5.42 3.36
C ALA A 39 -5.53 -5.35 2.05
N VAL A 40 -5.64 -6.47 1.38
CA VAL A 40 -6.42 -6.50 0.09
C VAL A 40 -7.38 -7.70 0.11
N GLU A 41 -8.47 -7.61 -0.62
CA GLU A 41 -9.45 -8.73 -0.64
C GLU A 41 -10.07 -8.84 -2.04
N GLY A 42 -9.96 -9.98 -2.67
CA GLY A 42 -10.53 -10.15 -4.03
C GLY A 42 -10.58 -11.64 -4.38
N PRO A 43 -11.45 -12.02 -5.29
CA PRO A 43 -11.58 -13.45 -5.72
C PRO A 43 -10.46 -13.88 -6.67
N SER A 44 -9.25 -13.92 -6.18
CA SER A 44 -8.11 -14.33 -7.06
C SER A 44 -6.88 -14.64 -6.20
N LYS A 45 -5.98 -15.45 -6.70
CA LYS A 45 -4.76 -15.80 -5.90
C LYS A 45 -3.66 -14.78 -6.20
N ALA A 46 -3.99 -13.51 -6.20
CA ALA A 46 -2.94 -12.48 -6.48
C ALA A 46 -1.77 -12.67 -5.53
N GLU A 47 -0.65 -12.06 -5.81
CA GLU A 47 0.56 -12.21 -4.92
C GLU A 47 1.09 -10.81 -4.54
N ILE A 48 1.18 -10.53 -3.27
CA ILE A 48 1.68 -9.20 -2.82
C ILE A 48 3.16 -9.30 -2.44
N SER A 49 3.90 -8.23 -2.62
CA SER A 49 5.36 -8.25 -2.27
C SER A 49 5.76 -6.86 -1.78
N PHE A 50 5.87 -6.69 -0.48
CA PHE A 50 6.25 -5.35 0.07
C PHE A 50 7.73 -5.35 0.47
N GLU A 51 8.29 -4.19 0.67
CA GLU A 51 9.73 -4.09 1.06
C GLU A 51 9.97 -2.78 1.81
N ASP A 52 10.51 -2.86 3.00
CA ASP A 52 10.76 -1.61 3.79
C ASP A 52 11.60 -0.63 2.96
N ARG A 53 11.38 0.64 3.15
CA ARG A 53 12.16 1.66 2.39
C ARG A 53 12.50 2.83 3.33
N LYS A 54 13.76 3.12 3.49
CA LYS A 54 14.16 4.23 4.40
C LYS A 54 13.33 5.48 4.10
N ASP A 55 12.58 5.48 3.02
CA ASP A 55 11.75 6.68 2.68
C ASP A 55 10.39 6.57 3.36
N GLY A 56 10.19 5.56 4.17
CA GLY A 56 8.88 5.41 4.86
C GLY A 56 7.80 5.04 3.84
N SER A 57 8.05 5.29 2.59
CA SER A 57 7.04 4.96 1.54
C SER A 57 6.90 3.44 1.42
N CYS A 58 5.71 2.93 1.55
CA CYS A 58 5.51 1.45 1.43
C CYS A 58 5.45 1.07 -0.05
N GLY A 59 6.52 0.51 -0.58
CA GLY A 59 6.52 0.11 -2.01
C GLY A 59 6.06 -1.35 -2.12
N VAL A 60 4.93 -1.58 -2.74
CA VAL A 60 4.40 -2.98 -2.88
C VAL A 60 3.90 -3.19 -4.31
N ALA A 61 3.90 -4.42 -4.78
CA ALA A 61 3.40 -4.68 -6.16
C ALA A 61 2.66 -6.01 -6.18
N TYR A 62 1.73 -6.17 -7.10
CA TYR A 62 0.98 -7.46 -7.19
C TYR A 62 0.48 -7.67 -8.61
N VAL A 63 0.21 -8.90 -8.95
CA VAL A 63 -0.31 -9.24 -10.31
C VAL A 63 -1.69 -9.87 -10.11
N VAL A 64 -2.69 -9.30 -10.73
CA VAL A 64 -4.08 -9.81 -10.57
C VAL A 64 -4.36 -10.85 -11.66
N GLN A 65 -5.20 -11.82 -11.37
CA GLN A 65 -5.51 -12.88 -12.37
C GLN A 65 -6.65 -12.43 -13.29
N GLU A 66 -7.67 -13.23 -13.44
CA GLU A 66 -8.81 -12.87 -14.33
C GLU A 66 -9.39 -11.51 -13.91
N PRO A 67 -9.97 -10.77 -14.83
CA PRO A 67 -10.60 -9.45 -14.53
C PRO A 67 -11.39 -9.46 -13.22
N GLY A 68 -11.61 -8.30 -12.66
CA GLY A 68 -12.39 -8.19 -11.38
C GLY A 68 -11.79 -7.10 -10.53
N ASP A 69 -12.62 -6.29 -9.92
CA ASP A 69 -12.08 -5.18 -9.09
C ASP A 69 -11.55 -5.75 -7.77
N TYR A 70 -10.57 -5.09 -7.20
CA TYR A 70 -9.97 -5.56 -5.91
C TYR A 70 -10.13 -4.47 -4.86
N GLU A 71 -10.87 -4.73 -3.82
CA GLU A 71 -11.05 -3.71 -2.76
C GLU A 71 -9.72 -3.50 -2.03
N VAL A 72 -9.03 -2.43 -2.31
CA VAL A 72 -7.73 -2.16 -1.64
C VAL A 72 -7.95 -1.24 -0.44
N SER A 73 -7.95 -1.78 0.74
CA SER A 73 -8.17 -0.92 1.93
C SER A 73 -6.82 -0.35 2.39
N VAL A 74 -6.64 0.94 2.25
CA VAL A 74 -5.35 1.58 2.68
C VAL A 74 -5.61 2.42 3.92
N LYS A 75 -4.95 2.13 5.01
CA LYS A 75 -5.18 2.90 6.26
C LYS A 75 -3.87 3.03 7.04
N PHE A 76 -3.71 4.10 7.78
CA PHE A 76 -2.46 4.30 8.58
C PHE A 76 -2.82 4.09 10.06
N ASN A 77 -2.20 3.14 10.71
CA ASN A 77 -2.52 2.91 12.14
C ASN A 77 -4.03 2.64 12.27
N GLU A 78 -4.56 1.85 11.38
CA GLU A 78 -6.02 1.53 11.40
C GLU A 78 -6.85 2.81 11.26
N GLU A 79 -6.37 3.77 10.51
CA GLU A 79 -7.15 5.03 10.31
C GLU A 79 -7.73 4.98 8.90
N HIS A 80 -7.39 5.92 8.06
CA HIS A 80 -7.90 5.90 6.66
C HIS A 80 -7.19 7.01 5.87
N ILE A 81 -6.15 6.67 5.16
CA ILE A 81 -5.42 7.71 4.38
C ILE A 81 -6.35 8.13 3.23
N PRO A 82 -6.23 9.37 2.77
CA PRO A 82 -7.06 9.92 1.67
C PRO A 82 -7.58 8.84 0.71
N ASP A 83 -8.87 8.73 0.56
CA ASP A 83 -9.45 7.70 -0.34
C ASP A 83 -8.94 6.31 0.08
N SER A 84 -9.04 6.00 1.34
CA SER A 84 -8.56 4.67 1.83
C SER A 84 -8.98 3.56 0.87
N PRO A 85 -10.27 3.29 0.72
CA PRO A 85 -10.76 2.22 -0.21
C PRO A 85 -10.48 2.58 -1.67
N PHE A 86 -9.68 1.79 -2.36
CA PHE A 86 -9.37 2.08 -3.80
C PHE A 86 -9.59 0.82 -4.64
N VAL A 87 -10.72 0.70 -5.28
CA VAL A 87 -10.98 -0.50 -6.12
C VAL A 87 -10.19 -0.36 -7.44
N VAL A 88 -9.73 -1.47 -7.98
CA VAL A 88 -8.95 -1.41 -9.25
C VAL A 88 -9.62 -2.27 -10.33
N PRO A 89 -10.38 -1.68 -11.23
CA PRO A 89 -11.03 -2.45 -12.34
C PRO A 89 -9.98 -3.19 -13.17
N VAL A 90 -9.90 -4.48 -13.02
CA VAL A 90 -8.88 -5.25 -13.78
C VAL A 90 -9.43 -5.66 -15.14
N ALA A 91 -8.58 -5.63 -16.15
CA ALA A 91 -9.02 -6.01 -17.53
C ALA A 91 -8.31 -7.30 -17.96
N SER A 92 -8.87 -8.00 -18.90
CA SER A 92 -8.24 -9.26 -19.36
C SER A 92 -6.76 -8.97 -19.73
N PRO A 93 -5.98 -10.00 -19.97
CA PRO A 93 -4.54 -9.83 -20.32
C PRO A 93 -4.34 -9.67 -21.83
N SER A 94 -3.92 -10.71 -22.50
CA SER A 94 -3.70 -10.65 -23.97
C SER A 94 -4.47 -11.78 -24.64
N GLY A 95 -4.74 -12.83 -23.91
CA GLY A 95 -5.50 -13.98 -24.49
C GLY A 95 -5.18 -15.25 -23.70
N TRP B 1 -7.30 -14.40 -2.21
CA TRP B 1 -8.46 -14.42 -1.27
C TRP B 1 -8.21 -13.43 -0.13
N LYS B 2 -8.40 -13.86 1.10
CA LYS B 2 -8.17 -12.94 2.25
C LYS B 2 -6.69 -12.96 2.64
N VAL B 3 -5.99 -11.89 2.39
CA VAL B 3 -4.54 -11.84 2.74
C VAL B 3 -4.13 -10.39 2.96
N GLY B 4 -3.14 -10.16 3.80
CA GLY B 4 -2.70 -8.76 4.05
C GLY B 4 -1.27 -8.77 4.61
N PHE B 5 -0.78 -7.64 5.03
CA PHE B 5 0.60 -7.58 5.58
C PHE B 5 0.76 -6.30 6.41
N PHE B 6 1.99 -5.91 6.69
CA PHE B 6 2.22 -4.68 7.49
C PHE B 6 3.48 -3.98 7.00
N LYS B 7 3.83 -2.87 7.60
CA LYS B 7 5.05 -2.14 7.16
C LYS B 7 5.52 -1.23 8.31
N ARG B 8 6.71 -1.45 8.80
CA ARG B 8 7.23 -0.59 9.92
C ARG B 8 7.74 0.73 9.36
N ASN B 9 6.92 1.74 9.35
CA ASN B 9 7.36 3.07 8.82
C ASN B 9 8.14 3.81 9.92
N ARG B 10 9.44 3.67 9.94
CA ARG B 10 10.26 4.36 10.98
C ARG B 10 11.68 4.57 10.45
N PRO B 11 11.83 5.46 9.50
CA PRO B 11 13.15 5.77 8.89
C PRO B 11 14.24 5.99 9.96
N PRO B 12 15.49 5.84 9.61
CA PRO B 12 16.63 6.02 10.56
C PRO B 12 16.87 7.51 10.87
N LEU B 13 16.10 8.38 10.30
CA LEU B 13 16.28 9.84 10.57
C LEU B 13 16.02 10.11 12.04
N GLU B 14 15.55 9.13 12.77
CA GLU B 14 15.27 9.35 14.22
C GLU B 14 16.59 9.42 14.99
N GLU B 15 16.65 10.22 16.01
CA GLU B 15 17.90 10.33 16.80
C GLU B 15 17.58 10.95 18.18
N ASP B 16 18.06 12.14 18.43
CA ASP B 16 17.80 12.78 19.74
C ASP B 16 16.29 12.76 20.02
N ASP B 17 15.86 11.95 20.96
CA ASP B 17 14.41 11.88 21.27
C ASP B 17 13.90 13.28 21.65
N GLU B 18 12.74 13.35 22.23
CA GLU B 18 12.19 14.68 22.63
C GLU B 18 13.07 15.30 23.72
N GLU B 19 12.95 14.84 24.92
CA GLU B 19 13.77 15.39 26.03
C GLU B 19 15.23 14.97 25.84
N GLY B 20 15.96 15.65 24.99
CA GLY B 20 17.38 15.29 24.76
C GLY B 20 18.12 15.25 26.11
N GLU B 21 17.79 16.14 27.00
CA GLU B 21 18.47 16.17 28.31
C GLU B 21 18.25 14.83 29.03
N GLY A 1 0.31 9.88 13.97
CA GLY A 1 -0.63 9.53 12.83
C GLY A 1 -0.05 9.24 11.47
N GLY A 2 0.79 10.13 10.99
CA GLY A 2 1.40 9.94 9.65
C GLY A 2 0.32 10.04 8.58
N ALA A 3 -0.72 9.27 8.70
CA ALA A 3 -1.83 9.31 7.71
C ALA A 3 -2.24 10.77 7.46
N HIS A 4 -1.76 11.68 8.26
CA HIS A 4 -2.13 13.12 8.07
C HIS A 4 -1.19 13.80 7.07
N LYS A 5 -0.17 13.11 6.59
CA LYS A 5 0.77 13.76 5.62
C LYS A 5 1.32 12.72 4.65
N VAL A 6 0.60 11.66 4.41
CA VAL A 6 1.09 10.60 3.48
C VAL A 6 0.84 11.01 2.04
N ARG A 7 1.74 10.64 1.17
CA ARG A 7 1.60 10.92 -0.28
C ARG A 7 1.80 9.58 -0.98
N ALA A 8 0.77 9.05 -1.58
CA ALA A 8 0.90 7.70 -2.21
C ALA A 8 0.61 7.75 -3.71
N GLY A 9 1.08 6.75 -4.43
CA GLY A 9 0.84 6.66 -5.89
C GLY A 9 -0.12 5.49 -6.10
N GLY A 10 -0.35 5.05 -7.30
CA GLY A 10 -1.29 3.91 -7.46
C GLY A 10 -1.66 3.68 -8.93
N PRO A 11 -0.70 3.41 -9.77
CA PRO A 11 -0.97 3.14 -11.21
C PRO A 11 -1.96 1.97 -11.35
N GLY A 12 -1.94 1.07 -10.39
CA GLY A 12 -2.86 -0.11 -10.43
C GLY A 12 -3.61 -0.21 -9.09
N LEU A 13 -3.85 0.90 -8.44
CA LEU A 13 -4.59 0.89 -7.13
C LEU A 13 -5.95 1.55 -7.35
N GLU A 14 -6.16 2.08 -8.54
CA GLU A 14 -7.46 2.74 -8.86
C GLU A 14 -8.12 1.95 -10.00
N ARG A 15 -7.36 1.14 -10.68
CA ARG A 15 -7.93 0.34 -11.82
C ARG A 15 -6.85 -0.62 -12.34
N ALA A 16 -7.21 -1.87 -12.52
CA ALA A 16 -6.20 -2.87 -13.03
C ALA A 16 -6.86 -3.73 -14.12
N GLU A 17 -6.08 -4.59 -14.73
CA GLU A 17 -6.63 -5.49 -15.79
C GLU A 17 -6.06 -6.90 -15.54
N ALA A 18 -6.93 -7.85 -15.33
CA ALA A 18 -6.49 -9.25 -15.05
C ALA A 18 -5.23 -9.61 -15.86
N GLY A 19 -4.34 -10.39 -15.29
CA GLY A 19 -3.10 -10.80 -16.02
C GLY A 19 -2.08 -9.66 -16.04
N VAL A 20 -2.46 -8.48 -15.61
CA VAL A 20 -1.52 -7.32 -15.60
C VAL A 20 -1.14 -7.00 -14.15
N PRO A 21 0.11 -6.78 -13.84
CA PRO A 21 0.53 -6.45 -12.46
C PRO A 21 0.07 -5.04 -12.05
N ALA A 22 -0.16 -4.83 -10.79
CA ALA A 22 -0.62 -3.50 -10.32
C ALA A 22 0.18 -3.15 -9.07
N GLU A 23 0.41 -1.90 -8.80
CA GLU A 23 1.22 -1.54 -7.59
C GLU A 23 0.88 -0.15 -7.10
N PHE A 24 1.54 0.26 -6.05
CA PHE A 24 1.33 1.62 -5.49
C PHE A 24 2.44 1.90 -4.49
N SER A 25 2.55 3.12 -4.01
CA SER A 25 3.63 3.44 -3.03
C SER A 25 3.08 4.36 -1.96
N ILE A 26 3.67 4.35 -0.79
CA ILE A 26 3.19 5.22 0.34
C ILE A 26 4.32 6.19 0.74
N TRP A 27 4.70 7.07 -0.15
CA TRP A 27 5.80 8.03 0.18
C TRP A 27 5.43 8.80 1.45
N THR A 28 6.24 8.69 2.47
CA THR A 28 5.93 9.42 3.74
C THR A 28 7.13 9.35 4.68
N ARG A 29 8.32 9.55 4.16
CA ARG A 29 9.53 9.51 5.02
C ARG A 29 9.32 10.45 6.20
N GLU A 30 8.55 11.49 6.02
CA GLU A 30 8.31 12.45 7.13
C GLU A 30 7.65 11.71 8.30
N ALA A 31 6.74 10.81 8.00
CA ALA A 31 6.06 10.05 9.08
C ALA A 31 6.97 8.91 9.55
N GLY A 32 8.17 8.84 9.01
CA GLY A 32 9.11 7.75 9.40
C GLY A 32 9.08 7.54 10.91
N ALA A 33 8.64 6.40 11.35
CA ALA A 33 8.58 6.13 12.81
C ALA A 33 8.30 4.64 13.04
N GLY A 34 8.01 3.91 11.99
CA GLY A 34 7.73 2.44 12.12
C GLY A 34 6.22 2.23 12.01
N GLY A 35 5.75 1.03 12.30
CA GLY A 35 4.30 0.75 12.24
C GLY A 35 3.71 1.17 10.89
N LEU A 36 3.33 0.23 10.07
CA LEU A 36 2.74 0.57 8.74
C LEU A 36 1.66 -0.47 8.42
N ALA A 37 0.44 -0.05 8.27
CA ALA A 37 -0.67 -1.00 7.97
C ALA A 37 -0.89 -1.11 6.45
N ILE A 38 -0.77 -2.29 5.91
CA ILE A 38 -0.96 -2.48 4.44
C ILE A 38 -1.57 -3.87 4.21
N ALA A 39 -2.82 -3.92 3.82
CA ALA A 39 -3.46 -5.25 3.59
C ALA A 39 -4.62 -5.11 2.59
N VAL A 40 -5.04 -6.21 2.01
CA VAL A 40 -6.16 -6.17 1.02
C VAL A 40 -7.18 -7.26 1.37
N GLU A 41 -8.43 -7.07 1.00
CA GLU A 41 -9.47 -8.10 1.30
C GLU A 41 -10.37 -8.28 0.09
N GLY A 42 -10.61 -9.50 -0.32
CA GLY A 42 -11.49 -9.74 -1.50
C GLY A 42 -11.74 -11.24 -1.66
N PRO A 43 -12.71 -11.60 -2.47
CA PRO A 43 -13.06 -13.02 -2.73
C PRO A 43 -12.02 -13.72 -3.62
N SER A 44 -11.55 -13.05 -4.63
CA SER A 44 -10.54 -13.67 -5.54
C SER A 44 -9.21 -13.80 -4.80
N LYS A 45 -8.13 -13.97 -5.53
CA LYS A 45 -6.79 -14.11 -4.88
C LYS A 45 -5.74 -13.41 -5.75
N ALA A 46 -4.63 -13.04 -5.16
CA ALA A 46 -3.55 -12.36 -5.96
C ALA A 46 -2.20 -12.59 -5.28
N GLU A 47 -1.12 -12.32 -5.96
CA GLU A 47 0.23 -12.52 -5.35
C GLU A 47 0.70 -11.19 -4.77
N ILE A 48 0.74 -11.07 -3.47
CA ILE A 48 1.18 -9.80 -2.84
C ILE A 48 2.66 -9.88 -2.46
N SER A 49 3.39 -8.82 -2.71
CA SER A 49 4.85 -8.80 -2.37
C SER A 49 5.23 -7.37 -1.97
N PHE A 50 5.33 -7.11 -0.69
CA PHE A 50 5.68 -5.74 -0.21
C PHE A 50 7.12 -5.72 0.30
N GLU A 51 7.68 -4.55 0.42
CA GLU A 51 9.08 -4.43 0.91
C GLU A 51 9.32 -3.01 1.42
N ASP A 52 9.37 -2.83 2.72
CA ASP A 52 9.58 -1.46 3.26
C ASP A 52 10.84 -0.85 2.65
N ARG A 53 10.95 0.44 2.68
CA ARG A 53 12.15 1.12 2.12
C ARG A 53 12.57 2.22 3.10
N LYS A 54 13.84 2.30 3.40
CA LYS A 54 14.31 3.36 4.35
C LYS A 54 13.66 4.70 4.01
N ASP A 55 13.12 4.83 2.84
CA ASP A 55 12.46 6.11 2.46
C ASP A 55 11.05 6.15 3.04
N GLY A 56 10.68 5.13 3.78
CA GLY A 56 9.31 5.12 4.39
C GLY A 56 8.28 4.73 3.33
N SER A 57 8.63 4.85 2.07
CA SER A 57 7.67 4.49 0.99
C SER A 57 7.54 2.97 0.90
N CYS A 58 6.34 2.45 0.99
CA CYS A 58 6.16 0.97 0.90
C CYS A 58 5.85 0.59 -0.56
N GLY A 59 6.76 -0.06 -1.22
CA GLY A 59 6.53 -0.46 -2.64
C GLY A 59 6.01 -1.90 -2.69
N VAL A 60 4.83 -2.09 -3.20
CA VAL A 60 4.25 -3.47 -3.29
C VAL A 60 3.59 -3.64 -4.66
N ALA A 61 3.45 -4.87 -5.12
CA ALA A 61 2.81 -5.09 -6.44
C ALA A 61 2.07 -6.43 -6.44
N TYR A 62 1.05 -6.56 -7.25
CA TYR A 62 0.31 -7.86 -7.29
C TYR A 62 -0.37 -8.05 -8.64
N VAL A 63 -0.57 -9.29 -9.01
CA VAL A 63 -1.26 -9.61 -10.30
C VAL A 63 -2.65 -10.16 -9.96
N VAL A 64 -3.67 -9.46 -10.35
CA VAL A 64 -5.05 -9.90 -10.04
C VAL A 64 -5.50 -10.94 -11.07
N GLN A 65 -6.27 -11.92 -10.64
CA GLN A 65 -6.73 -12.99 -11.57
C GLN A 65 -7.97 -12.51 -12.34
N GLU A 66 -9.02 -13.28 -12.31
CA GLU A 66 -10.26 -12.89 -13.04
C GLU A 66 -10.77 -11.53 -12.53
N PRO A 67 -11.45 -10.77 -13.35
CA PRO A 67 -12.00 -9.44 -12.95
C PRO A 67 -12.60 -9.46 -11.54
N GLY A 68 -12.70 -8.32 -10.94
CA GLY A 68 -13.28 -8.23 -9.56
C GLY A 68 -12.57 -7.11 -8.80
N ASP A 69 -13.31 -6.32 -8.08
CA ASP A 69 -12.68 -5.21 -7.32
C ASP A 69 -11.96 -5.76 -6.09
N TYR A 70 -10.92 -5.08 -5.65
CA TYR A 70 -10.16 -5.54 -4.44
C TYR A 70 -10.16 -4.42 -3.40
N GLU A 71 -10.75 -4.65 -2.26
CA GLU A 71 -10.78 -3.59 -1.21
C GLU A 71 -9.36 -3.35 -0.68
N VAL A 72 -8.74 -2.27 -1.08
CA VAL A 72 -7.36 -1.98 -0.60
C VAL A 72 -7.45 -1.02 0.59
N SER A 73 -7.28 -1.52 1.78
CA SER A 73 -7.36 -0.62 2.97
C SER A 73 -6.00 0.03 3.20
N VAL A 74 -5.90 1.33 3.01
CA VAL A 74 -4.59 2.03 3.23
C VAL A 74 -4.70 2.88 4.49
N LYS A 75 -3.95 2.58 5.50
CA LYS A 75 -4.04 3.36 6.77
C LYS A 75 -2.66 3.46 7.45
N PHE A 76 -2.46 4.50 8.21
CA PHE A 76 -1.16 4.70 8.93
C PHE A 76 -1.47 4.79 10.43
N ASN A 77 -0.66 4.17 11.25
CA ASN A 77 -0.94 4.22 12.72
C ASN A 77 -2.39 3.80 12.96
N GLU A 78 -2.86 2.84 12.22
CA GLU A 78 -4.27 2.36 12.39
C GLU A 78 -5.24 3.53 12.20
N GLU A 79 -5.01 4.35 11.20
CA GLU A 79 -5.93 5.50 10.94
C GLU A 79 -6.50 5.36 9.52
N HIS A 80 -6.25 6.30 8.66
CA HIS A 80 -6.76 6.20 7.27
C HIS A 80 -6.11 7.30 6.42
N ILE A 81 -5.03 6.97 5.76
CA ILE A 81 -4.35 8.00 4.93
C ILE A 81 -5.37 8.47 3.88
N PRO A 82 -5.30 9.72 3.47
CA PRO A 82 -6.23 10.31 2.47
C PRO A 82 -6.84 9.28 1.51
N ASP A 83 -8.12 9.43 1.26
CA ASP A 83 -8.85 8.53 0.32
C ASP A 83 -9.40 7.28 1.03
N SER A 84 -9.04 7.02 2.26
CA SER A 84 -9.60 5.82 2.93
C SER A 84 -9.36 4.60 2.02
N PRO A 85 -9.94 3.46 2.29
CA PRO A 85 -9.73 2.27 1.43
C PRO A 85 -10.04 2.57 -0.04
N PHE A 86 -9.46 1.84 -0.96
CA PHE A 86 -9.68 2.11 -2.41
C PHE A 86 -9.93 0.79 -3.16
N VAL A 87 -11.03 0.69 -3.84
CA VAL A 87 -11.34 -0.56 -4.62
C VAL A 87 -10.76 -0.43 -6.02
N VAL A 88 -10.21 -1.50 -6.56
CA VAL A 88 -9.60 -1.44 -7.92
C VAL A 88 -10.42 -2.29 -8.91
N PRO A 89 -11.29 -1.68 -9.69
CA PRO A 89 -12.09 -2.44 -10.70
C PRO A 89 -11.17 -3.18 -11.68
N VAL A 90 -11.06 -4.48 -11.56
CA VAL A 90 -10.16 -5.22 -12.48
C VAL A 90 -10.90 -5.62 -13.75
N ALA A 91 -10.20 -5.60 -14.86
CA ALA A 91 -10.83 -5.97 -16.16
C ALA A 91 -10.19 -7.25 -16.68
N SER A 92 -10.89 -7.97 -17.51
CA SER A 92 -10.34 -9.24 -18.05
C SER A 92 -8.93 -8.96 -18.63
N PRO A 93 -8.19 -10.00 -18.98
CA PRO A 93 -6.82 -9.84 -19.53
C PRO A 93 -6.84 -9.70 -21.06
N SER A 94 -6.53 -10.74 -21.77
CA SER A 94 -6.52 -10.71 -23.26
C SER A 94 -7.39 -11.85 -23.79
N GLY A 95 -7.56 -12.89 -23.00
CA GLY A 95 -8.39 -14.04 -23.46
C GLY A 95 -7.70 -14.74 -24.63
N TRP B 1 -11.63 -15.06 -0.01
CA TRP B 1 -10.68 -15.31 1.09
C TRP B 1 -10.05 -13.99 1.55
N LYS B 2 -9.89 -13.81 2.83
CA LYS B 2 -9.30 -12.54 3.34
C LYS B 2 -7.78 -12.70 3.44
N VAL B 3 -7.06 -11.64 3.18
CA VAL B 3 -5.57 -11.71 3.26
C VAL B 3 -5.02 -10.34 3.69
N GLY B 4 -3.76 -10.25 4.00
CA GLY B 4 -3.20 -8.94 4.42
C GLY B 4 -1.73 -9.11 4.83
N PHE B 5 -1.05 -8.01 5.03
CA PHE B 5 0.38 -8.08 5.44
C PHE B 5 0.75 -6.80 6.18
N PHE B 6 1.97 -6.65 6.60
CA PHE B 6 2.36 -5.41 7.33
C PHE B 6 3.88 -5.35 7.48
N LYS B 7 4.39 -4.21 7.88
CA LYS B 7 5.85 -4.07 8.06
C LYS B 7 6.11 -2.93 9.04
N ARG B 8 7.09 -2.09 8.79
CA ARG B 8 7.37 -0.96 9.73
C ARG B 8 8.05 0.18 8.96
N ASN B 9 7.55 1.39 9.10
CA ASN B 9 8.19 2.52 8.38
C ASN B 9 9.44 2.97 9.16
N ARG B 10 10.49 2.21 9.08
CA ARG B 10 11.74 2.59 9.81
C ARG B 10 12.07 4.06 9.54
N PRO B 11 12.39 4.85 10.55
CA PRO B 11 12.73 6.30 10.35
C PRO B 11 14.13 6.48 9.75
N PRO B 12 14.41 7.63 9.18
CA PRO B 12 15.73 7.93 8.57
C PRO B 12 16.90 7.32 9.38
N LEU B 13 18.05 7.22 8.78
CA LEU B 13 19.22 6.64 9.50
C LEU B 13 19.45 7.41 10.80
N GLU B 14 19.50 8.72 10.72
CA GLU B 14 19.72 9.52 11.96
C GLU B 14 19.28 10.97 11.71
N GLU B 15 18.33 11.44 12.45
CA GLU B 15 17.86 12.85 12.27
C GLU B 15 18.87 13.80 12.91
N ASP B 16 19.17 14.89 12.26
CA ASP B 16 20.15 15.87 12.83
C ASP B 16 19.69 16.27 14.24
N ASP B 17 19.15 17.46 14.37
CA ASP B 17 18.70 17.93 15.71
C ASP B 17 17.68 16.93 16.29
N GLU B 18 16.94 17.34 17.27
CA GLU B 18 15.93 16.42 17.88
C GLU B 18 14.65 16.44 17.04
N GLU B 19 13.60 15.85 17.53
CA GLU B 19 12.32 15.84 16.77
C GLU B 19 11.63 17.20 16.91
N GLY B 20 12.09 18.20 16.20
CA GLY B 20 11.46 19.53 16.31
C GLY B 20 9.94 19.40 16.14
N GLU B 21 9.50 18.53 15.28
CA GLU B 21 8.04 18.36 15.06
C GLU B 21 7.43 17.72 16.32
N GLY A 1 1.98 7.72 14.69
CA GLY A 1 0.84 7.31 13.76
C GLY A 1 1.00 7.48 12.28
N GLY A 2 1.31 8.68 11.87
CA GLY A 2 1.49 8.94 10.42
C GLY A 2 0.13 8.84 9.74
N ALA A 3 -0.61 7.81 10.02
CA ALA A 3 -1.96 7.64 9.41
C ALA A 3 -2.72 8.97 9.49
N HIS A 4 -2.24 9.90 10.27
CA HIS A 4 -2.94 11.21 10.40
C HIS A 4 -2.43 12.20 9.34
N LYS A 5 -1.44 11.83 8.56
CA LYS A 5 -0.91 12.77 7.53
C LYS A 5 -0.30 11.99 6.36
N VAL A 6 -0.78 10.81 6.10
CA VAL A 6 -0.21 10.02 4.97
C VAL A 6 -0.73 10.57 3.63
N ARG A 7 0.09 10.51 2.63
CA ARG A 7 -0.31 10.96 1.26
C ARG A 7 -0.01 9.78 0.35
N ALA A 8 -1.02 9.14 -0.19
CA ALA A 8 -0.76 7.93 -1.03
C ALA A 8 -1.28 8.11 -2.46
N GLY A 9 -0.76 7.32 -3.36
CA GLY A 9 -1.20 7.37 -4.79
C GLY A 9 -1.97 6.08 -5.05
N GLY A 10 -2.25 5.74 -6.27
CA GLY A 10 -3.02 4.48 -6.48
C GLY A 10 -3.56 4.36 -7.90
N PRO A 11 -2.72 4.38 -8.89
CA PRO A 11 -3.17 4.25 -10.31
C PRO A 11 -3.95 2.96 -10.49
N GLY A 12 -3.63 1.96 -9.69
CA GLY A 12 -4.34 0.64 -9.78
C GLY A 12 -4.87 0.25 -8.39
N LEU A 13 -5.21 1.22 -7.57
CA LEU A 13 -5.73 0.91 -6.19
C LEU A 13 -7.20 1.37 -6.14
N GLU A 14 -7.65 2.00 -7.21
CA GLU A 14 -9.06 2.47 -7.28
C GLU A 14 -9.77 1.73 -8.42
N ARG A 15 -9.00 1.09 -9.27
CA ARG A 15 -9.59 0.34 -10.41
C ARG A 15 -8.47 -0.38 -11.16
N ALA A 16 -8.64 -1.65 -11.44
CA ALA A 16 -7.58 -2.42 -12.17
C ALA A 16 -8.25 -3.25 -13.28
N GLU A 17 -7.45 -3.91 -14.08
CA GLU A 17 -7.99 -4.75 -15.19
C GLU A 17 -7.16 -6.04 -15.23
N ALA A 18 -7.80 -7.16 -14.99
CA ALA A 18 -7.08 -8.47 -14.98
C ALA A 18 -5.94 -8.50 -16.00
N GLY A 19 -4.86 -9.16 -15.68
CA GLY A 19 -3.70 -9.25 -16.63
C GLY A 19 -2.91 -7.94 -16.66
N VAL A 20 -3.39 -6.91 -16.01
CA VAL A 20 -2.67 -5.59 -16.00
C VAL A 20 -2.10 -5.35 -14.59
N PRO A 21 -0.86 -4.91 -14.48
CA PRO A 21 -0.27 -4.64 -13.14
C PRO A 21 -0.90 -3.41 -12.48
N ALA A 22 -0.99 -3.40 -11.19
CA ALA A 22 -1.59 -2.24 -10.46
C ALA A 22 -0.66 -1.91 -9.29
N GLU A 23 -0.62 -0.68 -8.87
CA GLU A 23 0.30 -0.33 -7.76
C GLU A 23 -0.20 0.91 -7.02
N PHE A 24 0.53 1.30 -6.01
CA PHE A 24 0.18 2.50 -5.23
C PHE A 24 1.39 2.90 -4.39
N SER A 25 1.30 3.99 -3.68
CA SER A 25 2.46 4.43 -2.85
C SER A 25 1.95 5.07 -1.57
N ILE A 26 2.71 5.01 -0.51
CA ILE A 26 2.28 5.62 0.79
C ILE A 26 3.29 6.72 1.18
N TRP A 27 3.38 7.76 0.40
CA TRP A 27 4.35 8.85 0.71
C TRP A 27 4.09 9.37 2.12
N THR A 28 5.05 9.22 3.00
CA THR A 28 4.84 9.70 4.39
C THR A 28 6.18 9.77 5.12
N ARG A 29 7.22 10.15 4.44
CA ARG A 29 8.55 10.23 5.11
C ARG A 29 8.48 11.29 6.21
N GLU A 30 7.35 11.94 6.35
CA GLU A 30 7.20 12.97 7.42
C GLU A 30 6.94 12.26 8.74
N ALA A 31 6.14 11.23 8.71
CA ALA A 31 5.84 10.47 9.97
C ALA A 31 7.06 9.63 10.34
N GLY A 32 7.64 8.95 9.40
CA GLY A 32 8.84 8.10 9.69
C GLY A 32 8.61 7.30 10.97
N ALA A 33 7.44 6.75 11.14
CA ALA A 33 7.17 5.96 12.38
C ALA A 33 7.98 4.67 12.34
N GLY A 34 7.78 3.86 11.32
CA GLY A 34 8.55 2.58 11.23
C GLY A 34 7.68 1.51 10.55
N GLY A 35 7.47 0.41 11.21
CA GLY A 35 6.64 -0.68 10.62
C GLY A 35 5.38 -0.10 9.96
N LEU A 36 4.92 -0.72 8.91
CA LEU A 36 3.70 -0.23 8.21
C LEU A 36 2.93 -1.46 7.71
N ALA A 37 1.64 -1.51 7.93
CA ALA A 37 0.84 -2.69 7.50
C ALA A 37 0.23 -2.47 6.11
N ILE A 38 0.35 -3.45 5.25
CA ILE A 38 -0.22 -3.33 3.87
C ILE A 38 -0.67 -4.72 3.42
N ALA A 39 -1.96 -4.94 3.28
CA ALA A 39 -2.45 -6.29 2.86
C ALA A 39 -3.70 -6.15 1.98
N VAL A 40 -3.99 -7.16 1.21
CA VAL A 40 -5.19 -7.12 0.31
C VAL A 40 -5.98 -8.43 0.47
N GLU A 41 -7.28 -8.34 0.58
CA GLU A 41 -8.11 -9.58 0.72
C GLU A 41 -8.61 -10.03 -0.66
N GLY A 42 -8.25 -11.20 -1.08
CA GLY A 42 -8.71 -11.69 -2.42
C GLY A 42 -8.60 -13.21 -2.46
N PRO A 43 -9.04 -13.80 -3.55
CA PRO A 43 -8.98 -15.29 -3.73
C PRO A 43 -7.55 -15.79 -3.94
N SER A 44 -7.06 -15.75 -5.15
CA SER A 44 -5.68 -16.23 -5.41
C SER A 44 -5.16 -15.62 -6.71
N LYS A 45 -4.13 -16.19 -7.29
CA LYS A 45 -3.58 -15.65 -8.56
C LYS A 45 -3.20 -14.18 -8.37
N ALA A 46 -2.22 -13.92 -7.56
CA ALA A 46 -1.79 -12.51 -7.33
C ALA A 46 -0.33 -12.48 -6.89
N GLU A 47 0.48 -11.62 -7.46
CA GLU A 47 1.93 -11.55 -7.07
C GLU A 47 2.26 -10.15 -6.56
N ILE A 48 2.49 -10.01 -5.27
CA ILE A 48 2.81 -8.67 -4.70
C ILE A 48 4.33 -8.49 -4.61
N SER A 49 4.81 -7.28 -4.74
CA SER A 49 6.28 -7.02 -4.65
C SER A 49 6.50 -5.72 -3.88
N PHE A 50 6.86 -5.82 -2.62
CA PHE A 50 7.09 -4.58 -1.80
C PHE A 50 8.59 -4.30 -1.67
N GLU A 51 8.98 -3.07 -1.88
CA GLU A 51 10.42 -2.71 -1.77
C GLU A 51 10.52 -1.25 -1.29
N ASP A 52 10.78 -1.04 -0.03
CA ASP A 52 10.88 0.36 0.49
C ASP A 52 12.34 0.82 0.46
N ARG A 53 12.67 1.72 -0.42
CA ARG A 53 14.07 2.22 -0.49
C ARG A 53 14.09 3.64 -1.06
N LYS A 54 12.94 4.20 -1.32
CA LYS A 54 12.90 5.59 -1.89
C LYS A 54 12.83 6.61 -0.75
N ASP A 55 11.76 6.65 -0.02
CA ASP A 55 11.66 7.63 1.10
C ASP A 55 10.43 7.34 1.97
N GLY A 56 10.45 6.25 2.69
CA GLY A 56 9.30 5.90 3.57
C GLY A 56 8.07 5.54 2.72
N SER A 57 8.02 5.96 1.49
CA SER A 57 6.84 5.63 0.63
C SER A 57 6.90 4.14 0.29
N CYS A 58 5.85 3.41 0.58
CA CYS A 58 5.85 1.95 0.26
C CYS A 58 5.42 1.75 -1.19
N GLY A 59 6.35 1.47 -2.06
CA GLY A 59 6.00 1.24 -3.49
C GLY A 59 5.76 -0.25 -3.71
N VAL A 60 4.53 -0.61 -3.99
CA VAL A 60 4.20 -2.06 -4.21
C VAL A 60 3.36 -2.21 -5.49
N ALA A 61 3.51 -3.31 -6.19
CA ALA A 61 2.70 -3.52 -7.43
C ALA A 61 2.20 -4.96 -7.46
N TYR A 62 1.07 -5.18 -8.09
CA TYR A 62 0.53 -6.57 -8.14
C TYR A 62 -0.34 -6.74 -9.39
N VAL A 63 -0.26 -7.92 -9.98
CA VAL A 63 -1.10 -8.22 -11.18
C VAL A 63 -2.25 -9.11 -10.72
N VAL A 64 -3.45 -8.66 -10.89
CA VAL A 64 -4.63 -9.45 -10.44
C VAL A 64 -5.12 -10.36 -11.56
N GLN A 65 -6.16 -11.12 -11.31
CA GLN A 65 -6.72 -12.02 -12.34
C GLN A 65 -8.17 -12.32 -11.98
N GLU A 66 -8.98 -12.73 -12.92
CA GLU A 66 -10.41 -13.02 -12.59
C GLU A 66 -11.04 -11.76 -11.98
N PRO A 67 -11.83 -11.00 -12.73
CA PRO A 67 -12.47 -9.77 -12.22
C PRO A 67 -13.02 -9.92 -10.80
N GLY A 68 -13.13 -8.83 -10.08
CA GLY A 68 -13.65 -8.89 -8.69
C GLY A 68 -12.96 -7.80 -7.87
N ASP A 69 -13.67 -7.17 -6.97
CA ASP A 69 -13.04 -6.10 -6.16
C ASP A 69 -12.12 -6.72 -5.10
N TYR A 70 -11.09 -6.00 -4.72
CA TYR A 70 -10.14 -6.50 -3.67
C TYR A 70 -10.12 -5.52 -2.50
N GLU A 71 -10.48 -5.96 -1.32
CA GLU A 71 -10.48 -5.03 -0.16
C GLU A 71 -9.03 -4.70 0.21
N VAL A 72 -8.57 -3.52 -0.14
CA VAL A 72 -7.17 -3.13 0.18
C VAL A 72 -7.14 -2.50 1.57
N SER A 73 -6.65 -3.22 2.55
CA SER A 73 -6.58 -2.67 3.94
C SER A 73 -5.29 -1.86 4.07
N VAL A 74 -5.40 -0.56 4.23
CA VAL A 74 -4.20 0.32 4.36
C VAL A 74 -4.23 1.01 5.72
N LYS A 75 -3.34 0.68 6.61
CA LYS A 75 -3.34 1.33 7.97
C LYS A 75 -1.91 1.54 8.44
N PHE A 76 -1.67 2.58 9.21
CA PHE A 76 -0.29 2.85 9.72
C PHE A 76 -0.21 2.39 11.19
N ASN A 77 0.64 1.47 11.50
CA ASN A 77 0.73 1.00 12.92
C ASN A 77 -0.66 0.58 13.37
N GLU A 78 -1.38 -0.10 12.51
CA GLU A 78 -2.75 -0.57 12.86
C GLU A 78 -3.65 0.63 13.20
N GLU A 79 -3.47 1.75 12.53
CA GLU A 79 -4.35 2.93 12.79
C GLU A 79 -5.36 3.05 11.66
N HIS A 80 -5.17 3.97 10.77
CA HIS A 80 -6.12 4.11 9.63
C HIS A 80 -5.69 5.33 8.80
N ILE A 81 -5.02 5.13 7.70
CA ILE A 81 -4.61 6.29 6.87
C ILE A 81 -5.84 6.71 6.05
N PRO A 82 -5.95 7.96 5.68
CA PRO A 82 -7.08 8.50 4.88
C PRO A 82 -7.75 7.44 4.00
N ASP A 83 -8.97 7.12 4.30
CA ASP A 83 -9.71 6.10 3.51
C ASP A 83 -8.96 4.76 3.52
N SER A 84 -8.68 4.23 4.69
CA SER A 84 -7.97 2.93 4.79
C SER A 84 -8.52 1.93 3.76
N PRO A 85 -9.76 1.51 3.89
CA PRO A 85 -10.39 0.54 2.94
C PRO A 85 -10.50 1.11 1.52
N PHE A 86 -9.87 0.48 0.56
CA PHE A 86 -9.94 0.98 -0.84
C PHE A 86 -10.17 -0.22 -1.78
N VAL A 87 -11.40 -0.46 -2.16
CA VAL A 87 -11.70 -1.61 -3.07
C VAL A 87 -11.27 -1.26 -4.49
N VAL A 88 -10.87 -2.26 -5.25
CA VAL A 88 -10.42 -2.01 -6.66
C VAL A 88 -11.24 -2.89 -7.63
N PRO A 89 -12.26 -2.35 -8.24
CA PRO A 89 -13.08 -3.13 -9.23
C PRO A 89 -12.20 -3.64 -10.37
N VAL A 90 -11.90 -4.91 -10.38
CA VAL A 90 -11.02 -5.46 -11.47
C VAL A 90 -11.85 -5.86 -12.68
N ALA A 91 -11.32 -5.59 -13.85
CA ALA A 91 -12.05 -5.94 -15.12
C ALA A 91 -11.28 -7.05 -15.85
N SER A 92 -11.94 -7.76 -16.72
CA SER A 92 -11.25 -8.85 -17.47
C SER A 92 -10.00 -8.28 -18.15
N PRO A 93 -9.16 -9.13 -18.70
CA PRO A 93 -7.92 -8.68 -19.40
C PRO A 93 -8.16 -8.39 -20.89
N SER A 94 -7.78 -9.30 -21.74
CA SER A 94 -7.97 -9.12 -23.21
C SER A 94 -8.77 -10.31 -23.75
N GLY A 95 -8.71 -11.43 -23.06
CA GLY A 95 -9.46 -12.63 -23.54
C GLY A 95 -8.97 -13.02 -24.93
N TRP B 1 -6.20 -16.41 -0.67
CA TRP B 1 -7.20 -16.05 0.36
C TRP B 1 -6.90 -14.65 0.91
N LYS B 2 -5.73 -14.47 1.47
CA LYS B 2 -5.38 -13.13 2.02
C LYS B 2 -3.90 -13.13 2.42
N VAL B 3 -3.18 -12.11 2.03
CA VAL B 3 -1.73 -12.03 2.39
C VAL B 3 -1.33 -10.56 2.50
N GLY B 4 -0.04 -10.29 2.48
CA GLY B 4 0.41 -8.88 2.60
C GLY B 4 1.85 -8.85 3.12
N PHE B 5 2.30 -7.71 3.59
CA PHE B 5 3.69 -7.63 4.11
C PHE B 5 3.84 -6.32 4.91
N PHE B 6 5.05 -5.92 5.21
CA PHE B 6 5.24 -4.66 5.98
C PHE B 6 6.70 -4.20 5.85
N LYS B 7 6.95 -2.94 6.12
CA LYS B 7 8.35 -2.41 6.02
C LYS B 7 8.58 -1.39 7.14
N ARG B 8 9.80 -1.23 7.57
CA ARG B 8 10.09 -0.25 8.65
C ARG B 8 10.28 1.15 8.05
N ASN B 9 9.29 2.00 8.17
CA ASN B 9 9.41 3.37 7.61
C ASN B 9 10.21 4.23 8.59
N ARG B 10 11.51 4.12 8.56
CA ARG B 10 12.35 4.93 9.49
C ARG B 10 12.54 6.34 8.91
N PRO B 11 12.75 7.34 9.74
CA PRO B 11 12.95 8.74 9.27
C PRO B 11 13.80 8.80 7.99
N PRO B 12 13.68 9.86 7.23
CA PRO B 12 14.46 10.02 5.96
C PRO B 12 15.95 10.28 6.22
N LEU B 13 16.33 11.52 6.44
CA LEU B 13 17.76 11.84 6.71
C LEU B 13 18.02 11.84 8.21
N GLU B 14 17.28 11.06 8.95
CA GLU B 14 17.49 11.02 10.43
C GLU B 14 17.35 12.42 11.01
N GLU B 15 18.00 12.69 12.11
CA GLU B 15 17.92 14.05 12.72
C GLU B 15 16.46 14.38 13.01
N ASP B 16 16.21 15.36 13.84
CA ASP B 16 14.81 15.74 14.17
C ASP B 16 14.00 14.48 14.50
N ASP B 17 14.27 13.85 15.61
CA ASP B 17 13.52 12.62 15.96
C ASP B 17 12.03 12.95 16.06
N GLU B 18 11.24 12.05 16.59
CA GLU B 18 9.78 12.30 16.71
C GLU B 18 9.53 13.40 17.74
N GLU B 19 10.55 13.78 18.48
CA GLU B 19 10.37 14.84 19.50
C GLU B 19 10.19 16.19 18.81
N GLY B 20 9.47 17.09 19.43
CA GLY B 20 9.26 18.42 18.82
C GLY B 20 7.99 19.05 19.42
N GLU B 21 7.06 18.25 19.82
CA GLU B 21 5.81 18.78 20.41
C GLU B 21 6.15 19.75 21.55
N GLY A 1 -0.48 14.10 9.34
CA GLY A 1 -1.25 13.53 8.16
C GLY A 1 -0.51 12.72 7.13
N GLY A 2 0.56 13.26 6.62
CA GLY A 2 1.35 12.54 5.58
C GLY A 2 0.53 12.44 4.31
N ALA A 3 -0.66 11.93 4.40
CA ALA A 3 -1.54 11.80 3.21
C ALA A 3 -1.55 13.12 2.44
N HIS A 4 -1.03 14.17 3.01
CA HIS A 4 -1.01 15.49 2.31
C HIS A 4 0.26 15.66 1.48
N LYS A 5 1.17 14.72 1.53
CA LYS A 5 2.43 14.87 0.72
C LYS A 5 2.91 13.49 0.25
N VAL A 6 2.02 12.54 0.13
CA VAL A 6 2.45 11.19 -0.32
C VAL A 6 2.66 11.17 -1.84
N ARG A 7 3.62 10.41 -2.27
CA ARG A 7 3.89 10.26 -3.73
C ARG A 7 3.92 8.77 -3.99
N ALA A 8 2.98 8.24 -4.74
CA ALA A 8 2.93 6.76 -4.95
C ALA A 8 2.93 6.40 -6.44
N GLY A 9 3.32 5.19 -6.73
CA GLY A 9 3.34 4.68 -8.13
C GLY A 9 2.22 3.65 -8.24
N GLY A 10 2.15 2.87 -9.28
CA GLY A 10 1.05 1.88 -9.33
C GLY A 10 0.91 1.23 -10.71
N PRO A 11 1.94 0.58 -11.19
CA PRO A 11 1.88 -0.11 -12.51
C PRO A 11 0.73 -1.12 -12.54
N GLY A 12 0.41 -1.66 -11.39
CA GLY A 12 -0.71 -2.67 -11.28
C GLY A 12 -1.69 -2.24 -10.19
N LEU A 13 -1.83 -0.96 -9.97
CA LEU A 13 -2.78 -0.45 -8.91
C LEU A 13 -3.92 0.27 -9.62
N GLU A 14 -3.80 0.43 -10.92
CA GLU A 14 -4.88 1.12 -11.70
C GLU A 14 -5.49 0.11 -12.68
N ARG A 15 -4.82 -0.99 -12.89
CA ARG A 15 -5.35 -2.03 -13.83
C ARG A 15 -4.38 -3.21 -13.85
N ALA A 16 -4.90 -4.41 -13.71
CA ALA A 16 -4.03 -5.63 -13.70
C ALA A 16 -4.64 -6.70 -14.63
N GLU A 17 -3.94 -7.79 -14.80
CA GLU A 17 -4.45 -8.89 -15.67
C GLU A 17 -4.21 -10.21 -14.94
N ALA A 18 -5.27 -10.93 -14.67
CA ALA A 18 -5.15 -12.24 -13.94
C ALA A 18 -3.86 -12.98 -14.32
N GLY A 19 -3.25 -13.65 -13.39
CA GLY A 19 -2.00 -14.42 -13.68
C GLY A 19 -0.80 -13.48 -13.80
N VAL A 20 -1.02 -12.19 -13.78
CA VAL A 20 0.12 -11.22 -13.89
C VAL A 20 0.31 -10.51 -12.53
N PRO A 21 1.51 -10.36 -12.05
CA PRO A 21 1.75 -9.69 -10.74
C PRO A 21 1.47 -8.19 -10.85
N ALA A 22 1.06 -7.57 -9.77
CA ALA A 22 0.77 -6.11 -9.79
C ALA A 22 1.39 -5.51 -8.53
N GLU A 23 1.80 -4.26 -8.57
CA GLU A 23 2.42 -3.68 -7.36
C GLU A 23 2.27 -2.16 -7.35
N PHE A 24 2.74 -1.53 -6.31
CA PHE A 24 2.70 -0.05 -6.22
C PHE A 24 3.76 0.40 -5.22
N SER A 25 3.75 1.65 -4.87
CA SER A 25 4.76 2.15 -3.90
C SER A 25 4.21 3.42 -3.25
N ILE A 26 4.53 3.65 -2.00
CA ILE A 26 4.03 4.87 -1.29
C ILE A 26 5.23 5.72 -0.86
N TRP A 27 5.97 6.23 -1.81
CA TRP A 27 7.16 7.06 -1.47
C TRP A 27 6.75 8.22 -0.56
N THR A 28 7.21 8.21 0.66
CA THR A 28 6.84 9.31 1.61
C THR A 28 7.77 9.25 2.83
N ARG A 29 9.04 9.46 2.64
CA ARG A 29 9.98 9.43 3.78
C ARG A 29 9.93 10.78 4.52
N GLU A 30 9.21 11.73 3.98
CA GLU A 30 9.11 13.06 4.63
C GLU A 30 8.08 12.97 5.76
N ALA A 31 6.97 12.36 5.50
CA ALA A 31 5.93 12.23 6.56
C ALA A 31 6.53 11.49 7.76
N GLY A 32 7.24 10.41 7.50
CA GLY A 32 7.87 9.63 8.61
C GLY A 32 6.92 9.52 9.80
N ALA A 33 6.18 8.44 9.88
CA ALA A 33 5.23 8.24 11.03
C ALA A 33 5.45 6.86 11.63
N GLY A 34 4.85 5.85 11.05
CA GLY A 34 5.03 4.47 11.59
C GLY A 34 4.06 3.51 10.92
N GLY A 35 3.46 2.63 11.68
CA GLY A 35 2.50 1.64 11.10
C GLY A 35 1.57 2.34 10.09
N LEU A 36 1.82 2.14 8.83
CA LEU A 36 0.96 2.78 7.79
C LEU A 36 -0.27 1.91 7.56
N ALA A 37 -1.40 2.52 7.28
CA ALA A 37 -2.66 1.72 7.08
C ALA A 37 -2.85 1.41 5.59
N ILE A 38 -2.70 0.16 5.22
CA ILE A 38 -2.89 -0.24 3.80
C ILE A 38 -3.45 -1.67 3.76
N ALA A 39 -4.56 -1.87 3.09
CA ALA A 39 -5.15 -3.24 3.03
C ALA A 39 -5.94 -3.41 1.73
N VAL A 40 -6.19 -4.64 1.34
CA VAL A 40 -6.95 -4.90 0.08
C VAL A 40 -8.04 -5.94 0.35
N GLU A 41 -9.11 -5.91 -0.41
CA GLU A 41 -10.22 -6.90 -0.18
C GLU A 41 -10.85 -7.27 -1.53
N GLY A 42 -11.19 -8.51 -1.70
CA GLY A 42 -11.83 -8.94 -2.98
C GLY A 42 -12.02 -10.46 -2.96
N PRO A 43 -12.89 -10.96 -3.82
CA PRO A 43 -13.16 -12.43 -3.91
C PRO A 43 -12.02 -13.20 -4.58
N SER A 44 -10.90 -13.32 -3.92
CA SER A 44 -9.76 -14.06 -4.53
C SER A 44 -8.65 -14.24 -3.49
N LYS A 45 -7.92 -15.32 -3.57
CA LYS A 45 -6.82 -15.55 -2.59
C LYS A 45 -5.54 -14.89 -3.11
N ALA A 46 -5.57 -13.59 -3.31
CA ALA A 46 -4.36 -12.88 -3.80
C ALA A 46 -3.21 -13.11 -2.83
N GLU A 47 -1.99 -13.01 -3.29
CA GLU A 47 -0.80 -13.22 -2.40
C GLU A 47 -0.10 -11.88 -2.20
N ILE A 48 -0.13 -11.35 -0.99
CA ILE A 48 0.54 -10.04 -0.72
C ILE A 48 1.94 -10.28 -0.16
N SER A 49 2.88 -9.46 -0.57
CA SER A 49 4.28 -9.62 -0.07
C SER A 49 4.92 -8.22 0.03
N PHE A 50 4.99 -7.68 1.22
CA PHE A 50 5.59 -6.32 1.40
C PHE A 50 7.00 -6.43 1.95
N GLU A 51 7.74 -5.36 1.92
CA GLU A 51 9.14 -5.39 2.44
C GLU A 51 9.44 -4.05 3.14
N ASP A 52 9.54 -4.07 4.44
CA ASP A 52 9.82 -2.80 5.18
C ASP A 52 11.09 -2.16 4.63
N ARG A 53 11.07 -0.86 4.43
CA ARG A 53 12.27 -0.15 3.89
C ARG A 53 12.42 1.18 4.63
N LYS A 54 13.60 1.49 5.09
CA LYS A 54 13.81 2.77 5.81
C LYS A 54 13.48 3.95 4.89
N ASP A 55 13.05 3.67 3.69
CA ASP A 55 12.71 4.78 2.74
C ASP A 55 11.26 5.21 2.96
N GLY A 56 10.57 4.58 3.86
CA GLY A 56 9.15 4.95 4.12
C GLY A 56 8.28 4.48 2.95
N SER A 57 8.88 4.23 1.81
CA SER A 57 8.09 3.77 0.64
C SER A 57 7.68 2.31 0.85
N CYS A 58 6.41 2.02 0.77
CA CYS A 58 5.94 0.62 0.97
C CYS A 58 5.92 -0.11 -0.38
N GLY A 59 6.89 -0.97 -0.61
CA GLY A 59 6.92 -1.72 -1.90
C GLY A 59 6.21 -3.06 -1.70
N VAL A 60 5.08 -3.25 -2.34
CA VAL A 60 4.31 -4.52 -2.18
C VAL A 60 3.84 -5.01 -3.56
N ALA A 61 3.74 -6.31 -3.74
CA ALA A 61 3.28 -6.85 -5.06
C ALA A 61 2.36 -8.04 -4.84
N TYR A 62 1.46 -8.31 -5.76
CA TYR A 62 0.55 -9.46 -5.57
C TYR A 62 0.05 -9.95 -6.93
N VAL A 63 -0.32 -11.21 -6.98
CA VAL A 63 -0.86 -11.79 -8.25
C VAL A 63 -2.33 -12.11 -8.02
N VAL A 64 -3.19 -11.47 -8.75
CA VAL A 64 -4.65 -11.69 -8.57
C VAL A 64 -5.09 -12.93 -9.35
N GLN A 65 -6.18 -13.53 -8.96
CA GLN A 65 -6.66 -14.76 -9.66
C GLN A 65 -7.63 -14.39 -10.79
N GLU A 66 -8.85 -14.86 -10.73
CA GLU A 66 -9.83 -14.55 -11.81
C GLU A 66 -10.15 -13.04 -11.81
N PRO A 67 -10.51 -12.49 -12.95
CA PRO A 67 -10.85 -11.04 -13.06
C PRO A 67 -11.69 -10.54 -11.87
N GLY A 68 -11.68 -9.25 -11.67
CA GLY A 68 -12.47 -8.66 -10.54
C GLY A 68 -11.72 -7.45 -9.98
N ASP A 69 -12.41 -6.38 -9.72
CA ASP A 69 -11.71 -5.18 -9.18
C ASP A 69 -11.37 -5.39 -7.71
N TYR A 70 -10.32 -4.75 -7.25
CA TYR A 70 -9.90 -4.91 -5.81
C TYR A 70 -9.88 -3.53 -5.14
N GLU A 71 -10.71 -3.33 -4.16
CA GLU A 71 -10.74 -2.01 -3.47
C GLU A 71 -9.45 -1.83 -2.67
N VAL A 72 -8.54 -1.03 -3.16
CA VAL A 72 -7.26 -0.81 -2.43
C VAL A 72 -7.39 0.42 -1.54
N SER A 73 -7.58 0.22 -0.27
CA SER A 73 -7.71 1.39 0.66
C SER A 73 -6.32 1.86 1.09
N VAL A 74 -5.94 3.04 0.67
CA VAL A 74 -4.60 3.59 1.03
C VAL A 74 -4.79 4.82 1.92
N LYS A 75 -4.44 4.74 3.18
CA LYS A 75 -4.62 5.92 4.10
C LYS A 75 -3.33 6.16 4.90
N PHE A 76 -2.98 7.41 5.09
CA PHE A 76 -1.75 7.75 5.87
C PHE A 76 -2.19 8.33 7.22
N ASN A 77 -1.61 7.87 8.30
CA ASN A 77 -2.02 8.41 9.62
C ASN A 77 -3.54 8.37 9.73
N GLU A 78 -4.13 7.31 9.23
CA GLU A 78 -5.61 7.16 9.27
C GLU A 78 -6.28 8.33 8.56
N GLU A 79 -5.74 8.74 7.43
CA GLU A 79 -6.34 9.88 6.66
C GLU A 79 -6.76 9.36 5.28
N HIS A 80 -6.20 9.90 4.23
CA HIS A 80 -6.56 9.41 2.87
C HIS A 80 -5.60 10.04 1.84
N ILE A 81 -4.55 9.34 1.51
CA ILE A 81 -3.58 9.90 0.52
C ILE A 81 -4.32 10.05 -0.82
N PRO A 82 -3.94 11.02 -1.63
CA PRO A 82 -4.57 11.27 -2.94
C PRO A 82 -5.23 10.03 -3.55
N ASP A 83 -6.49 10.12 -3.87
CA ASP A 83 -7.21 8.96 -4.46
C ASP A 83 -6.99 7.73 -3.57
N SER A 84 -7.23 7.85 -2.29
CA SER A 84 -7.03 6.69 -1.38
C SER A 84 -7.66 5.43 -1.99
N PRO A 85 -8.96 5.38 -2.16
CA PRO A 85 -9.63 4.19 -2.77
C PRO A 85 -9.21 4.00 -4.22
N PHE A 86 -8.44 2.99 -4.52
CA PHE A 86 -7.98 2.76 -5.94
C PHE A 86 -8.39 1.36 -6.40
N VAL A 87 -9.48 1.25 -7.11
CA VAL A 87 -9.92 -0.10 -7.60
C VAL A 87 -9.05 -0.49 -8.80
N VAL A 88 -8.75 -1.76 -8.94
CA VAL A 88 -7.91 -2.22 -10.08
C VAL A 88 -8.68 -3.23 -10.95
N PRO A 89 -9.27 -2.80 -12.03
CA PRO A 89 -10.01 -3.73 -12.94
C PRO A 89 -9.09 -4.84 -13.45
N VAL A 90 -9.26 -6.04 -12.94
CA VAL A 90 -8.38 -7.16 -13.39
C VAL A 90 -8.95 -7.81 -14.64
N ALA A 91 -8.09 -8.22 -15.53
CA ALA A 91 -8.55 -8.89 -16.79
C ALA A 91 -8.09 -10.35 -16.80
N SER A 92 -8.76 -11.18 -17.53
CA SER A 92 -8.38 -12.61 -17.58
C SER A 92 -6.87 -12.71 -17.89
N PRO A 93 -6.28 -13.88 -17.79
CA PRO A 93 -4.84 -14.08 -18.07
C PRO A 93 -4.58 -14.39 -19.55
N SER A 94 -4.35 -15.64 -19.86
CA SER A 94 -4.09 -16.06 -21.27
C SER A 94 -5.07 -17.18 -21.64
N GLY A 95 -5.55 -17.90 -20.66
CA GLY A 95 -6.50 -19.02 -20.96
C GLY A 95 -5.85 -19.99 -21.94
N TRP B 1 -10.90 -12.40 0.44
CA TRP B 1 -11.20 -12.03 1.85
C TRP B 1 -10.63 -10.64 2.15
N LYS B 2 -10.99 -10.07 3.27
CA LYS B 2 -10.47 -8.72 3.62
C LYS B 2 -9.05 -8.84 4.18
N VAL B 3 -8.09 -9.16 3.34
CA VAL B 3 -6.68 -9.29 3.83
C VAL B 3 -6.01 -7.92 3.81
N GLY B 4 -4.77 -7.86 4.24
CA GLY B 4 -4.06 -6.55 4.25
C GLY B 4 -2.81 -6.64 5.13
N PHE B 5 -2.11 -5.56 5.29
CA PHE B 5 -0.87 -5.57 6.13
C PHE B 5 -0.56 -4.14 6.58
N PHE B 6 0.44 -3.96 7.40
CA PHE B 6 0.80 -2.58 7.89
C PHE B 6 2.31 -2.40 7.86
N LYS B 7 2.75 -1.32 7.25
CA LYS B 7 4.23 -1.05 7.15
C LYS B 7 4.61 0.03 8.17
N ARG B 8 5.77 -0.10 8.77
CA ARG B 8 6.21 0.91 9.77
C ARG B 8 7.08 1.97 9.09
N ASN B 9 6.48 3.06 8.68
CA ASN B 9 7.27 4.14 8.02
C ASN B 9 7.88 5.06 9.08
N ARG B 10 9.16 4.96 9.29
CA ARG B 10 9.81 5.83 10.32
C ARG B 10 11.33 5.70 10.21
N PRO B 11 11.91 6.33 9.22
CA PRO B 11 13.39 6.28 8.99
C PRO B 11 14.21 6.76 10.22
N PRO B 12 13.83 7.84 10.88
CA PRO B 12 14.60 8.33 12.06
C PRO B 12 14.21 7.60 13.36
N LEU B 13 15.10 7.56 14.32
CA LEU B 13 14.79 6.87 15.59
C LEU B 13 13.72 7.66 16.34
N GLU B 14 13.49 7.34 17.59
CA GLU B 14 12.46 8.08 18.38
C GLU B 14 12.92 9.53 18.57
N GLU B 15 12.00 10.46 18.57
CA GLU B 15 12.38 11.89 18.76
C GLU B 15 12.42 12.22 20.25
N ASP B 16 11.71 11.46 21.06
CA ASP B 16 11.71 11.74 22.52
C ASP B 16 13.14 11.92 23.02
N ASP B 17 13.41 13.01 23.68
CA ASP B 17 14.79 13.24 24.19
C ASP B 17 15.20 12.09 25.11
N GLU B 18 16.20 12.29 25.92
CA GLU B 18 16.64 11.21 26.85
C GLU B 18 15.43 10.66 27.60
N GLU B 19 15.44 9.38 27.89
CA GLU B 19 14.29 8.78 28.62
C GLU B 19 14.20 9.37 30.03
N GLY B 20 13.03 9.42 30.59
CA GLY B 20 12.87 9.97 31.96
C GLY B 20 11.42 10.42 32.15
N GLU B 21 10.78 10.83 31.10
CA GLU B 21 9.36 11.29 31.21
C GLU B 21 8.46 10.08 31.42
N GLY A 1 -1.50 12.02 12.01
CA GLY A 1 -1.95 12.58 10.66
C GLY A 1 -1.08 12.39 9.46
N GLY A 2 -0.19 11.44 9.51
CA GLY A 2 0.70 11.21 8.34
C GLY A 2 -0.13 11.13 7.07
N ALA A 3 -1.26 10.49 7.13
CA ALA A 3 -2.15 10.39 5.93
C ALA A 3 -2.30 11.77 5.28
N HIS A 4 -1.89 12.80 5.97
CA HIS A 4 -2.02 14.18 5.43
C HIS A 4 -0.80 14.56 4.58
N LYS A 5 0.25 13.76 4.60
CA LYS A 5 1.47 14.10 3.79
C LYS A 5 2.10 12.83 3.21
N VAL A 6 1.31 11.84 2.95
CA VAL A 6 1.86 10.59 2.36
C VAL A 6 2.05 10.77 0.85
N ARG A 7 3.07 10.14 0.32
CA ARG A 7 3.32 10.21 -1.14
C ARG A 7 3.40 8.77 -1.60
N ALA A 8 2.44 8.32 -2.38
CA ALA A 8 2.44 6.89 -2.81
C ALA A 8 2.44 6.75 -4.33
N GLY A 9 2.86 5.60 -4.80
CA GLY A 9 2.89 5.32 -6.26
C GLY A 9 1.80 4.29 -6.54
N GLY A 10 1.78 3.67 -7.68
CA GLY A 10 0.71 2.67 -7.91
C GLY A 10 0.59 2.28 -9.38
N PRO A 11 1.63 1.74 -9.97
CA PRO A 11 1.60 1.30 -11.38
C PRO A 11 0.49 0.27 -11.59
N GLY A 12 0.18 -0.46 -10.55
CA GLY A 12 -0.90 -1.50 -10.62
C GLY A 12 -1.90 -1.30 -9.48
N LEU A 13 -2.09 -0.07 -9.06
CA LEU A 13 -3.06 0.22 -7.95
C LEU A 13 -4.21 1.04 -8.54
N GLU A 14 -4.09 1.41 -9.79
CA GLU A 14 -5.16 2.19 -10.47
C GLU A 14 -5.70 1.36 -11.64
N ARG A 15 -4.99 0.33 -12.01
CA ARG A 15 -5.46 -0.53 -13.14
C ARG A 15 -4.50 -1.72 -13.28
N ALA A 16 -5.02 -2.92 -13.37
CA ALA A 16 -4.14 -4.13 -13.51
C ALA A 16 -4.71 -5.03 -14.61
N GLU A 17 -4.01 -6.09 -14.94
CA GLU A 17 -4.48 -7.02 -16.00
C GLU A 17 -4.16 -8.45 -15.54
N ALA A 18 -5.19 -9.25 -15.35
CA ALA A 18 -4.99 -10.67 -14.89
C ALA A 18 -3.67 -11.26 -15.41
N GLY A 19 -3.01 -12.05 -14.61
CA GLY A 19 -1.73 -12.68 -15.03
C GLY A 19 -0.58 -11.66 -15.01
N VAL A 20 -0.84 -10.43 -14.65
CA VAL A 20 0.24 -9.39 -14.61
C VAL A 20 0.41 -8.92 -13.16
N PRO A 21 1.63 -8.79 -12.67
CA PRO A 21 1.86 -8.34 -11.28
C PRO A 21 1.50 -6.85 -11.11
N ALA A 22 1.04 -6.47 -9.95
CA ALA A 22 0.68 -5.05 -9.70
C ALA A 22 1.28 -4.66 -8.35
N GLU A 23 1.64 -3.42 -8.17
CA GLU A 23 2.25 -3.03 -6.88
C GLU A 23 2.05 -1.53 -6.62
N PHE A 24 2.54 -1.08 -5.51
CA PHE A 24 2.43 0.36 -5.17
C PHE A 24 3.41 0.66 -4.05
N SER A 25 3.46 1.88 -3.59
CA SER A 25 4.42 2.23 -2.49
C SER A 25 3.85 3.37 -1.67
N ILE A 26 4.20 3.44 -0.41
CA ILE A 26 3.68 4.54 0.48
C ILE A 26 4.89 5.36 0.98
N TRP A 27 5.58 6.02 0.09
CA TRP A 27 6.77 6.82 0.51
C TRP A 27 6.38 7.79 1.62
N THR A 28 6.88 7.57 2.80
CA THR A 28 6.55 8.47 3.93
C THR A 28 7.53 8.21 5.08
N ARG A 29 8.58 8.98 5.16
CA ARG A 29 9.59 8.79 6.25
C ARG A 29 9.35 9.82 7.36
N GLU A 30 9.31 11.08 7.01
CA GLU A 30 9.08 12.13 8.04
C GLU A 30 7.89 11.74 8.91
N ALA A 31 6.82 11.30 8.30
CA ALA A 31 5.63 10.89 9.09
C ALA A 31 5.90 9.55 9.77
N GLY A 32 7.10 9.05 9.64
CA GLY A 32 7.45 7.74 10.27
C GLY A 32 6.87 7.66 11.69
N ALA A 33 6.23 6.58 12.01
CA ALA A 33 5.64 6.42 13.37
C ALA A 33 5.70 4.95 13.78
N GLY A 34 5.40 4.05 12.88
CA GLY A 34 5.45 2.60 13.23
C GLY A 34 4.42 1.84 12.39
N GLY A 35 3.67 0.97 13.02
CA GLY A 35 2.64 0.16 12.28
C GLY A 35 1.91 1.02 11.25
N LEU A 36 1.54 0.42 10.16
CA LEU A 36 0.80 1.15 9.09
C LEU A 36 -0.36 0.26 8.64
N ALA A 37 -1.51 0.82 8.36
CA ALA A 37 -2.68 -0.03 7.95
C ALA A 37 -2.74 -0.17 6.43
N ILE A 38 -2.65 -1.38 5.94
CA ILE A 38 -2.72 -1.63 4.47
C ILE A 38 -3.40 -2.97 4.23
N ALA A 39 -4.59 -2.97 3.67
CA ALA A 39 -5.30 -4.25 3.42
C ALA A 39 -6.15 -4.14 2.16
N VAL A 40 -6.68 -5.25 1.69
CA VAL A 40 -7.53 -5.23 0.45
C VAL A 40 -8.81 -6.02 0.72
N GLU A 41 -9.95 -5.39 0.56
CA GLU A 41 -11.24 -6.11 0.80
C GLU A 41 -11.72 -6.73 -0.52
N GLY A 42 -12.00 -8.00 -0.52
CA GLY A 42 -12.46 -8.67 -1.76
C GLY A 42 -12.22 -10.18 -1.65
N PRO A 43 -12.50 -10.92 -2.69
CA PRO A 43 -12.30 -12.40 -2.68
C PRO A 43 -10.81 -12.78 -2.71
N SER A 44 -10.43 -13.79 -1.97
CA SER A 44 -8.99 -14.20 -1.95
C SER A 44 -8.62 -14.84 -3.28
N LYS A 45 -7.93 -14.13 -4.13
CA LYS A 45 -7.54 -14.69 -5.46
C LYS A 45 -6.25 -14.02 -5.93
N ALA A 46 -5.37 -13.69 -5.02
CA ALA A 46 -4.09 -13.02 -5.41
C ALA A 46 -3.04 -13.31 -4.35
N GLU A 47 -1.77 -13.20 -4.70
CA GLU A 47 -0.67 -13.47 -3.72
C GLU A 47 0.00 -12.15 -3.36
N ILE A 48 -0.21 -11.67 -2.15
CA ILE A 48 0.42 -10.39 -1.73
C ILE A 48 1.81 -10.66 -1.15
N SER A 49 2.72 -9.74 -1.32
CA SER A 49 4.10 -9.94 -0.78
C SER A 49 4.67 -8.58 -0.34
N PHE A 50 4.65 -8.30 0.93
CA PHE A 50 5.18 -7.00 1.43
C PHE A 50 6.62 -7.18 1.94
N GLU A 51 7.33 -6.10 2.14
CA GLU A 51 8.72 -6.21 2.65
C GLU A 51 9.05 -4.95 3.46
N ASP A 52 9.26 -5.10 4.74
CA ASP A 52 9.58 -3.92 5.59
C ASP A 52 10.80 -3.19 5.01
N ARG A 53 10.96 -1.95 5.35
CA ARG A 53 12.13 -1.18 4.83
C ARG A 53 12.33 0.07 5.70
N LYS A 54 13.55 0.37 6.06
CA LYS A 54 13.80 1.57 6.92
C LYS A 54 13.47 2.85 6.16
N ASP A 55 12.80 2.74 5.04
CA ASP A 55 12.45 3.95 4.24
C ASP A 55 10.99 4.33 4.54
N GLY A 56 10.31 3.54 5.34
CA GLY A 56 8.89 3.85 5.67
C GLY A 56 8.01 3.54 4.46
N SER A 57 8.58 3.49 3.30
CA SER A 57 7.77 3.18 2.08
C SER A 57 7.35 1.71 2.12
N CYS A 58 6.08 1.44 2.03
CA CYS A 58 5.62 0.03 2.05
C CYS A 58 5.61 -0.53 0.63
N GLY A 59 6.58 -1.34 0.30
CA GLY A 59 6.63 -1.93 -1.08
C GLY A 59 5.92 -3.28 -1.09
N VAL A 60 4.82 -3.37 -1.80
CA VAL A 60 4.05 -4.65 -1.87
C VAL A 60 3.63 -4.92 -3.31
N ALA A 61 3.53 -6.17 -3.69
CA ALA A 61 3.12 -6.50 -5.09
C ALA A 61 2.16 -7.69 -5.07
N TYR A 62 1.31 -7.78 -6.05
CA TYR A 62 0.34 -8.92 -6.09
C TYR A 62 -0.03 -9.24 -7.53
N VAL A 63 -0.15 -10.50 -7.84
CA VAL A 63 -0.55 -10.93 -9.21
C VAL A 63 -1.97 -11.47 -9.14
N VAL A 64 -2.89 -10.77 -9.72
CA VAL A 64 -4.31 -11.22 -9.69
C VAL A 64 -4.54 -12.27 -10.78
N GLN A 65 -5.68 -12.92 -10.78
CA GLN A 65 -5.96 -13.95 -11.82
C GLN A 65 -7.46 -14.03 -12.07
N GLU A 66 -8.13 -12.92 -12.08
CA GLU A 66 -9.60 -12.94 -12.31
C GLU A 66 -10.10 -11.49 -12.44
N PRO A 67 -10.45 -11.03 -13.63
CA PRO A 67 -10.92 -9.64 -13.84
C PRO A 67 -11.88 -9.19 -12.73
N GLY A 68 -11.91 -7.90 -12.46
CA GLY A 68 -12.80 -7.36 -11.40
C GLY A 68 -12.03 -6.33 -10.58
N ASP A 69 -12.68 -5.31 -10.10
CA ASP A 69 -11.97 -4.29 -9.29
C ASP A 69 -11.68 -4.83 -7.90
N TYR A 70 -10.62 -4.35 -7.28
CA TYR A 70 -10.25 -4.80 -5.90
C TYR A 70 -10.24 -3.59 -4.96
N GLU A 71 -11.07 -3.59 -3.95
CA GLU A 71 -11.11 -2.45 -3.01
C GLU A 71 -9.80 -2.40 -2.21
N VAL A 72 -8.92 -1.50 -2.55
CA VAL A 72 -7.62 -1.40 -1.82
C VAL A 72 -7.72 -0.32 -0.74
N SER A 73 -7.82 -0.72 0.49
CA SER A 73 -7.92 0.28 1.60
C SER A 73 -6.51 0.74 1.99
N VAL A 74 -6.28 2.03 2.02
CA VAL A 74 -4.94 2.57 2.39
C VAL A 74 -5.11 3.71 3.39
N LYS A 75 -4.64 3.53 4.60
CA LYS A 75 -4.79 4.61 5.63
C LYS A 75 -3.52 4.68 6.49
N PHE A 76 -3.22 5.85 7.01
CA PHE A 76 -2.01 6.01 7.87
C PHE A 76 -2.48 6.16 9.32
N ASN A 77 -1.91 5.42 10.22
CA ASN A 77 -2.36 5.51 11.64
C ASN A 77 -3.88 5.37 11.67
N GLU A 78 -4.41 4.49 10.86
CA GLU A 78 -5.89 4.28 10.80
C GLU A 78 -6.59 5.60 10.48
N GLU A 79 -6.05 6.34 9.54
CA GLU A 79 -6.68 7.65 9.14
C GLU A 79 -7.23 7.53 7.72
N HIS A 80 -6.54 8.08 6.75
CA HIS A 80 -7.03 8.00 5.36
C HIS A 80 -6.09 8.82 4.46
N ILE A 81 -5.15 8.19 3.82
CA ILE A 81 -4.22 8.95 2.94
C ILE A 81 -4.98 9.26 1.64
N PRO A 82 -4.60 10.32 0.95
CA PRO A 82 -5.25 10.75 -0.31
C PRO A 82 -5.93 9.60 -1.06
N ASP A 83 -7.24 9.64 -1.11
CA ASP A 83 -8.00 8.56 -1.81
C ASP A 83 -7.68 7.20 -1.16
N SER A 84 -7.91 7.08 0.12
CA SER A 84 -7.62 5.79 0.82
C SER A 84 -8.10 4.59 -0.04
N PRO A 85 -9.38 4.46 -0.29
CA PRO A 85 -9.92 3.35 -1.12
C PRO A 85 -9.50 3.49 -2.59
N PHE A 86 -8.66 2.60 -3.07
CA PHE A 86 -8.20 2.68 -4.50
C PHE A 86 -8.61 1.41 -5.25
N VAL A 87 -9.69 1.46 -5.98
CA VAL A 87 -10.15 0.27 -6.74
C VAL A 87 -9.26 0.08 -7.97
N VAL A 88 -8.98 -1.14 -8.36
CA VAL A 88 -8.11 -1.40 -9.55
C VAL A 88 -8.86 -2.25 -10.58
N PRO A 89 -9.44 -1.65 -11.60
CA PRO A 89 -10.14 -2.41 -12.66
C PRO A 89 -9.21 -3.44 -13.30
N VAL A 90 -9.38 -4.70 -12.99
CA VAL A 90 -8.49 -5.74 -13.57
C VAL A 90 -9.03 -6.23 -14.90
N ALA A 91 -8.14 -6.52 -15.83
CA ALA A 91 -8.57 -7.00 -17.18
C ALA A 91 -8.02 -8.41 -17.41
N SER A 92 -8.62 -9.15 -18.30
CA SER A 92 -8.15 -10.53 -18.59
C SER A 92 -6.63 -10.49 -18.89
N PRO A 93 -6.00 -11.64 -18.98
CA PRO A 93 -4.54 -11.73 -19.26
C PRO A 93 -4.25 -11.75 -20.76
N SER A 94 -3.95 -12.91 -21.30
CA SER A 94 -3.65 -13.05 -22.75
C SER A 94 -4.56 -14.12 -23.35
N GLY A 95 -5.02 -15.03 -22.52
CA GLY A 95 -5.90 -16.13 -23.04
C GLY A 95 -6.97 -15.54 -23.96
N TRP B 1 -12.71 -14.00 0.43
CA TRP B 1 -13.06 -13.46 1.78
C TRP B 1 -12.39 -12.10 1.97
N LYS B 2 -11.32 -12.06 2.71
CA LYS B 2 -10.62 -10.76 2.94
C LYS B 2 -9.24 -11.02 3.55
N VAL B 3 -8.29 -10.17 3.27
CA VAL B 3 -6.93 -10.36 3.85
C VAL B 3 -6.22 -9.01 3.92
N GLY B 4 -4.94 -9.01 4.17
CA GLY B 4 -4.19 -7.73 4.25
C GLY B 4 -2.97 -7.92 5.15
N PHE B 5 -2.34 -6.84 5.54
CA PHE B 5 -1.14 -6.96 6.42
C PHE B 5 -0.75 -5.58 6.95
N PHE B 6 0.40 -5.45 7.55
CA PHE B 6 0.83 -4.12 8.08
C PHE B 6 2.36 -4.07 8.14
N LYS B 7 2.91 -2.89 8.27
CA LYS B 7 4.40 -2.74 8.34
C LYS B 7 4.76 -1.68 9.38
N ARG B 8 5.89 -1.82 10.02
CA ARG B 8 6.31 -0.83 11.06
C ARG B 8 7.14 0.28 10.42
N ASN B 9 6.54 1.44 10.20
CA ASN B 9 7.30 2.56 9.60
C ASN B 9 8.22 3.15 10.66
N ARG B 10 9.28 2.45 11.00
CA ARG B 10 10.22 2.96 12.04
C ARG B 10 10.62 4.41 11.70
N PRO B 11 10.95 5.20 12.70
CA PRO B 11 11.37 6.62 12.49
C PRO B 11 12.22 6.79 11.22
N PRO B 12 12.28 7.98 10.67
CA PRO B 12 13.09 8.25 9.44
C PRO B 12 14.59 8.25 9.73
N LEU B 13 15.40 8.29 8.70
CA LEU B 13 16.88 8.29 8.92
C LEU B 13 17.29 9.61 9.58
N GLU B 14 17.19 9.68 10.88
CA GLU B 14 17.58 10.94 11.59
C GLU B 14 16.89 12.14 10.91
N GLU B 15 17.53 12.73 9.94
CA GLU B 15 16.92 13.90 9.25
C GLU B 15 16.62 15.02 10.26
N ASP B 16 15.56 14.89 11.00
CA ASP B 16 15.24 15.95 12.01
C ASP B 16 16.46 16.23 12.88
N ASP B 17 16.60 17.43 13.36
CA ASP B 17 17.77 17.76 14.22
C ASP B 17 17.77 16.85 15.45
N GLU B 18 18.40 17.28 16.52
CA GLU B 18 18.42 16.46 17.76
C GLU B 18 17.00 16.22 18.24
N GLU B 19 16.82 15.30 19.15
CA GLU B 19 15.46 15.02 19.68
C GLU B 19 14.82 16.31 20.15
N GLY B 20 13.51 16.36 20.22
CA GLY B 20 12.82 17.60 20.68
C GLY B 20 11.40 17.59 20.14
N GLU B 21 11.19 16.99 19.00
CA GLU B 21 9.84 16.95 18.41
C GLU B 21 8.84 16.39 19.44
N GLY A 1 -0.68 8.42 14.63
CA GLY A 1 -1.71 8.18 13.52
C GLY A 1 -1.24 8.00 12.11
N GLY A 2 -0.48 8.94 11.63
CA GLY A 2 0.03 8.86 10.23
C GLY A 2 -1.14 8.98 9.26
N ALA A 3 -2.12 8.14 9.40
CA ALA A 3 -3.30 8.21 8.51
C ALA A 3 -3.81 9.66 8.43
N HIS A 4 -3.31 10.52 9.28
CA HIS A 4 -3.76 11.94 9.26
C HIS A 4 -2.89 12.77 8.32
N LYS A 5 -1.93 12.17 7.67
CA LYS A 5 -1.06 12.95 6.75
C LYS A 5 -0.46 12.04 5.67
N VAL A 6 -1.16 11.00 5.30
CA VAL A 6 -0.62 10.08 4.26
C VAL A 6 -0.94 10.63 2.86
N ARG A 7 -0.03 10.40 1.95
CA ARG A 7 -0.23 10.82 0.54
C ARG A 7 0.09 9.59 -0.29
N ALA A 8 -0.89 9.02 -0.96
CA ALA A 8 -0.64 7.76 -1.72
C ALA A 8 -0.98 7.90 -3.21
N GLY A 9 -0.42 7.03 -4.01
CA GLY A 9 -0.68 7.02 -5.47
C GLY A 9 -1.51 5.76 -5.76
N GLY A 10 -1.67 5.36 -6.99
CA GLY A 10 -2.47 4.14 -7.21
C GLY A 10 -2.87 3.97 -8.69
N PRO A 11 -1.92 3.87 -9.57
CA PRO A 11 -2.21 3.67 -11.02
C PRO A 11 -3.06 2.41 -11.22
N GLY A 12 -2.91 1.45 -10.33
CA GLY A 12 -3.69 0.18 -10.43
C GLY A 12 -4.39 -0.10 -9.10
N LEU A 13 -4.74 0.93 -8.37
CA LEU A 13 -5.44 0.76 -7.05
C LEU A 13 -6.87 1.30 -7.20
N GLU A 14 -7.16 1.89 -8.33
CA GLU A 14 -8.53 2.43 -8.59
C GLU A 14 -9.16 1.64 -9.73
N ARG A 15 -8.35 0.89 -10.44
CA ARG A 15 -8.89 0.08 -11.57
C ARG A 15 -7.74 -0.71 -12.21
N ALA A 16 -7.92 -1.98 -12.43
CA ALA A 16 -6.84 -2.82 -13.04
C ALA A 16 -7.43 -3.65 -14.18
N GLU A 17 -6.59 -4.38 -14.88
CA GLU A 17 -7.07 -5.23 -16.01
C GLU A 17 -6.31 -6.57 -15.93
N ALA A 18 -7.02 -7.64 -15.72
CA ALA A 18 -6.38 -8.99 -15.62
C ALA A 18 -5.13 -9.10 -16.51
N GLY A 19 -4.14 -9.82 -16.05
CA GLY A 19 -2.90 -10.00 -16.86
C GLY A 19 -2.04 -8.73 -16.83
N VAL A 20 -2.53 -7.67 -16.25
CA VAL A 20 -1.74 -6.40 -16.17
C VAL A 20 -1.35 -6.14 -14.72
N PRO A 21 -0.11 -5.78 -14.44
CA PRO A 21 0.32 -5.51 -13.04
C PRO A 21 -0.31 -4.22 -12.52
N ALA A 22 -0.52 -4.13 -11.23
CA ALA A 22 -1.11 -2.91 -10.63
C ALA A 22 -0.31 -2.57 -9.38
N GLU A 23 -0.22 -1.32 -9.03
CA GLU A 23 0.58 -0.97 -7.82
C GLU A 23 0.11 0.35 -7.23
N PHE A 24 0.75 0.75 -6.17
CA PHE A 24 0.39 2.03 -5.50
C PHE A 24 1.52 2.39 -4.54
N SER A 25 1.43 3.52 -3.90
CA SER A 25 2.51 3.92 -2.95
C SER A 25 1.88 4.68 -1.78
N ILE A 26 2.49 4.61 -0.62
CA ILE A 26 1.93 5.31 0.57
C ILE A 26 2.95 6.36 1.06
N TRP A 27 3.24 7.35 0.26
CA TRP A 27 4.22 8.38 0.67
C TRP A 27 3.79 8.99 2.00
N THR A 28 4.62 8.89 3.00
CA THR A 28 4.24 9.46 4.33
C THR A 28 5.49 9.66 5.18
N ARG A 29 6.54 10.18 4.60
CA ARG A 29 7.79 10.41 5.38
C ARG A 29 7.44 11.19 6.64
N GLU A 30 6.37 11.93 6.62
CA GLU A 30 5.98 12.72 7.82
C GLU A 30 5.59 11.75 8.94
N ALA A 31 4.90 10.70 8.61
CA ALA A 31 4.50 9.72 9.66
C ALA A 31 5.74 9.10 10.27
N GLY A 32 6.90 9.46 9.79
CA GLY A 32 8.18 8.92 10.34
C GLY A 32 8.05 7.42 10.64
N ALA A 33 8.83 6.94 11.57
CA ALA A 33 8.77 5.50 11.93
C ALA A 33 7.32 5.10 12.21
N GLY A 34 6.88 3.99 11.69
CA GLY A 34 5.48 3.54 11.93
C GLY A 34 5.02 2.67 10.76
N GLY A 35 5.04 1.38 10.95
CA GLY A 35 4.61 0.47 9.86
C GLY A 35 3.15 0.74 9.52
N LEU A 36 2.63 0.02 8.55
CA LEU A 36 1.21 0.22 8.14
C LEU A 36 0.62 -1.13 7.75
N ALA A 37 -0.67 -1.31 7.94
CA ALA A 37 -1.31 -2.62 7.61
C ALA A 37 -1.89 -2.62 6.20
N ILE A 38 -1.97 -3.79 5.60
CA ILE A 38 -2.55 -3.92 4.22
C ILE A 38 -3.31 -5.25 4.15
N ALA A 39 -4.54 -5.22 3.72
CA ALA A 39 -5.33 -6.49 3.63
C ALA A 39 -6.27 -6.43 2.42
N VAL A 40 -6.03 -7.25 1.43
CA VAL A 40 -6.90 -7.25 0.22
C VAL A 40 -7.89 -8.41 0.30
N GLU A 41 -9.16 -8.13 0.16
CA GLU A 41 -10.18 -9.22 0.22
C GLU A 41 -10.43 -9.75 -1.19
N GLY A 42 -10.25 -11.04 -1.38
CA GLY A 42 -10.47 -11.62 -2.73
C GLY A 42 -9.91 -13.04 -2.76
N PRO A 43 -10.01 -13.71 -3.89
CA PRO A 43 -9.50 -15.11 -4.04
C PRO A 43 -7.96 -15.16 -4.01
N SER A 44 -7.41 -16.12 -3.33
CA SER A 44 -5.94 -16.23 -3.26
C SER A 44 -5.37 -16.65 -4.62
N LYS A 45 -4.83 -15.73 -5.37
CA LYS A 45 -4.27 -16.08 -6.70
C LYS A 45 -3.35 -14.95 -7.17
N ALA A 46 -3.57 -13.75 -6.70
CA ALA A 46 -2.71 -12.62 -7.12
C ALA A 46 -1.32 -12.77 -6.48
N GLU A 47 -0.34 -12.08 -7.00
CA GLU A 47 1.05 -12.17 -6.44
C GLU A 47 1.43 -10.83 -5.82
N ILE A 48 1.54 -10.76 -4.53
CA ILE A 48 1.92 -9.47 -3.86
C ILE A 48 3.44 -9.36 -3.77
N SER A 49 3.96 -8.16 -3.94
CA SER A 49 5.44 -7.95 -3.85
C SER A 49 5.71 -6.58 -3.26
N PHE A 50 6.04 -6.52 -1.99
CA PHE A 50 6.32 -5.21 -1.32
C PHE A 50 7.83 -5.04 -1.13
N GLU A 51 8.25 -3.85 -0.82
CA GLU A 51 9.71 -3.58 -0.62
C GLU A 51 9.87 -2.42 0.37
N ASP A 52 10.43 -2.67 1.52
CA ASP A 52 10.59 -1.58 2.52
C ASP A 52 11.36 -0.42 1.87
N ARG A 53 11.07 0.79 2.29
CA ARG A 53 11.78 1.98 1.71
C ARG A 53 12.03 2.99 2.84
N LYS A 54 13.28 3.37 3.03
CA LYS A 54 13.60 4.35 4.10
C LYS A 54 12.78 5.62 3.89
N ASP A 55 12.02 5.69 2.82
CA ASP A 55 11.20 6.91 2.55
C ASP A 55 9.84 6.76 3.24
N GLY A 56 9.59 5.63 3.84
CA GLY A 56 8.27 5.42 4.51
C GLY A 56 7.21 5.05 3.48
N SER A 57 7.45 5.36 2.24
CA SER A 57 6.47 5.04 1.18
C SER A 57 6.46 3.52 0.94
N CYS A 58 5.31 2.89 1.05
CA CYS A 58 5.23 1.42 0.82
C CYS A 58 4.98 1.15 -0.67
N GLY A 59 5.99 0.73 -1.38
CA GLY A 59 5.82 0.44 -2.83
C GLY A 59 5.47 -1.04 -3.01
N VAL A 60 4.30 -1.33 -3.50
CA VAL A 60 3.88 -2.75 -3.70
C VAL A 60 3.21 -2.91 -5.07
N ALA A 61 3.31 -4.07 -5.68
CA ALA A 61 2.67 -4.28 -7.01
C ALA A 61 2.08 -5.69 -7.06
N TYR A 62 1.08 -5.90 -7.87
CA TYR A 62 0.48 -7.27 -7.97
C TYR A 62 -0.21 -7.45 -9.32
N VAL A 63 -0.29 -8.68 -9.77
CA VAL A 63 -0.97 -8.99 -11.06
C VAL A 63 -2.24 -9.78 -10.76
N VAL A 64 -3.36 -9.23 -11.11
CA VAL A 64 -4.66 -9.92 -10.83
C VAL A 64 -4.99 -10.86 -11.99
N GLN A 65 -6.13 -11.51 -11.94
CA GLN A 65 -6.52 -12.45 -13.03
C GLN A 65 -8.04 -12.34 -13.28
N GLU A 66 -8.77 -13.37 -12.93
CA GLU A 66 -10.24 -13.34 -13.15
C GLU A 66 -10.82 -11.98 -12.70
N PRO A 67 -11.46 -11.23 -13.57
CA PRO A 67 -12.04 -9.91 -13.20
C PRO A 67 -12.72 -9.93 -11.84
N GLY A 68 -12.91 -8.78 -11.24
CA GLY A 68 -13.57 -8.72 -9.90
C GLY A 68 -12.92 -7.62 -9.07
N ASP A 69 -13.69 -6.92 -8.29
CA ASP A 69 -13.10 -5.83 -7.47
C ASP A 69 -12.39 -6.42 -6.26
N TYR A 70 -11.39 -5.75 -5.76
CA TYR A 70 -10.64 -6.26 -4.56
C TYR A 70 -10.67 -5.20 -3.47
N GLU A 71 -11.29 -5.48 -2.35
CA GLU A 71 -11.35 -4.48 -1.26
C GLU A 71 -9.94 -4.25 -0.71
N VAL A 72 -9.32 -3.16 -1.06
CA VAL A 72 -7.95 -2.87 -0.56
C VAL A 72 -8.05 -2.10 0.75
N SER A 73 -7.85 -2.76 1.86
CA SER A 73 -7.94 -2.07 3.18
C SER A 73 -6.60 -1.41 3.48
N VAL A 74 -6.61 -0.11 3.70
CA VAL A 74 -5.33 0.62 4.01
C VAL A 74 -5.52 1.42 5.31
N LYS A 75 -4.83 1.04 6.37
CA LYS A 75 -4.98 1.78 7.67
C LYS A 75 -3.59 2.01 8.28
N PHE A 76 -3.36 3.19 8.81
CA PHE A 76 -2.05 3.50 9.45
C PHE A 76 -2.23 3.45 10.97
N ASN A 77 -1.30 2.88 11.68
CA ASN A 77 -1.45 2.81 13.17
C ASN A 77 -2.84 2.28 13.49
N GLU A 78 -3.36 1.43 12.63
CA GLU A 78 -4.72 0.83 12.83
C GLU A 78 -5.80 1.92 12.78
N GLU A 79 -5.70 2.84 11.86
CA GLU A 79 -6.75 3.92 11.74
C GLU A 79 -7.39 3.80 10.35
N HIS A 80 -7.23 4.78 9.50
CA HIS A 80 -7.82 4.69 8.13
C HIS A 80 -7.31 5.86 7.29
N ILE A 81 -6.28 5.65 6.51
CA ILE A 81 -5.75 6.77 5.68
C ILE A 81 -6.83 7.13 4.65
N PRO A 82 -6.86 8.38 4.20
CA PRO A 82 -7.84 8.87 3.21
C PRO A 82 -8.37 7.77 2.29
N ASP A 83 -9.66 7.57 2.28
CA ASP A 83 -10.25 6.50 1.42
C ASP A 83 -9.58 5.16 1.72
N SER A 84 -9.51 4.80 2.97
CA SER A 84 -8.86 3.50 3.33
C SER A 84 -9.36 2.38 2.40
N PRO A 85 -10.63 2.04 2.45
CA PRO A 85 -11.19 0.97 1.56
C PRO A 85 -11.15 1.40 0.09
N PHE A 86 -10.27 0.83 -0.69
CA PHE A 86 -10.17 1.22 -2.14
C PHE A 86 -10.41 -0.01 -3.03
N VAL A 87 -11.60 -0.17 -3.53
CA VAL A 87 -11.90 -1.34 -4.41
C VAL A 87 -11.30 -1.09 -5.79
N VAL A 88 -10.83 -2.13 -6.44
CA VAL A 88 -10.22 -1.97 -7.81
C VAL A 88 -10.95 -2.85 -8.82
N PRO A 89 -11.89 -2.32 -9.57
CA PRO A 89 -12.62 -3.10 -10.60
C PRO A 89 -11.66 -3.70 -11.63
N VAL A 90 -11.43 -4.99 -11.58
CA VAL A 90 -10.48 -5.61 -12.55
C VAL A 90 -11.22 -6.00 -13.82
N ALA A 91 -10.56 -5.84 -14.95
CA ALA A 91 -11.19 -6.21 -16.25
C ALA A 91 -10.43 -7.38 -16.87
N SER A 92 -11.05 -8.11 -17.75
CA SER A 92 -10.37 -9.27 -18.39
C SER A 92 -9.04 -8.78 -18.99
N PRO A 93 -8.20 -9.68 -19.45
CA PRO A 93 -6.89 -9.33 -20.05
C PRO A 93 -6.99 -9.12 -21.56
N SER A 94 -6.56 -10.08 -22.33
CA SER A 94 -6.63 -9.98 -23.81
C SER A 94 -7.48 -11.12 -24.35
N GLY A 95 -7.58 -12.19 -23.61
CA GLY A 95 -8.39 -13.35 -24.06
C GLY A 95 -7.89 -13.83 -25.42
N TRP B 1 -10.84 -14.74 0.86
CA TRP B 1 -10.01 -14.65 2.09
C TRP B 1 -9.52 -13.21 2.26
N LYS B 2 -8.45 -13.02 3.00
CA LYS B 2 -7.91 -11.65 3.21
C LYS B 2 -6.40 -11.72 3.43
N VAL B 3 -5.63 -11.76 2.38
CA VAL B 3 -4.15 -11.83 2.54
C VAL B 3 -3.57 -10.42 2.60
N GLY B 4 -2.27 -10.31 2.72
CA GLY B 4 -1.64 -8.97 2.81
C GLY B 4 -0.29 -9.09 3.49
N PHE B 5 0.24 -8.01 4.02
CA PHE B 5 1.56 -8.08 4.70
C PHE B 5 1.71 -6.88 5.65
N PHE B 6 2.92 -6.44 5.89
CA PHE B 6 3.11 -5.28 6.82
C PHE B 6 4.45 -4.60 6.51
N LYS B 7 4.55 -3.31 6.74
CA LYS B 7 5.82 -2.56 6.47
C LYS B 7 6.33 -1.92 7.76
N ARG B 8 7.42 -1.19 7.67
CA ARG B 8 7.98 -0.53 8.89
C ARG B 8 8.67 0.77 8.48
N ASN B 9 7.94 1.87 8.46
CA ASN B 9 8.58 3.16 8.07
C ASN B 9 9.87 3.35 8.86
N ARG B 10 10.87 3.93 8.25
CA ARG B 10 12.16 4.13 8.97
C ARG B 10 13.00 5.17 8.24
N PRO B 11 12.70 6.43 8.44
CA PRO B 11 13.45 7.55 7.78
C PRO B 11 14.97 7.38 7.92
N PRO B 12 15.74 7.99 7.07
CA PRO B 12 17.24 7.89 7.11
C PRO B 12 17.83 8.69 8.29
N LEU B 13 18.81 8.14 8.95
CA LEU B 13 19.43 8.86 10.09
C LEU B 13 20.26 10.04 9.58
N GLU B 14 21.54 9.98 9.70
CA GLU B 14 22.40 11.10 9.21
C GLU B 14 21.98 12.39 9.90
N GLU B 15 21.06 12.32 10.82
CA GLU B 15 20.60 13.55 11.53
C GLU B 15 21.69 13.99 12.52
N ASP B 16 21.69 15.24 12.90
CA ASP B 16 22.72 15.73 13.85
C ASP B 16 22.40 15.20 15.25
N ASP B 17 23.41 14.88 16.02
CA ASP B 17 23.16 14.36 17.39
C ASP B 17 22.26 15.33 18.15
N GLU B 18 22.05 15.09 19.43
CA GLU B 18 21.18 16.01 20.22
C GLU B 18 21.89 17.34 20.42
N GLU B 19 23.20 17.33 20.42
CA GLU B 19 23.95 18.61 20.62
C GLU B 19 23.50 19.63 19.57
N GLY B 20 24.18 20.74 19.48
CA GLY B 20 23.79 21.78 18.48
C GLY B 20 22.68 22.64 19.06
N GLU B 21 21.88 22.10 19.93
CA GLU B 21 20.77 22.88 20.54
C GLU B 21 21.35 23.96 21.46
N GLY A 1 -1.68 7.70 15.14
CA GLY A 1 -2.76 8.23 14.20
C GLY A 1 -2.37 8.69 12.84
N GLY A 2 -1.32 8.17 12.30
CA GLY A 2 -0.88 8.59 10.93
C GLY A 2 -2.07 8.60 9.99
N ALA A 3 -2.90 7.59 10.05
CA ALA A 3 -4.10 7.53 9.17
C ALA A 3 -4.81 8.89 9.15
N HIS A 4 -4.47 9.76 10.05
CA HIS A 4 -5.14 11.10 10.08
C HIS A 4 -4.40 12.09 9.18
N LYS A 5 -3.30 11.69 8.58
CA LYS A 5 -2.55 12.64 7.70
C LYS A 5 -1.73 11.86 6.66
N VAL A 6 -2.20 10.71 6.26
CA VAL A 6 -1.45 9.91 5.25
C VAL A 6 -1.70 10.47 3.85
N ARG A 7 -0.71 10.41 3.02
CA ARG A 7 -0.85 10.87 1.61
C ARG A 7 -0.41 9.69 0.75
N ALA A 8 -1.31 9.10 0.01
CA ALA A 8 -0.94 7.90 -0.81
C ALA A 8 -1.19 8.13 -2.30
N GLY A 9 -0.53 7.35 -3.12
CA GLY A 9 -0.72 7.43 -4.59
C GLY A 9 -1.46 6.17 -5.03
N GLY A 10 -1.57 5.89 -6.29
CA GLY A 10 -2.29 4.65 -6.66
C GLY A 10 -2.58 4.56 -8.15
N PRO A 11 -1.57 4.59 -8.97
CA PRO A 11 -1.75 4.46 -10.44
C PRO A 11 -2.48 3.16 -10.78
N GLY A 12 -2.30 2.15 -9.96
CA GLY A 12 -2.97 0.83 -10.19
C GLY A 12 -3.72 0.41 -8.92
N LEU A 13 -4.20 1.35 -8.15
CA LEU A 13 -4.96 1.02 -6.89
C LEU A 13 -6.41 1.44 -7.09
N GLU A 14 -6.69 2.10 -8.20
CA GLU A 14 -8.08 2.54 -8.50
C GLU A 14 -8.56 1.81 -9.76
N ARG A 15 -7.64 1.22 -10.48
CA ARG A 15 -8.01 0.49 -11.73
C ARG A 15 -6.78 -0.21 -12.30
N ALA A 16 -6.89 -1.46 -12.65
CA ALA A 16 -5.72 -2.20 -13.22
C ALA A 16 -6.18 -3.01 -14.45
N GLU A 17 -5.26 -3.65 -15.12
CA GLU A 17 -5.61 -4.45 -16.33
C GLU A 17 -4.82 -5.76 -16.28
N ALA A 18 -5.49 -6.87 -16.22
CA ALA A 18 -4.82 -8.20 -16.15
C ALA A 18 -3.50 -8.21 -16.93
N GLY A 19 -2.50 -8.90 -16.42
CA GLY A 19 -1.20 -8.96 -17.14
C GLY A 19 -0.40 -7.66 -16.97
N VAL A 20 -0.99 -6.65 -16.40
CA VAL A 20 -0.27 -5.34 -16.20
C VAL A 20 0.01 -5.16 -14.70
N PRO A 21 1.21 -4.75 -14.32
CA PRO A 21 1.53 -4.54 -12.89
C PRO A 21 0.83 -3.29 -12.34
N ALA A 22 0.54 -3.28 -11.08
CA ALA A 22 -0.16 -2.11 -10.46
C ALA A 22 0.55 -1.80 -9.14
N GLU A 23 0.59 -0.57 -8.72
CA GLU A 23 1.28 -0.25 -7.44
C GLU A 23 0.66 0.97 -6.78
N PHE A 24 1.20 1.33 -5.65
CA PHE A 24 0.70 2.53 -4.93
C PHE A 24 1.68 2.84 -3.80
N SER A 25 1.56 3.99 -3.18
CA SER A 25 2.51 4.34 -2.09
C SER A 25 1.77 4.98 -0.93
N ILE A 26 2.30 4.87 0.26
CA ILE A 26 1.65 5.47 1.48
C ILE A 26 2.59 6.52 2.08
N TRP A 27 2.85 7.59 1.36
CA TRP A 27 3.77 8.63 1.88
C TRP A 27 3.30 9.13 3.24
N THR A 28 4.13 9.00 4.24
CA THR A 28 3.74 9.45 5.61
C THR A 28 5.01 9.64 6.46
N ARG A 29 5.62 10.79 6.40
CA ARG A 29 6.85 11.03 7.20
C ARG A 29 6.49 11.61 8.57
N GLU A 30 5.66 12.63 8.59
CA GLU A 30 5.27 13.24 9.89
C GLU A 30 4.85 12.14 10.87
N ALA A 31 4.07 11.20 10.43
CA ALA A 31 3.64 10.09 11.33
C ALA A 31 4.79 9.09 11.49
N GLY A 32 5.92 9.37 10.89
CA GLY A 32 7.08 8.45 10.99
C GLY A 32 7.26 7.99 12.43
N ALA A 33 7.18 6.71 12.68
CA ALA A 33 7.35 6.19 14.06
C ALA A 33 7.43 4.66 14.03
N GLY A 34 6.65 4.03 13.18
CA GLY A 34 6.66 2.55 13.10
C GLY A 34 5.23 2.04 12.87
N GLY A 35 4.95 0.82 13.23
CA GLY A 35 3.58 0.25 13.06
C GLY A 35 2.94 0.72 11.75
N LEU A 36 2.98 -0.11 10.74
CA LEU A 36 2.37 0.26 9.44
C LEU A 36 1.72 -0.99 8.83
N ALA A 37 0.41 -1.02 8.75
CA ALA A 37 -0.28 -2.22 8.18
C ALA A 37 -0.55 -2.01 6.69
N ILE A 38 -0.14 -2.95 5.88
CA ILE A 38 -0.38 -2.82 4.41
C ILE A 38 -0.62 -4.23 3.83
N ALA A 39 -1.83 -4.51 3.44
CA ALA A 39 -2.14 -5.86 2.88
C ALA A 39 -3.28 -5.75 1.88
N VAL A 40 -3.59 -6.82 1.20
CA VAL A 40 -4.69 -6.81 0.18
C VAL A 40 -5.67 -7.95 0.51
N GLU A 41 -6.95 -7.65 0.58
CA GLU A 41 -7.95 -8.71 0.89
C GLU A 41 -8.45 -9.33 -0.41
N GLY A 42 -8.42 -10.63 -0.51
CA GLY A 42 -8.89 -11.31 -1.76
C GLY A 42 -8.30 -12.71 -1.84
N PRO A 43 -8.63 -13.45 -2.86
CA PRO A 43 -8.12 -14.84 -3.06
C PRO A 43 -6.64 -14.84 -3.45
N SER A 44 -5.96 -15.95 -3.26
CA SER A 44 -4.52 -16.01 -3.62
C SER A 44 -4.38 -16.07 -5.14
N LYS A 45 -4.14 -14.94 -5.77
CA LYS A 45 -3.99 -14.92 -7.25
C LYS A 45 -2.86 -13.93 -7.62
N ALA A 46 -3.01 -12.70 -7.24
CA ALA A 46 -1.96 -11.69 -7.56
C ALA A 46 -0.78 -11.87 -6.59
N GLU A 47 0.34 -11.26 -6.90
CA GLU A 47 1.55 -11.37 -6.03
C GLU A 47 1.94 -9.97 -5.55
N ILE A 48 2.20 -9.81 -4.28
CA ILE A 48 2.58 -8.48 -3.72
C ILE A 48 4.02 -8.51 -3.20
N SER A 49 4.74 -7.44 -3.39
CA SER A 49 6.15 -7.37 -2.91
C SER A 49 6.44 -5.93 -2.48
N PHE A 50 6.91 -5.74 -1.27
CA PHE A 50 7.19 -4.34 -0.80
C PHE A 50 8.34 -4.35 0.20
N GLU A 51 9.05 -3.25 0.28
CA GLU A 51 10.20 -3.17 1.24
C GLU A 51 10.30 -1.75 1.80
N ASP A 52 10.29 -1.60 3.10
CA ASP A 52 10.38 -0.25 3.71
C ASP A 52 11.85 0.18 3.78
N ARG A 53 12.20 1.25 3.11
CA ARG A 53 13.61 1.73 3.14
C ARG A 53 13.70 3.08 2.43
N LYS A 54 12.59 3.60 2.00
CA LYS A 54 12.61 4.92 1.28
C LYS A 54 12.34 6.05 2.29
N ASP A 55 11.12 6.15 2.79
CA ASP A 55 10.82 7.24 3.76
C ASP A 55 9.42 7.02 4.36
N GLY A 56 9.21 5.91 5.02
CA GLY A 56 7.89 5.63 5.63
C GLY A 56 6.87 5.30 4.53
N SER A 57 7.14 5.70 3.32
CA SER A 57 6.19 5.40 2.21
C SER A 57 6.34 3.92 1.83
N CYS A 58 5.27 3.18 1.85
CA CYS A 58 5.37 1.73 1.49
C CYS A 58 5.34 1.57 -0.02
N GLY A 59 6.41 1.06 -0.59
CA GLY A 59 6.45 0.86 -2.07
C GLY A 59 6.05 -0.59 -2.37
N VAL A 60 4.91 -0.79 -3.01
CA VAL A 60 4.43 -2.16 -3.32
C VAL A 60 3.93 -2.24 -4.76
N ALA A 61 4.04 -3.39 -5.38
CA ALA A 61 3.52 -3.55 -6.76
C ALA A 61 2.95 -4.95 -6.92
N TYR A 62 1.97 -5.12 -7.77
CA TYR A 62 1.37 -6.47 -7.94
C TYR A 62 0.77 -6.63 -9.34
N VAL A 63 0.81 -7.83 -9.84
CA VAL A 63 0.22 -8.13 -11.18
C VAL A 63 -1.04 -8.97 -10.93
N VAL A 64 -2.18 -8.46 -11.31
CA VAL A 64 -3.44 -9.21 -11.07
C VAL A 64 -3.70 -10.18 -12.24
N GLN A 65 -4.31 -11.30 -11.96
CA GLN A 65 -4.57 -12.30 -13.03
C GLN A 65 -5.85 -11.95 -13.80
N GLU A 66 -6.75 -12.89 -13.94
CA GLU A 66 -8.01 -12.62 -14.69
C GLU A 66 -8.77 -11.44 -14.06
N PRO A 67 -9.54 -10.71 -14.85
CA PRO A 67 -10.32 -9.55 -14.34
C PRO A 67 -10.98 -9.83 -12.99
N GLY A 68 -11.33 -8.80 -12.27
CA GLY A 68 -11.99 -8.97 -10.95
C GLY A 68 -11.49 -7.89 -9.99
N ASP A 69 -12.37 -7.30 -9.23
CA ASP A 69 -11.92 -6.23 -8.29
C ASP A 69 -11.18 -6.87 -7.12
N TYR A 70 -10.25 -6.16 -6.53
CA TYR A 70 -9.48 -6.70 -5.37
C TYR A 70 -9.71 -5.81 -4.15
N GLU A 71 -10.28 -6.36 -3.11
CA GLU A 71 -10.52 -5.53 -1.89
C GLU A 71 -9.17 -5.17 -1.26
N VAL A 72 -8.73 -3.95 -1.44
CA VAL A 72 -7.41 -3.53 -0.86
C VAL A 72 -7.62 -2.83 0.49
N SER A 73 -7.16 -3.43 1.54
CA SER A 73 -7.31 -2.81 2.90
C SER A 73 -6.09 -1.91 3.15
N VAL A 74 -6.31 -0.75 3.72
CA VAL A 74 -5.16 0.17 3.98
C VAL A 74 -5.42 0.91 5.30
N LYS A 75 -4.62 0.69 6.31
CA LYS A 75 -4.84 1.38 7.62
C LYS A 75 -3.50 1.68 8.31
N PHE A 76 -3.48 2.69 9.14
CA PHE A 76 -2.23 3.06 9.88
C PHE A 76 -2.52 2.99 11.38
N ASN A 77 -1.56 2.58 12.17
CA ASN A 77 -1.81 2.48 13.64
C ASN A 77 -3.11 1.72 13.87
N GLU A 78 -3.38 0.73 13.05
CA GLU A 78 -4.63 -0.07 13.19
C GLU A 78 -5.84 0.86 13.11
N GLU A 79 -5.82 1.80 12.20
CA GLU A 79 -6.98 2.74 12.05
C GLU A 79 -7.57 2.57 10.64
N HIS A 80 -7.54 3.62 9.86
CA HIS A 80 -8.08 3.52 8.47
C HIS A 80 -7.72 4.81 7.71
N ILE A 81 -6.65 4.79 6.95
CA ILE A 81 -6.25 6.01 6.21
C ILE A 81 -7.36 6.34 5.21
N PRO A 82 -7.51 7.60 4.87
CA PRO A 82 -8.54 8.08 3.90
C PRO A 82 -8.95 7.01 2.89
N ASP A 83 -10.21 6.67 2.85
CA ASP A 83 -10.68 5.63 1.89
C ASP A 83 -9.88 4.35 2.09
N SER A 84 -9.78 3.87 3.31
CA SER A 84 -9.02 2.61 3.56
C SER A 84 -9.36 1.56 2.49
N PRO A 85 -10.58 1.09 2.43
CA PRO A 85 -11.00 0.08 1.41
C PRO A 85 -10.91 0.67 -0.01
N PHE A 86 -10.10 0.08 -0.87
CA PHE A 86 -9.97 0.62 -2.25
C PHE A 86 -10.01 -0.55 -3.25
N VAL A 87 -11.16 -0.79 -3.83
CA VAL A 87 -11.28 -1.91 -4.82
C VAL A 87 -10.66 -1.47 -6.15
N VAL A 88 -10.08 -2.38 -6.88
CA VAL A 88 -9.45 -2.03 -8.19
C VAL A 88 -10.08 -2.86 -9.33
N PRO A 89 -11.02 -2.31 -10.05
CA PRO A 89 -11.65 -3.05 -11.20
C PRO A 89 -10.58 -3.48 -12.21
N VAL A 90 -10.28 -4.75 -12.25
CA VAL A 90 -9.23 -5.24 -13.20
C VAL A 90 -9.85 -5.58 -14.55
N ALA A 91 -9.14 -5.29 -15.60
CA ALA A 91 -9.65 -5.59 -16.99
C ALA A 91 -8.79 -6.67 -17.63
N SER A 92 -9.31 -7.34 -18.62
CA SER A 92 -8.53 -8.41 -19.29
C SER A 92 -7.18 -7.83 -19.76
N PRO A 93 -6.27 -8.66 -20.21
CA PRO A 93 -4.94 -8.20 -20.68
C PRO A 93 -4.95 -7.85 -22.17
N SER A 94 -4.42 -8.72 -22.99
CA SER A 94 -4.39 -8.49 -24.47
C SER A 94 -5.00 -9.70 -25.18
N GLY A 95 -4.97 -10.84 -24.55
CA GLY A 95 -5.54 -12.05 -25.19
C GLY A 95 -4.87 -12.29 -26.55
N TRP B 1 -8.64 -14.54 0.66
CA TRP B 1 -7.83 -14.66 1.90
C TRP B 1 -7.11 -13.34 2.18
N LYS B 2 -6.82 -13.05 3.42
CA LYS B 2 -6.13 -11.78 3.75
C LYS B 2 -4.63 -11.94 3.48
N VAL B 3 -4.23 -11.90 2.23
CA VAL B 3 -2.78 -12.04 1.89
C VAL B 3 -2.13 -10.66 1.90
N GLY B 4 -0.94 -10.55 2.42
CA GLY B 4 -0.26 -9.22 2.45
C GLY B 4 1.03 -9.30 3.26
N PHE B 5 1.43 -8.20 3.84
CA PHE B 5 2.69 -8.18 4.64
C PHE B 5 2.56 -7.09 5.73
N PHE B 6 3.55 -6.93 6.57
CA PHE B 6 3.46 -5.90 7.65
C PHE B 6 4.86 -5.41 8.04
N LYS B 7 5.13 -4.15 7.83
CA LYS B 7 6.46 -3.57 8.19
C LYS B 7 6.26 -2.53 9.30
N ARG B 8 7.20 -1.66 9.52
CA ARG B 8 7.06 -0.62 10.58
C ARG B 8 7.65 0.70 10.08
N ASN B 9 6.86 1.72 9.97
CA ASN B 9 7.39 3.03 9.49
C ASN B 9 8.61 3.43 10.33
N ARG B 10 9.78 3.08 9.90
CA ARG B 10 11.01 3.45 10.69
C ARG B 10 12.22 3.48 9.75
N PRO B 11 12.33 4.50 8.95
CA PRO B 11 13.46 4.66 8.00
C PRO B 11 14.83 4.46 8.68
N PRO B 12 15.85 4.14 7.93
CA PRO B 12 17.22 3.91 8.50
C PRO B 12 17.88 5.23 8.92
N LEU B 13 17.19 6.33 8.79
CA LEU B 13 17.78 7.63 9.18
C LEU B 13 17.75 7.78 10.70
N GLU B 14 18.24 8.86 11.23
CA GLU B 14 18.24 9.05 12.71
C GLU B 14 18.55 10.51 13.04
N GLU B 15 19.78 10.90 12.92
CA GLU B 15 20.15 12.32 13.23
C GLU B 15 19.15 13.27 12.56
N ASP B 16 18.49 12.82 11.53
CA ASP B 16 17.49 13.70 10.84
C ASP B 16 16.26 13.86 11.72
N ASP B 17 16.28 14.80 12.63
CA ASP B 17 15.11 15.00 13.51
C ASP B 17 13.85 15.20 12.66
N GLU B 18 12.75 15.55 13.28
CA GLU B 18 11.50 15.76 12.50
C GLU B 18 11.63 17.02 11.64
N GLU B 19 10.84 17.13 10.61
CA GLU B 19 10.93 18.34 9.74
C GLU B 19 10.58 19.58 10.55
N GLY B 20 9.93 20.54 9.94
CA GLY B 20 9.57 21.78 10.68
C GLY B 20 10.75 22.75 10.66
N GLU B 21 11.95 22.22 10.60
CA GLU B 21 13.15 23.10 10.58
C GLU B 21 13.23 23.82 9.24
N GLY A 1 -3.42 12.97 11.13
CA GLY A 1 -4.02 12.35 9.86
C GLY A 1 -3.11 11.77 8.83
N GLY A 2 -2.14 12.53 8.42
CA GLY A 2 -1.19 12.04 7.38
C GLY A 2 -1.91 11.87 6.05
N ALA A 3 -2.99 11.13 6.06
CA ALA A 3 -3.79 10.92 4.83
C ALA A 3 -4.02 12.27 4.13
N HIS A 4 -3.74 13.35 4.80
CA HIS A 4 -3.96 14.69 4.19
C HIS A 4 -2.75 15.13 3.35
N LYS A 5 -1.67 14.37 3.35
CA LYS A 5 -0.49 14.79 2.55
C LYS A 5 0.29 13.56 2.07
N VAL A 6 -0.37 12.46 1.93
CA VAL A 6 0.34 11.23 1.45
C VAL A 6 0.59 11.32 -0.04
N ARG A 7 1.69 10.79 -0.48
CA ARG A 7 2.03 10.77 -1.92
C ARG A 7 2.30 9.32 -2.25
N ALA A 8 1.57 8.77 -3.20
CA ALA A 8 1.76 7.32 -3.50
C ALA A 8 1.93 7.08 -5.00
N GLY A 9 2.54 5.97 -5.35
CA GLY A 9 2.74 5.62 -6.78
C GLY A 9 1.80 4.45 -7.08
N GLY A 10 1.96 3.75 -8.18
CA GLY A 10 1.02 2.63 -8.43
C GLY A 10 1.08 2.13 -9.87
N PRO A 11 2.20 1.64 -10.32
CA PRO A 11 2.33 1.08 -11.69
C PRO A 11 1.33 -0.06 -11.89
N GLY A 12 0.98 -0.74 -10.81
CA GLY A 12 0.00 -1.87 -10.90
C GLY A 12 -1.11 -1.66 -9.87
N LEU A 13 -1.44 -0.43 -9.56
CA LEU A 13 -2.53 -0.13 -8.58
C LEU A 13 -3.68 0.52 -9.34
N GLU A 14 -3.46 0.80 -10.60
CA GLU A 14 -4.53 1.42 -11.44
C GLU A 14 -4.93 0.42 -12.53
N ARG A 15 -4.14 -0.61 -12.71
CA ARG A 15 -4.45 -1.63 -13.74
C ARG A 15 -3.39 -2.75 -13.68
N ALA A 16 -3.83 -3.99 -13.65
CA ALA A 16 -2.86 -5.13 -13.59
C ALA A 16 -3.27 -6.19 -14.63
N GLU A 17 -2.47 -7.21 -14.78
CA GLU A 17 -2.79 -8.29 -15.77
C GLU A 17 -2.43 -9.64 -15.15
N ALA A 18 -3.41 -10.47 -14.94
CA ALA A 18 -3.18 -11.83 -14.32
C ALA A 18 -1.79 -12.38 -14.65
N GLY A 19 -1.18 -13.07 -13.71
CA GLY A 19 0.17 -13.65 -13.96
C GLY A 19 1.26 -12.57 -13.92
N VAL A 20 0.88 -11.31 -13.87
CA VAL A 20 1.90 -10.21 -13.83
C VAL A 20 1.89 -9.59 -12.43
N PRO A 21 3.03 -9.34 -11.84
CA PRO A 21 3.07 -8.71 -10.49
C PRO A 21 2.69 -7.23 -10.55
N ALA A 22 2.14 -6.72 -9.50
CA ALA A 22 1.73 -5.28 -9.48
C ALA A 22 2.17 -4.70 -8.15
N GLU A 23 2.45 -3.43 -8.07
CA GLU A 23 2.89 -2.86 -6.78
C GLU A 23 2.57 -1.37 -6.70
N PHE A 24 2.93 -0.78 -5.61
CA PHE A 24 2.69 0.68 -5.42
C PHE A 24 3.51 1.14 -4.23
N SER A 25 3.47 2.41 -3.93
CA SER A 25 4.25 2.94 -2.78
C SER A 25 3.44 4.02 -2.09
N ILE A 26 3.58 4.14 -0.80
CA ILE A 26 2.82 5.17 -0.02
C ILE A 26 3.83 6.13 0.63
N TRP A 27 4.54 6.88 -0.17
CA TRP A 27 5.57 7.79 0.42
C TRP A 27 4.92 8.64 1.52
N THR A 28 5.14 8.26 2.76
CA THR A 28 4.55 9.01 3.93
C THR A 28 5.68 9.43 4.87
N ARG A 29 6.56 10.27 4.42
CA ARG A 29 7.69 10.73 5.29
C ARG A 29 7.14 11.70 6.34
N GLU A 30 6.77 12.88 5.93
CA GLU A 30 6.23 13.86 6.89
C GLU A 30 5.04 13.23 7.62
N ALA A 31 4.30 12.41 6.93
CA ALA A 31 3.13 11.73 7.55
C ALA A 31 3.64 10.60 8.44
N GLY A 32 4.93 10.48 8.56
CA GLY A 32 5.52 9.40 9.42
C GLY A 32 4.73 9.26 10.73
N ALA A 33 4.40 8.06 11.10
CA ALA A 33 3.62 7.85 12.37
C ALA A 33 3.88 6.45 12.89
N GLY A 34 3.54 5.44 12.13
CA GLY A 34 3.77 4.05 12.60
C GLY A 34 2.82 3.09 11.88
N GLY A 35 2.12 2.28 12.63
CA GLY A 35 1.17 1.30 12.01
C GLY A 35 0.35 1.98 10.89
N LEU A 36 0.05 1.24 9.86
CA LEU A 36 -0.76 1.81 8.73
C LEU A 36 -1.76 0.73 8.28
N ALA A 37 -2.92 1.13 7.83
CA ALA A 37 -3.95 0.12 7.41
C ALA A 37 -3.88 -0.15 5.91
N ILE A 38 -3.93 -1.40 5.52
CA ILE A 38 -3.88 -1.78 4.08
C ILE A 38 -4.75 -3.02 3.87
N ALA A 39 -5.56 -3.03 2.84
CA ALA A 39 -6.44 -4.23 2.62
C ALA A 39 -6.90 -4.29 1.15
N VAL A 40 -6.79 -5.44 0.54
CA VAL A 40 -7.24 -5.59 -0.88
C VAL A 40 -8.58 -6.33 -0.90
N GLU A 41 -9.56 -5.81 -1.58
CA GLU A 41 -10.89 -6.47 -1.63
C GLU A 41 -10.93 -7.45 -2.81
N GLY A 42 -10.88 -8.72 -2.54
CA GLY A 42 -10.93 -9.72 -3.65
C GLY A 42 -10.88 -11.12 -3.03
N PRO A 43 -10.93 -12.14 -3.85
CA PRO A 43 -10.90 -13.56 -3.38
C PRO A 43 -9.55 -13.92 -2.75
N SER A 44 -9.55 -14.80 -1.80
CA SER A 44 -8.27 -15.19 -1.14
C SER A 44 -7.41 -16.01 -2.11
N LYS A 45 -6.42 -15.41 -2.70
CA LYS A 45 -5.56 -16.16 -3.66
C LYS A 45 -4.34 -15.29 -4.02
N ALA A 46 -4.52 -14.01 -4.11
CA ALA A 46 -3.37 -13.13 -4.46
C ALA A 46 -2.29 -13.26 -3.39
N GLU A 47 -1.08 -12.84 -3.69
CA GLU A 47 0.04 -12.95 -2.69
C GLU A 47 0.52 -11.55 -2.31
N ILE A 48 0.25 -11.11 -1.11
CA ILE A 48 0.70 -9.75 -0.68
C ILE A 48 2.06 -9.87 0.01
N SER A 49 2.94 -8.93 -0.23
CA SER A 49 4.29 -8.97 0.41
C SER A 49 4.77 -7.54 0.67
N PHE A 50 4.64 -7.07 1.89
CA PHE A 50 5.08 -5.67 2.21
C PHE A 50 6.48 -5.71 2.84
N GLU A 51 7.08 -4.56 3.01
CA GLU A 51 8.44 -4.52 3.61
C GLU A 51 8.69 -3.12 4.19
N ASP A 52 8.93 -3.02 5.46
CA ASP A 52 9.17 -1.69 6.08
C ASP A 52 10.39 -1.04 5.43
N ARG A 53 10.37 0.26 5.29
CA ARG A 53 11.53 0.97 4.66
C ARG A 53 11.77 2.28 5.42
N LYS A 54 13.00 2.56 5.74
CA LYS A 54 13.31 3.81 6.49
C LYS A 54 12.74 5.03 5.73
N ASP A 55 12.19 4.81 4.56
CA ASP A 55 11.62 5.93 3.78
C ASP A 55 10.15 6.15 4.17
N GLY A 56 9.62 5.26 4.98
CA GLY A 56 8.20 5.41 5.39
C GLY A 56 7.28 5.00 4.25
N SER A 57 7.81 4.91 3.06
CA SER A 57 6.97 4.52 1.89
C SER A 57 6.62 3.03 2.01
N CYS A 58 5.36 2.70 1.98
CA CYS A 58 4.97 1.27 2.09
C CYS A 58 5.18 0.57 0.75
N GLY A 59 6.29 -0.11 0.60
CA GLY A 59 6.56 -0.83 -0.70
C GLY A 59 5.91 -2.21 -0.64
N VAL A 60 4.91 -2.44 -1.45
CA VAL A 60 4.22 -3.78 -1.45
C VAL A 60 3.99 -4.24 -2.89
N ALA A 61 3.96 -5.53 -3.12
CA ALA A 61 3.73 -6.04 -4.50
C ALA A 61 2.87 -7.29 -4.44
N TYR A 62 2.13 -7.59 -5.48
CA TYR A 62 1.27 -8.80 -5.46
C TYR A 62 1.01 -9.29 -6.88
N VAL A 63 0.67 -10.55 -7.00
CA VAL A 63 0.36 -11.14 -8.35
C VAL A 63 -1.09 -11.58 -8.35
N VAL A 64 -1.90 -11.00 -9.18
CA VAL A 64 -3.35 -11.38 -9.22
C VAL A 64 -3.53 -12.52 -10.23
N GLN A 65 -4.73 -13.03 -10.36
CA GLN A 65 -4.99 -14.15 -11.31
C GLN A 65 -6.31 -13.91 -12.04
N GLU A 66 -7.33 -14.67 -11.72
CA GLU A 66 -8.65 -14.50 -12.40
C GLU A 66 -8.97 -12.99 -12.55
N PRO A 67 -9.05 -12.47 -13.76
CA PRO A 67 -9.36 -11.03 -13.99
C PRO A 67 -10.44 -10.51 -13.04
N GLY A 68 -10.48 -9.23 -12.83
CA GLY A 68 -11.51 -8.64 -11.91
C GLY A 68 -10.89 -7.48 -11.14
N ASP A 69 -11.64 -6.44 -10.90
CA ASP A 69 -11.07 -5.27 -10.17
C ASP A 69 -11.00 -5.58 -8.67
N TYR A 70 -10.05 -4.99 -7.99
CA TYR A 70 -9.90 -5.22 -6.52
C TYR A 70 -10.02 -3.87 -5.81
N GLU A 71 -11.03 -3.68 -5.01
CA GLU A 71 -11.18 -2.37 -4.31
C GLU A 71 -10.27 -2.32 -3.09
N VAL A 72 -9.15 -1.66 -3.21
CA VAL A 72 -8.18 -1.58 -2.09
C VAL A 72 -8.48 -0.36 -1.22
N SER A 73 -8.80 -0.59 0.03
CA SER A 73 -9.07 0.57 0.94
C SER A 73 -7.74 1.04 1.54
N VAL A 74 -7.28 2.20 1.17
CA VAL A 74 -6.00 2.74 1.70
C VAL A 74 -6.30 3.92 2.63
N LYS A 75 -5.89 3.86 3.87
CA LYS A 75 -6.17 4.99 4.80
C LYS A 75 -5.03 5.17 5.81
N PHE A 76 -4.85 6.38 6.28
CA PHE A 76 -3.78 6.68 7.28
C PHE A 76 -4.45 7.12 8.59
N ASN A 77 -3.95 6.69 9.71
CA ASN A 77 -4.57 7.08 11.00
C ASN A 77 -6.07 6.81 10.91
N GLU A 78 -6.45 5.74 10.26
CA GLU A 78 -7.90 5.39 10.12
C GLU A 78 -8.63 6.54 9.43
N GLU A 79 -8.05 7.11 8.40
CA GLU A 79 -8.70 8.22 7.65
C GLU A 79 -8.94 7.77 6.21
N HIS A 80 -8.36 8.45 5.25
CA HIS A 80 -8.53 8.03 3.83
C HIS A 80 -7.56 8.84 2.95
N ILE A 81 -6.42 8.28 2.64
CA ILE A 81 -5.45 9.03 1.80
C ILE A 81 -6.08 9.23 0.42
N PRO A 82 -5.71 10.29 -0.28
CA PRO A 82 -6.25 10.61 -1.62
C PRO A 82 -6.74 9.38 -2.39
N ASP A 83 -7.96 9.40 -2.85
CA ASP A 83 -8.50 8.25 -3.60
C ASP A 83 -8.26 6.96 -2.78
N SER A 84 -8.64 6.97 -1.53
CA SER A 84 -8.44 5.76 -0.67
C SER A 84 -8.80 4.48 -1.46
N PRO A 85 -10.04 4.31 -1.85
CA PRO A 85 -10.46 3.10 -2.64
C PRO A 85 -9.81 3.11 -4.03
N PHE A 86 -8.84 2.26 -4.27
CA PHE A 86 -8.16 2.23 -5.60
C PHE A 86 -8.47 0.90 -6.30
N VAL A 87 -9.39 0.91 -7.24
CA VAL A 87 -9.74 -0.35 -7.95
C VAL A 87 -8.71 -0.62 -9.05
N VAL A 88 -8.37 -1.88 -9.27
CA VAL A 88 -7.36 -2.23 -10.31
C VAL A 88 -7.95 -3.25 -11.31
N PRO A 89 -8.44 -2.83 -12.44
CA PRO A 89 -8.99 -3.77 -13.46
C PRO A 89 -7.95 -4.80 -13.89
N VAL A 90 -8.08 -6.02 -13.45
CA VAL A 90 -7.08 -7.06 -13.82
C VAL A 90 -7.45 -7.73 -15.13
N ALA A 91 -6.48 -8.02 -15.94
CA ALA A 91 -6.74 -8.69 -17.26
C ALA A 91 -6.13 -10.09 -17.27
N SER A 92 -6.60 -10.94 -18.13
CA SER A 92 -6.05 -12.32 -18.21
C SER A 92 -4.52 -12.24 -18.37
N PRO A 93 -3.82 -13.35 -18.28
CA PRO A 93 -2.35 -13.39 -18.42
C PRO A 93 -1.91 -13.62 -19.87
N SER A 94 -1.50 -14.82 -20.19
CA SER A 94 -1.07 -15.15 -21.58
C SER A 94 -1.85 -16.36 -22.07
N GLY A 95 -2.33 -17.18 -21.16
CA GLY A 95 -3.10 -18.39 -21.58
C GLY A 95 -3.01 -19.45 -20.48
N TRP B 1 -11.01 -13.71 0.52
CA TRP B 1 -11.87 -12.81 1.33
C TRP B 1 -11.22 -11.43 1.45
N LYS B 2 -11.44 -10.74 2.53
CA LYS B 2 -10.83 -9.40 2.71
C LYS B 2 -9.45 -9.54 3.36
N VAL B 3 -8.41 -9.53 2.59
CA VAL B 3 -7.04 -9.68 3.17
C VAL B 3 -6.66 -8.37 3.87
N GLY B 4 -5.68 -8.40 4.73
CA GLY B 4 -5.28 -7.15 5.43
C GLY B 4 -3.93 -7.35 6.13
N PHE B 5 -3.11 -6.32 6.14
CA PHE B 5 -1.78 -6.42 6.81
C PHE B 5 -1.49 -5.08 7.51
N PHE B 6 -0.33 -4.93 8.11
CA PHE B 6 -0.02 -3.66 8.81
C PHE B 6 1.47 -3.33 8.64
N LYS B 7 1.82 -2.08 8.74
CA LYS B 7 3.25 -1.66 8.58
C LYS B 7 3.57 -0.55 9.57
N ARG B 8 4.55 -0.75 10.41
CA ARG B 8 4.92 0.28 11.41
C ARG B 8 5.81 1.34 10.74
N ASN B 9 5.24 2.42 10.28
CA ASN B 9 6.04 3.48 9.63
C ASN B 9 6.69 4.37 10.71
N ARG B 10 7.89 4.05 11.09
CA ARG B 10 8.58 4.88 12.13
C ARG B 10 8.99 6.22 11.52
N PRO B 11 9.02 7.28 12.29
CA PRO B 11 9.41 8.63 11.79
C PRO B 11 10.93 8.72 11.51
N PRO B 12 11.35 9.68 10.72
CA PRO B 12 12.79 9.87 10.39
C PRO B 12 13.58 10.42 11.57
N LEU B 13 14.78 10.90 11.32
CA LEU B 13 15.60 11.45 12.44
C LEU B 13 15.62 10.45 13.61
N GLU B 14 16.56 9.56 13.61
CA GLU B 14 16.63 8.56 14.72
C GLU B 14 16.91 9.28 16.04
N GLU B 15 15.88 9.61 16.78
CA GLU B 15 16.08 10.31 18.07
C GLU B 15 16.95 11.55 17.84
N ASP B 16 16.33 12.69 17.65
CA ASP B 16 17.12 13.93 17.43
C ASP B 16 17.69 14.42 18.76
N ASP B 17 17.37 13.75 19.83
CA ASP B 17 17.90 14.17 21.16
C ASP B 17 19.43 14.27 21.10
N GLU B 18 20.06 14.47 22.22
CA GLU B 18 21.55 14.57 22.22
C GLU B 18 22.15 13.28 21.65
N GLU B 19 21.42 12.21 21.69
CA GLU B 19 21.94 10.92 21.15
C GLU B 19 21.99 11.00 19.62
N GLY B 20 21.84 12.17 19.07
CA GLY B 20 21.88 12.32 17.59
C GLY B 20 23.11 11.62 17.03
N GLU B 21 24.21 11.67 17.74
CA GLU B 21 25.44 11.01 17.25
C GLU B 21 25.28 9.49 17.36
N GLY A 1 0.29 8.46 14.54
CA GLY A 1 -0.70 8.15 13.42
C GLY A 1 -0.19 7.97 12.02
N GLY A 2 0.57 8.92 11.55
CA GLY A 2 1.11 8.84 10.17
C GLY A 2 -0.04 8.95 9.17
N ALA A 3 -1.03 8.12 9.32
CA ALA A 3 -2.20 8.17 8.40
C ALA A 3 -2.66 9.62 8.22
N HIS A 4 -2.17 10.52 9.04
CA HIS A 4 -2.59 11.95 8.93
C HIS A 4 -1.68 12.72 7.98
N LYS A 5 -0.64 12.10 7.45
CA LYS A 5 0.27 12.83 6.52
C LYS A 5 0.83 11.87 5.47
N VAL A 6 0.12 10.82 5.17
CA VAL A 6 0.63 9.85 4.16
C VAL A 6 0.42 10.41 2.75
N ARG A 7 1.34 10.10 1.87
CA ARG A 7 1.22 10.54 0.46
C ARG A 7 1.40 9.29 -0.37
N ALA A 8 0.41 8.86 -1.11
CA ALA A 8 0.53 7.59 -1.88
C ALA A 8 0.20 7.77 -3.36
N GLY A 9 0.69 6.87 -4.17
CA GLY A 9 0.41 6.91 -5.64
C GLY A 9 -0.50 5.73 -5.95
N GLY A 10 -0.68 5.35 -7.19
CA GLY A 10 -1.57 4.19 -7.43
C GLY A 10 -2.02 4.11 -8.90
N PRO A 11 -1.10 3.96 -9.82
CA PRO A 11 -1.44 3.83 -11.27
C PRO A 11 -2.36 2.63 -11.48
N GLY A 12 -2.24 1.63 -10.63
CA GLY A 12 -3.09 0.41 -10.74
C GLY A 12 -3.78 0.13 -9.40
N LEU A 13 -4.07 1.17 -8.63
CA LEU A 13 -4.74 0.99 -7.32
C LEU A 13 -6.13 1.62 -7.42
N GLU A 14 -6.40 2.26 -8.53
CA GLU A 14 -7.74 2.90 -8.74
C GLU A 14 -8.43 2.18 -9.89
N ARG A 15 -7.70 1.37 -10.61
CA ARG A 15 -8.31 0.61 -11.75
C ARG A 15 -7.23 -0.29 -12.36
N ALA A 16 -7.56 -1.56 -12.57
CA ALA A 16 -6.57 -2.51 -13.16
C ALA A 16 -7.24 -3.31 -14.28
N GLU A 17 -6.48 -4.13 -14.96
CA GLU A 17 -7.05 -4.96 -16.07
C GLU A 17 -6.42 -6.35 -15.98
N ALA A 18 -7.23 -7.35 -15.73
CA ALA A 18 -6.72 -8.76 -15.61
C ALA A 18 -5.51 -9.00 -16.52
N GLY A 19 -4.57 -9.79 -16.07
CA GLY A 19 -3.37 -10.09 -16.91
C GLY A 19 -2.41 -8.89 -16.97
N VAL A 20 -2.75 -7.79 -16.35
CA VAL A 20 -1.85 -6.59 -16.37
C VAL A 20 -1.37 -6.30 -14.94
N PRO A 21 -0.09 -6.02 -14.75
CA PRO A 21 0.43 -5.72 -13.39
C PRO A 21 -0.04 -4.35 -12.89
N ALA A 22 -0.19 -4.21 -11.61
CA ALA A 22 -0.65 -2.91 -11.04
C ALA A 22 0.23 -2.60 -9.83
N GLU A 23 0.38 -1.36 -9.46
CA GLU A 23 1.23 -1.06 -8.28
C GLU A 23 0.83 0.25 -7.63
N PHE A 24 1.52 0.62 -6.60
CA PHE A 24 1.23 1.89 -5.90
C PHE A 24 2.38 2.20 -4.95
N SER A 25 2.25 3.23 -4.18
CA SER A 25 3.35 3.57 -3.23
C SER A 25 2.76 4.33 -2.05
N ILE A 26 3.31 4.13 -0.88
CA ILE A 26 2.79 4.84 0.35
C ILE A 26 3.90 5.74 0.89
N TRP A 27 4.31 6.72 0.15
CA TRP A 27 5.42 7.62 0.60
C TRP A 27 5.09 8.21 1.97
N THR A 28 5.85 7.88 2.98
CA THR A 28 5.58 8.42 4.34
C THR A 28 6.80 8.17 5.25
N ARG A 29 7.94 8.71 4.90
CA ARG A 29 9.15 8.52 5.76
C ARG A 29 9.15 9.59 6.86
N GLU A 30 8.16 10.45 6.86
CA GLU A 30 8.09 11.51 7.90
C GLU A 30 7.38 10.93 9.13
N ALA A 31 6.33 10.18 8.91
CA ALA A 31 5.60 9.59 10.05
C ALA A 31 6.57 8.73 10.88
N GLY A 32 7.31 7.89 10.23
CA GLY A 32 8.29 7.03 10.96
C GLY A 32 7.54 6.16 11.98
N ALA A 33 8.00 4.96 12.20
CA ALA A 33 7.33 4.07 13.19
C ALA A 33 8.09 2.75 13.29
N GLY A 34 7.88 1.86 12.37
CA GLY A 34 8.60 0.56 12.41
C GLY A 34 7.97 -0.40 11.39
N GLY A 35 7.16 0.11 10.50
CA GLY A 35 6.52 -0.77 9.48
C GLY A 35 5.13 -0.21 9.14
N LEU A 36 4.45 -0.83 8.21
CA LEU A 36 3.09 -0.35 7.82
C LEU A 36 2.22 -1.55 7.47
N ALA A 37 0.93 -1.44 7.63
CA ALA A 37 0.01 -2.58 7.33
C ALA A 37 -0.51 -2.49 5.89
N ILE A 38 -0.46 -3.58 5.16
CA ILE A 38 -0.95 -3.57 3.75
C ILE A 38 -1.65 -4.92 3.47
N ALA A 39 -2.84 -4.88 2.93
CA ALA A 39 -3.57 -6.15 2.64
C ALA A 39 -4.48 -5.95 1.42
N VAL A 40 -4.77 -7.03 0.72
CA VAL A 40 -5.65 -6.94 -0.48
C VAL A 40 -6.73 -8.02 -0.41
N GLU A 41 -7.97 -7.64 -0.25
CA GLU A 41 -9.06 -8.66 -0.16
C GLU A 41 -9.72 -8.81 -1.54
N GLY A 42 -10.20 -9.98 -1.84
CA GLY A 42 -10.85 -10.21 -3.17
C GLY A 42 -11.08 -11.71 -3.39
N PRO A 43 -11.82 -12.05 -4.39
CA PRO A 43 -12.13 -13.48 -4.72
C PRO A 43 -10.91 -14.21 -5.30
N SER A 44 -10.38 -13.73 -6.41
CA SER A 44 -9.20 -14.39 -7.01
C SER A 44 -7.93 -13.95 -6.27
N LYS A 45 -6.93 -14.78 -6.26
CA LYS A 45 -5.67 -14.41 -5.55
C LYS A 45 -4.83 -13.47 -6.43
N ALA A 46 -3.67 -13.11 -5.97
CA ALA A 46 -2.79 -12.20 -6.77
C ALA A 46 -1.34 -12.43 -6.37
N GLU A 47 -0.41 -11.94 -7.16
CA GLU A 47 1.04 -12.12 -6.82
C GLU A 47 1.58 -10.83 -6.22
N ILE A 48 1.85 -10.81 -4.93
CA ILE A 48 2.36 -9.58 -4.28
C ILE A 48 3.90 -9.55 -4.37
N SER A 49 4.46 -8.40 -4.59
CA SER A 49 5.95 -8.28 -4.68
C SER A 49 6.38 -6.93 -4.11
N PHE A 50 6.84 -6.92 -2.88
CA PHE A 50 7.26 -5.63 -2.24
C PHE A 50 8.80 -5.53 -2.24
N GLU A 51 9.32 -4.37 -1.97
CA GLU A 51 10.80 -4.20 -1.95
C GLU A 51 11.15 -2.88 -1.24
N ASP A 52 11.54 -2.95 0.00
CA ASP A 52 11.89 -1.70 0.74
C ASP A 52 13.17 -1.10 0.16
N ARG A 53 13.40 0.17 0.39
CA ARG A 53 14.62 0.83 -0.14
C ARG A 53 14.76 2.19 0.54
N LYS A 54 14.01 3.17 0.10
CA LYS A 54 14.08 4.52 0.71
C LYS A 54 13.19 4.53 1.95
N ASP A 55 12.52 3.45 2.21
CA ASP A 55 11.67 3.34 3.40
C ASP A 55 10.59 4.43 3.39
N GLY A 56 9.60 4.29 4.23
CA GLY A 56 8.51 5.29 4.30
C GLY A 56 7.58 5.11 3.10
N SER A 57 8.07 4.49 2.06
CA SER A 57 7.24 4.26 0.84
C SER A 57 7.11 2.76 0.58
N CYS A 58 5.90 2.27 0.50
CA CYS A 58 5.70 0.81 0.23
C CYS A 58 5.60 0.60 -1.27
N GLY A 59 6.68 0.28 -1.92
CA GLY A 59 6.64 0.05 -3.39
C GLY A 59 6.30 -1.41 -3.66
N VAL A 60 5.08 -1.68 -4.08
CA VAL A 60 4.67 -3.09 -4.35
C VAL A 60 3.91 -3.17 -5.67
N ALA A 61 3.91 -4.32 -6.30
CA ALA A 61 3.18 -4.49 -7.60
C ALA A 61 2.50 -5.85 -7.61
N TYR A 62 1.44 -6.00 -8.36
CA TYR A 62 0.75 -7.32 -8.41
C TYR A 62 -0.04 -7.46 -9.71
N VAL A 63 -0.37 -8.68 -10.05
CA VAL A 63 -1.17 -8.94 -11.28
C VAL A 63 -2.48 -9.61 -10.86
N VAL A 64 -3.59 -8.97 -11.14
CA VAL A 64 -4.90 -9.53 -10.74
C VAL A 64 -5.48 -10.39 -11.86
N GLN A 65 -6.53 -11.10 -11.59
CA GLN A 65 -7.17 -11.96 -12.63
C GLN A 65 -8.67 -12.03 -12.37
N GLU A 66 -9.44 -12.48 -13.32
CA GLU A 66 -10.91 -12.57 -13.10
C GLU A 66 -11.43 -11.17 -12.68
N PRO A 67 -11.98 -10.40 -13.59
CA PRO A 67 -12.49 -9.04 -13.26
C PRO A 67 -13.21 -8.98 -11.92
N GLY A 68 -13.20 -7.83 -11.30
CA GLY A 68 -13.89 -7.67 -9.98
C GLY A 68 -13.09 -6.68 -9.14
N ASP A 69 -13.75 -5.86 -8.38
CA ASP A 69 -13.02 -4.86 -7.55
C ASP A 69 -12.36 -5.56 -6.36
N TYR A 70 -11.26 -5.02 -5.88
CA TYR A 70 -10.55 -5.63 -4.72
C TYR A 70 -10.50 -4.61 -3.58
N GLU A 71 -11.14 -4.90 -2.47
CA GLU A 71 -11.12 -3.94 -1.33
C GLU A 71 -9.72 -3.91 -0.72
N VAL A 72 -8.97 -2.87 -0.97
CA VAL A 72 -7.59 -2.78 -0.40
C VAL A 72 -7.62 -1.94 0.87
N SER A 73 -7.44 -2.55 2.01
CA SER A 73 -7.47 -1.79 3.29
C SER A 73 -6.08 -1.23 3.59
N VAL A 74 -5.92 0.06 3.55
CA VAL A 74 -4.59 0.69 3.84
C VAL A 74 -4.70 1.44 5.18
N LYS A 75 -3.81 1.16 6.10
CA LYS A 75 -3.89 1.87 7.43
C LYS A 75 -2.48 2.11 7.98
N PHE A 76 -2.30 3.24 8.63
CA PHE A 76 -0.97 3.58 9.24
C PHE A 76 -1.11 3.52 10.77
N ASN A 77 -0.21 2.89 11.45
CA ASN A 77 -0.33 2.80 12.93
C ASN A 77 -1.74 2.31 13.28
N GLU A 78 -2.25 1.38 12.52
CA GLU A 78 -3.61 0.83 12.77
C GLU A 78 -4.64 1.96 12.73
N GLU A 79 -4.50 2.87 11.80
CA GLU A 79 -5.48 4.00 11.68
C GLU A 79 -6.18 3.89 10.32
N HIS A 80 -6.06 4.89 9.49
CA HIS A 80 -6.70 4.82 8.15
C HIS A 80 -6.20 5.99 7.28
N ILE A 81 -5.15 5.76 6.52
CA ILE A 81 -4.62 6.87 5.67
C ILE A 81 -5.73 7.28 4.70
N PRO A 82 -5.74 8.52 4.27
CA PRO A 82 -6.77 9.06 3.34
C PRO A 82 -7.41 7.97 2.46
N ASP A 83 -8.72 7.95 2.40
CA ASP A 83 -9.42 6.91 1.60
C ASP A 83 -8.77 5.54 1.82
N SER A 84 -8.64 5.13 3.06
CA SER A 84 -8.01 3.81 3.37
C SER A 84 -8.54 2.74 2.40
N PRO A 85 -9.80 2.41 2.44
CA PRO A 85 -10.39 1.38 1.53
C PRO A 85 -10.31 1.85 0.07
N PHE A 86 -9.43 1.27 -0.72
CA PHE A 86 -9.29 1.69 -2.14
C PHE A 86 -9.66 0.51 -3.06
N VAL A 87 -10.87 0.52 -3.58
CA VAL A 87 -11.31 -0.59 -4.48
C VAL A 87 -10.71 -0.38 -5.87
N VAL A 88 -10.37 -1.45 -6.57
CA VAL A 88 -9.77 -1.33 -7.93
C VAL A 88 -10.61 -2.14 -8.94
N PRO A 89 -11.50 -1.51 -9.67
CA PRO A 89 -12.32 -2.23 -10.70
C PRO A 89 -11.42 -2.93 -11.72
N VAL A 90 -11.33 -4.24 -11.64
CA VAL A 90 -10.45 -4.98 -12.61
C VAL A 90 -11.22 -5.34 -13.87
N ALA A 91 -10.56 -5.24 -15.00
CA ALA A 91 -11.22 -5.57 -16.31
C ALA A 91 -10.57 -6.82 -16.90
N SER A 92 -11.25 -7.48 -17.81
CA SER A 92 -10.68 -8.70 -18.43
C SER A 92 -9.31 -8.37 -19.05
N PRO A 93 -8.56 -9.36 -19.47
CA PRO A 93 -7.22 -9.15 -20.08
C PRO A 93 -7.32 -8.93 -21.60
N SER A 94 -6.99 -9.94 -22.36
CA SER A 94 -7.05 -9.85 -23.85
C SER A 94 -7.91 -11.00 -24.39
N GLY A 95 -8.01 -12.07 -23.66
CA GLY A 95 -8.83 -13.22 -24.12
C GLY A 95 -8.27 -13.73 -25.45
N TRP B 1 -8.39 -14.86 -3.44
CA TRP B 1 -8.21 -15.14 -1.99
C TRP B 1 -7.88 -13.83 -1.26
N LYS B 2 -6.81 -13.81 -0.53
CA LYS B 2 -6.43 -12.57 0.21
C LYS B 2 -5.02 -12.72 0.77
N VAL B 3 -4.28 -11.64 0.82
CA VAL B 3 -2.88 -11.71 1.37
C VAL B 3 -2.50 -10.35 1.96
N GLY B 4 -1.23 -10.10 2.08
CA GLY B 4 -0.78 -8.79 2.66
C GLY B 4 0.65 -8.94 3.16
N PHE B 5 1.23 -7.89 3.68
CA PHE B 5 2.63 -8.00 4.19
C PHE B 5 2.88 -6.90 5.23
N PHE B 6 4.10 -6.44 5.36
CA PHE B 6 4.39 -5.39 6.37
C PHE B 6 5.84 -4.90 6.19
N LYS B 7 6.03 -3.63 5.97
CA LYS B 7 7.41 -3.10 5.79
C LYS B 7 8.01 -2.73 7.15
N ARG B 8 9.13 -2.06 7.15
CA ARG B 8 9.78 -1.66 8.43
C ARG B 8 10.17 -0.18 8.37
N ASN B 9 9.35 0.68 8.91
CA ASN B 9 9.66 2.14 8.89
C ASN B 9 10.49 2.51 10.11
N ARG B 10 11.77 2.25 10.07
CA ARG B 10 12.64 2.59 11.23
C ARG B 10 12.41 4.06 11.64
N PRO B 11 12.61 4.40 12.88
CA PRO B 11 12.43 5.80 13.37
C PRO B 11 12.88 6.83 12.33
N PRO B 12 12.39 8.05 12.41
CA PRO B 12 12.76 9.13 11.45
C PRO B 12 14.18 9.65 11.70
N LEU B 13 14.54 10.75 11.09
CA LEU B 13 15.90 11.31 11.29
C LEU B 13 16.14 11.51 12.79
N GLU B 14 17.13 10.87 13.33
CA GLU B 14 17.42 11.03 14.78
C GLU B 14 17.99 12.43 15.04
N GLU B 15 17.15 13.37 15.38
CA GLU B 15 17.64 14.75 15.65
C GLU B 15 16.57 15.54 16.42
N ASP B 16 15.32 15.31 16.11
CA ASP B 16 14.24 16.04 16.83
C ASP B 16 14.21 15.60 18.29
N ASP B 17 14.50 16.49 19.20
CA ASP B 17 14.48 16.12 20.64
C ASP B 17 13.12 15.53 21.00
N GLU B 18 12.86 15.32 22.26
CA GLU B 18 11.55 14.74 22.67
C GLU B 18 10.42 15.53 22.03
N GLU B 19 9.70 14.92 21.13
CA GLU B 19 8.57 15.64 20.46
C GLU B 19 7.54 16.05 21.51
N GLY B 20 6.28 16.04 21.14
CA GLY B 20 5.21 16.43 22.11
C GLY B 20 4.98 17.94 22.02
N GLU B 21 5.99 18.69 21.71
CA GLU B 21 5.84 20.16 21.60
C GLU B 21 4.83 20.49 20.50
N GLY A 1 -3.12 8.19 15.34
CA GLY A 1 -3.81 7.91 14.00
C GLY A 1 -2.96 7.76 12.76
N GLY A 2 -2.09 8.69 12.54
CA GLY A 2 -1.21 8.63 11.33
C GLY A 2 -2.05 8.80 10.08
N ALA A 3 -3.09 8.02 9.95
CA ALA A 3 -3.98 8.14 8.77
C ALA A 3 -4.32 9.62 8.53
N HIS A 4 -4.02 10.47 9.47
CA HIS A 4 -4.34 11.92 9.32
C HIS A 4 -3.20 12.68 8.62
N LYS A 5 -2.07 12.04 8.38
CA LYS A 5 -0.95 12.77 7.70
C LYS A 5 -0.25 11.83 6.71
N VAL A 6 -0.94 10.84 6.21
CA VAL A 6 -0.29 9.90 5.26
C VAL A 6 -0.29 10.50 3.85
N ARG A 7 0.75 10.22 3.11
CA ARG A 7 0.85 10.69 1.70
C ARG A 7 1.19 9.45 0.89
N ALA A 8 0.29 8.99 0.06
CA ALA A 8 0.56 7.73 -0.70
C ALA A 8 0.51 7.94 -2.22
N GLY A 9 1.12 7.04 -2.94
CA GLY A 9 1.12 7.10 -4.43
C GLY A 9 0.27 5.93 -4.91
N GLY A 10 0.29 5.59 -6.17
CA GLY A 10 -0.56 4.44 -6.60
C GLY A 10 -0.69 4.37 -8.12
N PRO A 11 0.39 4.21 -8.83
CA PRO A 11 0.34 4.09 -10.32
C PRO A 11 -0.55 2.92 -10.73
N GLY A 12 -0.63 1.92 -9.88
CA GLY A 12 -1.48 0.72 -10.17
C GLY A 12 -2.43 0.47 -9.00
N LEU A 13 -2.83 1.50 -8.30
CA LEU A 13 -3.77 1.34 -7.14
C LEU A 13 -5.10 2.00 -7.52
N GLU A 14 -5.12 2.66 -8.65
CA GLU A 14 -6.38 3.34 -9.13
C GLU A 14 -6.80 2.69 -10.45
N ARG A 15 -5.92 1.96 -11.07
CA ARG A 15 -6.26 1.30 -12.36
C ARG A 15 -5.09 0.41 -12.80
N ALA A 16 -5.36 -0.81 -13.16
CA ALA A 16 -4.26 -1.74 -13.60
C ALA A 16 -4.71 -2.48 -14.87
N GLU A 17 -3.83 -3.27 -15.43
CA GLU A 17 -4.16 -4.04 -16.67
C GLU A 17 -3.60 -5.46 -16.49
N ALA A 18 -4.45 -6.45 -16.53
CA ALA A 18 -4.01 -7.86 -16.36
C ALA A 18 -2.62 -8.10 -16.96
N GLY A 19 -1.83 -8.93 -16.33
CA GLY A 19 -0.46 -9.23 -16.85
C GLY A 19 0.51 -8.08 -16.59
N VAL A 20 0.02 -6.96 -16.11
CA VAL A 20 0.91 -5.79 -15.82
C VAL A 20 1.05 -5.62 -14.30
N PRO A 21 2.24 -5.41 -13.78
CA PRO A 21 2.42 -5.24 -12.31
C PRO A 21 1.83 -3.91 -11.84
N ALA A 22 1.41 -3.84 -10.60
CA ALA A 22 0.83 -2.57 -10.06
C ALA A 22 1.43 -2.34 -8.68
N GLU A 23 1.55 -1.12 -8.25
CA GLU A 23 2.15 -0.87 -6.91
C GLU A 23 1.68 0.46 -6.33
N PHE A 24 2.15 0.77 -5.16
CA PHE A 24 1.78 2.06 -4.50
C PHE A 24 2.75 2.29 -3.34
N SER A 25 2.63 3.40 -2.67
CA SER A 25 3.56 3.66 -1.52
C SER A 25 2.80 4.44 -0.44
N ILE A 26 3.20 4.31 0.79
CA ILE A 26 2.53 5.04 1.92
C ILE A 26 3.57 5.97 2.57
N TRP A 27 4.04 6.95 1.86
CA TRP A 27 5.06 7.87 2.43
C TRP A 27 4.55 8.48 3.73
N THR A 28 5.14 8.13 4.84
CA THR A 28 4.68 8.68 6.14
C THR A 28 5.73 8.39 7.22
N ARG A 29 6.93 8.86 7.04
CA ARG A 29 7.99 8.62 8.04
C ARG A 29 7.76 9.52 9.26
N GLU A 30 7.09 10.62 9.05
CA GLU A 30 6.82 11.55 10.19
C GLU A 30 5.89 10.88 11.20
N ALA A 31 4.81 10.31 10.74
CA ALA A 31 3.87 9.64 11.68
C ALA A 31 4.52 8.39 12.26
N GLY A 32 5.36 7.72 11.49
CA GLY A 32 6.04 6.50 12.00
C GLY A 32 5.04 5.61 12.73
N ALA A 33 5.19 5.53 14.03
CA ALA A 33 4.27 4.67 14.86
C ALA A 33 4.76 3.22 14.83
N GLY A 34 4.83 2.63 13.65
CA GLY A 34 5.30 1.21 13.54
C GLY A 34 4.27 0.40 12.75
N GLY A 35 3.77 -0.66 13.33
CA GLY A 35 2.78 -1.56 12.65
C GLY A 35 1.87 -0.76 11.70
N LEU A 36 1.54 -1.34 10.59
CA LEU A 36 0.66 -0.67 9.59
C LEU A 36 -0.24 -1.74 8.95
N ALA A 37 -1.49 -1.44 8.71
CA ALA A 37 -2.40 -2.47 8.12
C ALA A 37 -2.43 -2.37 6.60
N ILE A 38 -1.98 -3.40 5.93
CA ILE A 38 -1.98 -3.40 4.43
C ILE A 38 -2.48 -4.77 3.94
N ALA A 39 -3.65 -4.81 3.35
CA ALA A 39 -4.18 -6.11 2.85
C ALA A 39 -5.11 -5.88 1.66
N VAL A 40 -5.25 -6.88 0.82
CA VAL A 40 -6.14 -6.76 -0.38
C VAL A 40 -7.04 -7.99 -0.46
N GLU A 41 -8.19 -7.88 -1.07
CA GLU A 41 -9.13 -9.04 -1.18
C GLU A 41 -9.71 -9.10 -2.59
N GLY A 42 -9.49 -10.18 -3.28
CA GLY A 42 -10.04 -10.32 -4.66
C GLY A 42 -9.84 -11.76 -5.16
N PRO A 43 -10.67 -12.23 -6.06
CA PRO A 43 -10.55 -13.61 -6.61
C PRO A 43 -9.43 -13.73 -7.65
N SER A 44 -8.23 -13.96 -7.21
CA SER A 44 -7.10 -14.09 -8.19
C SER A 44 -5.84 -14.56 -7.46
N LYS A 45 -4.97 -15.24 -8.16
CA LYS A 45 -3.72 -15.75 -7.52
C LYS A 45 -2.63 -14.67 -7.62
N ALA A 46 -3.00 -13.42 -7.47
CA ALA A 46 -1.99 -12.33 -7.56
C ALA A 46 -0.87 -12.61 -6.55
N GLU A 47 0.24 -11.92 -6.68
CA GLU A 47 1.39 -12.14 -5.75
C GLU A 47 1.84 -10.79 -5.18
N ILE A 48 1.90 -10.67 -3.87
CA ILE A 48 2.32 -9.38 -3.23
C ILE A 48 3.76 -9.47 -2.72
N SER A 49 4.48 -8.38 -2.76
CA SER A 49 5.89 -8.38 -2.28
C SER A 49 6.21 -7.01 -1.67
N PHE A 50 6.19 -6.92 -0.36
CA PHE A 50 6.48 -5.61 0.31
C PHE A 50 7.91 -5.61 0.84
N GLU A 51 8.42 -4.46 1.19
CA GLU A 51 9.81 -4.38 1.72
C GLU A 51 10.06 -2.97 2.27
N ASP A 52 10.00 -2.80 3.56
CA ASP A 52 10.23 -1.46 4.15
C ASP A 52 11.75 -1.20 4.25
N ARG A 53 12.24 -0.25 3.51
CA ARG A 53 13.70 0.05 3.56
C ARG A 53 13.95 1.45 2.98
N LYS A 54 12.92 2.12 2.55
CA LYS A 54 13.10 3.48 1.97
C LYS A 54 12.97 4.52 3.09
N ASP A 55 11.78 4.71 3.61
CA ASP A 55 11.60 5.69 4.70
C ASP A 55 10.19 5.57 5.27
N GLY A 56 9.90 4.47 5.93
CA GLY A 56 8.55 4.29 6.52
C GLY A 56 7.52 4.07 5.41
N SER A 57 7.84 4.47 4.20
CA SER A 57 6.88 4.29 3.08
C SER A 57 6.75 2.79 2.76
N CYS A 58 5.55 2.28 2.77
CA CYS A 58 5.36 0.84 2.45
C CYS A 58 5.36 0.64 0.94
N GLY A 59 6.46 0.20 0.38
CA GLY A 59 6.53 -0.01 -1.10
C GLY A 59 6.21 -1.47 -1.42
N VAL A 60 5.09 -1.72 -2.07
CA VAL A 60 4.71 -3.11 -2.43
C VAL A 60 4.22 -3.16 -3.87
N ALA A 61 4.30 -4.29 -4.51
CA ALA A 61 3.83 -4.40 -5.93
C ALA A 61 3.18 -5.75 -6.16
N TYR A 62 2.28 -5.85 -7.11
CA TYR A 62 1.63 -7.16 -7.38
C TYR A 62 1.15 -7.21 -8.84
N VAL A 63 1.03 -8.41 -9.35
CA VAL A 63 0.55 -8.59 -10.75
C VAL A 63 -0.78 -9.33 -10.67
N VAL A 64 -1.83 -8.72 -11.16
CA VAL A 64 -3.17 -9.34 -11.09
C VAL A 64 -3.38 -10.28 -12.28
N GLN A 65 -4.36 -11.15 -12.21
CA GLN A 65 -4.60 -12.10 -13.33
C GLN A 65 -5.68 -11.56 -14.27
N GLU A 66 -6.80 -12.23 -14.37
CA GLU A 66 -7.89 -11.77 -15.27
C GLU A 66 -8.53 -10.48 -14.73
N PRO A 67 -9.07 -9.64 -15.59
CA PRO A 67 -9.73 -8.37 -15.16
C PRO A 67 -10.56 -8.53 -13.89
N GLY A 68 -10.84 -7.44 -13.23
CA GLY A 68 -11.66 -7.50 -11.97
C GLY A 68 -11.14 -6.46 -10.99
N ASP A 69 -12.01 -5.75 -10.34
CA ASP A 69 -11.55 -4.72 -9.37
C ASP A 69 -11.05 -5.39 -8.09
N TYR A 70 -10.13 -4.76 -7.40
CA TYR A 70 -9.58 -5.34 -6.14
C TYR A 70 -9.81 -4.37 -4.99
N GLU A 71 -10.60 -4.76 -4.01
CA GLU A 71 -10.86 -3.84 -2.86
C GLU A 71 -9.57 -3.66 -2.06
N VAL A 72 -8.92 -2.53 -2.21
CA VAL A 72 -7.65 -2.29 -1.46
C VAL A 72 -7.94 -1.52 -0.18
N SER A 73 -7.91 -2.18 0.94
CA SER A 73 -8.18 -1.48 2.23
C SER A 73 -6.88 -0.88 2.75
N VAL A 74 -6.77 0.42 2.77
CA VAL A 74 -5.53 1.10 3.25
C VAL A 74 -5.86 1.85 4.54
N LYS A 75 -5.27 1.47 5.65
CA LYS A 75 -5.57 2.18 6.94
C LYS A 75 -4.32 2.30 7.79
N PHE A 76 -4.29 3.28 8.67
CA PHE A 76 -3.12 3.50 9.57
C PHE A 76 -3.59 3.39 11.01
N ASN A 77 -2.84 2.75 11.86
CA ASN A 77 -3.26 2.62 13.29
C ASN A 77 -4.72 2.16 13.34
N GLU A 78 -5.09 1.25 12.47
CA GLU A 78 -6.50 0.74 12.45
C GLU A 78 -7.47 1.90 12.24
N GLU A 79 -7.12 2.86 11.42
CA GLU A 79 -8.03 4.01 11.14
C GLU A 79 -8.42 3.99 9.66
N HIS A 80 -8.06 4.99 8.92
CA HIS A 80 -8.39 5.00 7.47
C HIS A 80 -7.66 6.17 6.79
N ILE A 81 -6.56 5.91 6.16
CA ILE A 81 -5.81 7.02 5.50
C ILE A 81 -6.67 7.53 4.32
N PRO A 82 -6.53 8.79 3.96
CA PRO A 82 -7.30 9.41 2.86
C PRO A 82 -7.75 8.41 1.79
N ASP A 83 -9.01 8.41 1.44
CA ASP A 83 -9.50 7.46 0.43
C ASP A 83 -9.03 6.04 0.77
N SER A 84 -9.21 5.63 2.00
CA SER A 84 -8.76 4.27 2.42
C SER A 84 -9.15 3.24 1.34
N PRO A 85 -10.42 2.99 1.14
CA PRO A 85 -10.90 2.01 0.12
C PRO A 85 -10.52 2.47 -1.29
N PHE A 86 -9.72 1.70 -2.00
CA PHE A 86 -9.32 2.11 -3.39
C PHE A 86 -9.43 0.91 -4.32
N VAL A 87 -10.52 0.81 -5.04
CA VAL A 87 -10.69 -0.33 -5.99
C VAL A 87 -9.85 -0.06 -7.23
N VAL A 88 -9.32 -1.09 -7.84
CA VAL A 88 -8.48 -0.90 -9.06
C VAL A 88 -9.10 -1.64 -10.25
N PRO A 89 -9.84 -0.96 -11.10
CA PRO A 89 -10.44 -1.61 -12.30
C PRO A 89 -9.35 -2.24 -13.18
N VAL A 90 -9.24 -3.53 -13.16
CA VAL A 90 -8.19 -4.20 -13.98
C VAL A 90 -8.69 -4.46 -15.40
N ALA A 91 -7.83 -4.31 -16.37
CA ALA A 91 -8.23 -4.54 -17.79
C ALA A 91 -7.47 -5.74 -18.34
N SER A 92 -8.00 -6.37 -19.35
CA SER A 92 -7.32 -7.55 -19.94
C SER A 92 -5.86 -7.18 -20.24
N PRO A 93 -5.03 -8.15 -20.58
CA PRO A 93 -3.60 -7.90 -20.91
C PRO A 93 -3.39 -7.57 -22.38
N SER A 94 -2.92 -8.53 -23.14
CA SER A 94 -2.69 -8.32 -24.60
C SER A 94 -3.44 -9.40 -25.39
N GLY A 95 -3.70 -10.51 -24.76
CA GLY A 95 -4.43 -11.61 -25.45
C GLY A 95 -5.63 -11.04 -26.21
N TRP B 1 -7.06 -15.14 -3.34
CA TRP B 1 -8.30 -14.85 -2.56
C TRP B 1 -7.95 -13.97 -1.36
N LYS B 2 -8.11 -14.47 -0.17
CA LYS B 2 -7.79 -13.66 1.03
C LYS B 2 -6.28 -13.61 1.24
N VAL B 3 -5.70 -12.43 1.17
CA VAL B 3 -4.22 -12.32 1.36
C VAL B 3 -3.89 -10.95 1.96
N GLY B 4 -2.69 -10.78 2.45
CA GLY B 4 -2.31 -9.46 3.04
C GLY B 4 -1.02 -9.62 3.84
N PHE B 5 -0.58 -8.58 4.49
CA PHE B 5 0.67 -8.66 5.29
C PHE B 5 0.71 -7.52 6.32
N PHE B 6 1.84 -7.30 6.93
CA PHE B 6 1.95 -6.22 7.96
C PHE B 6 3.39 -5.72 7.99
N LYS B 7 3.58 -4.44 8.22
CA LYS B 7 4.95 -3.86 8.24
C LYS B 7 5.06 -2.87 9.41
N ARG B 8 6.24 -2.70 9.95
CA ARG B 8 6.42 -1.75 11.10
C ARG B 8 7.00 -0.43 10.59
N ASN B 9 6.21 0.62 10.62
CA ASN B 9 6.73 1.95 10.16
C ASN B 9 7.79 2.45 11.13
N ARG B 10 9.04 2.27 10.81
CA ARG B 10 10.13 2.74 11.72
C ARG B 10 9.87 4.20 12.10
N PRO B 11 10.29 4.63 13.26
CA PRO B 11 10.09 6.04 13.72
C PRO B 11 10.99 7.02 12.96
N PRO B 12 10.67 8.29 12.98
CA PRO B 12 11.46 9.34 12.28
C PRO B 12 12.97 9.07 12.35
N LEU B 13 13.49 8.40 11.35
CA LEU B 13 14.95 8.10 11.36
C LEU B 13 15.34 7.48 12.71
N GLU B 14 16.61 7.39 12.98
CA GLU B 14 17.05 6.79 14.27
C GLU B 14 16.52 7.65 15.44
N GLU B 15 16.70 8.93 15.36
CA GLU B 15 16.20 9.81 16.46
C GLU B 15 16.25 11.28 16.00
N ASP B 16 15.27 11.70 15.24
CA ASP B 16 15.26 13.11 14.76
C ASP B 16 14.97 14.04 15.94
N ASP B 17 15.99 14.63 16.50
CA ASP B 17 15.78 15.55 17.66
C ASP B 17 14.95 16.77 17.19
N GLU B 18 15.01 17.84 17.92
CA GLU B 18 14.24 19.05 17.53
C GLU B 18 14.74 19.57 16.18
N GLU B 19 15.87 20.22 16.17
CA GLU B 19 16.42 20.75 14.90
C GLU B 19 16.49 19.62 13.87
N GLY B 20 16.45 19.96 12.61
CA GLY B 20 16.51 18.91 11.55
C GLY B 20 15.90 19.46 10.26
N GLU B 21 14.96 20.36 10.39
CA GLU B 21 14.32 20.95 9.18
C GLU B 21 15.33 21.83 8.44
N GLY A 1 -1.26 13.12 10.17
CA GLY A 1 -2.19 13.42 8.99
C GLY A 1 -1.64 13.43 7.60
N GLY A 2 -0.65 12.62 7.35
CA GLY A 2 -0.07 12.59 5.98
C GLY A 2 -1.19 12.45 4.95
N ALA A 3 -2.22 11.71 5.28
CA ALA A 3 -3.35 11.53 4.33
C ALA A 3 -3.73 12.87 3.72
N HIS A 4 -3.29 13.96 4.29
CA HIS A 4 -3.65 15.30 3.74
C HIS A 4 -2.63 15.73 2.67
N LYS A 5 -1.64 14.92 2.40
CA LYS A 5 -0.63 15.31 1.38
C LYS A 5 0.10 14.08 0.85
N VAL A 6 -0.57 12.96 0.76
CA VAL A 6 0.09 11.73 0.25
C VAL A 6 0.11 11.75 -1.28
N ARG A 7 1.16 11.21 -1.85
CA ARG A 7 1.28 11.12 -3.33
C ARG A 7 1.57 9.65 -3.61
N ALA A 8 0.64 8.94 -4.20
CA ALA A 8 0.86 7.48 -4.43
C ALA A 8 0.80 7.13 -5.91
N GLY A 9 1.35 6.00 -6.24
CA GLY A 9 1.33 5.51 -7.66
C GLY A 9 0.39 4.32 -7.70
N GLY A 10 0.35 3.55 -8.75
CA GLY A 10 -0.58 2.40 -8.74
C GLY A 10 -0.77 1.81 -10.14
N PRO A 11 0.28 1.35 -10.77
CA PRO A 11 0.18 0.73 -12.12
C PRO A 11 -0.78 -0.46 -12.08
N GLY A 12 -0.88 -1.09 -10.93
CA GLY A 12 -1.80 -2.28 -10.78
C GLY A 12 -2.72 -2.05 -9.57
N LEU A 13 -3.03 -0.81 -9.26
CA LEU A 13 -3.94 -0.51 -8.10
C LEU A 13 -5.24 0.05 -8.67
N GLU A 14 -5.28 0.29 -9.94
CA GLU A 14 -6.51 0.82 -10.60
C GLU A 14 -7.02 -0.21 -11.61
N ARG A 15 -6.18 -1.17 -11.95
CA ARG A 15 -6.59 -2.22 -12.93
C ARG A 15 -5.47 -3.26 -13.03
N ALA A 16 -5.82 -4.52 -12.98
CA ALA A 16 -4.80 -5.61 -13.07
C ALA A 16 -5.31 -6.70 -14.02
N GLU A 17 -4.49 -7.69 -14.27
CA GLU A 17 -4.89 -8.81 -15.18
C GLU A 17 -4.36 -10.11 -14.57
N ALA A 18 -5.25 -11.02 -14.27
CA ALA A 18 -4.85 -12.33 -13.66
C ALA A 18 -3.47 -12.79 -14.15
N GLY A 19 -2.69 -13.37 -13.27
CA GLY A 19 -1.34 -13.87 -13.66
C GLY A 19 -0.33 -12.72 -13.83
N VAL A 20 -0.78 -11.50 -13.76
CA VAL A 20 0.14 -10.33 -13.91
C VAL A 20 0.33 -9.68 -12.54
N PRO A 21 1.54 -9.35 -12.14
CA PRO A 21 1.78 -8.71 -10.83
C PRO A 21 1.25 -7.26 -10.80
N ALA A 22 0.89 -6.78 -9.65
CA ALA A 22 0.37 -5.39 -9.54
C ALA A 22 1.03 -4.74 -8.34
N GLU A 23 1.24 -3.45 -8.36
CA GLU A 23 1.91 -2.79 -7.21
C GLU A 23 1.52 -1.33 -7.12
N PHE A 24 2.07 -0.65 -6.15
CA PHE A 24 1.77 0.80 -5.98
C PHE A 24 2.76 1.38 -4.96
N SER A 25 2.64 2.64 -4.63
CA SER A 25 3.58 3.24 -3.64
C SER A 25 2.89 4.41 -2.93
N ILE A 26 3.31 4.71 -1.73
CA ILE A 26 2.70 5.85 -0.96
C ILE A 26 3.77 6.91 -0.68
N TRP A 27 4.29 7.52 -1.72
CA TRP A 27 5.34 8.57 -1.50
C TRP A 27 4.80 9.65 -0.57
N THR A 28 5.41 9.83 0.56
CA THR A 28 4.92 10.88 1.52
C THR A 28 6.02 11.18 2.55
N ARG A 29 7.26 11.08 2.17
CA ARG A 29 8.35 11.37 3.14
C ARG A 29 8.12 12.75 3.75
N GLU A 30 7.18 13.49 3.23
CA GLU A 30 6.89 14.84 3.78
C GLU A 30 6.12 14.67 5.10
N ALA A 31 5.17 13.79 5.11
CA ALA A 31 4.39 13.56 6.36
C ALA A 31 5.34 13.08 7.44
N GLY A 32 6.20 12.13 7.12
CA GLY A 32 7.19 11.61 8.11
C GLY A 32 6.56 11.52 9.50
N ALA A 33 6.03 10.37 9.86
CA ALA A 33 5.39 10.22 11.20
C ALA A 33 5.61 8.79 11.70
N GLY A 34 4.86 7.85 11.19
CA GLY A 34 5.01 6.44 11.65
C GLY A 34 3.70 5.69 11.44
N GLY A 35 3.62 4.48 11.95
CA GLY A 35 2.37 3.66 11.82
C GLY A 35 1.63 3.93 10.51
N LEU A 36 1.77 3.03 9.57
CA LEU A 36 1.06 3.18 8.26
C LEU A 36 0.23 1.90 8.04
N ALA A 37 -1.04 2.03 7.76
CA ALA A 37 -1.90 0.83 7.57
C ALA A 37 -1.99 0.43 6.09
N ILE A 38 -1.61 -0.79 5.79
CA ILE A 38 -1.67 -1.29 4.37
C ILE A 38 -2.28 -2.69 4.37
N ALA A 39 -3.49 -2.82 3.88
CA ALA A 39 -4.13 -4.18 3.87
C ALA A 39 -5.15 -4.27 2.73
N VAL A 40 -5.53 -5.47 2.37
CA VAL A 40 -6.53 -5.67 1.27
C VAL A 40 -7.59 -6.66 1.73
N GLU A 41 -8.77 -6.58 1.20
CA GLU A 41 -9.86 -7.53 1.62
C GLU A 41 -10.76 -7.84 0.42
N GLY A 42 -11.19 -9.06 0.30
CA GLY A 42 -12.07 -9.44 -0.84
C GLY A 42 -12.12 -10.96 -0.97
N PRO A 43 -13.09 -11.48 -1.70
CA PRO A 43 -13.24 -12.94 -1.91
C PRO A 43 -12.17 -13.50 -2.86
N SER A 44 -10.94 -13.53 -2.43
CA SER A 44 -9.86 -14.05 -3.30
C SER A 44 -8.57 -14.22 -2.49
N LYS A 45 -7.45 -14.35 -3.15
CA LYS A 45 -6.16 -14.50 -2.42
C LYS A 45 -5.01 -14.01 -3.30
N ALA A 46 -3.97 -13.50 -2.71
CA ALA A 46 -2.82 -13.00 -3.52
C ALA A 46 -1.54 -13.05 -2.66
N GLU A 47 -0.40 -12.93 -3.29
CA GLU A 47 0.89 -12.95 -2.53
C GLU A 47 1.34 -11.52 -2.28
N ILE A 48 1.26 -11.05 -1.06
CA ILE A 48 1.69 -9.65 -0.75
C ILE A 48 3.13 -9.62 -0.26
N SER A 49 3.89 -8.64 -0.69
CA SER A 49 5.31 -8.54 -0.25
C SER A 49 5.69 -7.06 -0.16
N PHE A 50 5.71 -6.51 1.04
CA PHE A 50 6.07 -5.06 1.20
C PHE A 50 7.52 -4.93 1.69
N GLU A 51 8.03 -3.73 1.68
CA GLU A 51 9.43 -3.51 2.15
C GLU A 51 9.56 -2.07 2.65
N ASP A 52 9.83 -1.89 3.92
CA ASP A 52 9.96 -0.52 4.46
C ASP A 52 10.97 0.29 3.66
N ARG A 53 10.87 1.58 3.71
CA ARG A 53 11.82 2.46 2.96
C ARG A 53 11.92 3.80 3.67
N LYS A 54 13.09 4.16 4.13
CA LYS A 54 13.25 5.46 4.84
C LYS A 54 12.57 6.58 4.06
N ASP A 55 12.16 6.32 2.84
CA ASP A 55 11.48 7.39 2.05
C ASP A 55 10.01 7.46 2.46
N GLY A 56 9.63 6.72 3.45
CA GLY A 56 8.20 6.75 3.89
C GLY A 56 7.31 6.10 2.83
N SER A 57 7.80 5.99 1.63
CA SER A 57 6.98 5.36 0.55
C SER A 57 6.94 3.84 0.76
N CYS A 58 5.76 3.27 0.84
CA CYS A 58 5.65 1.80 1.03
C CYS A 58 5.56 1.12 -0.34
N GLY A 59 6.56 0.36 -0.70
CA GLY A 59 6.54 -0.33 -2.02
C GLY A 59 6.05 -1.76 -1.83
N VAL A 60 4.93 -2.10 -2.42
CA VAL A 60 4.38 -3.48 -2.27
C VAL A 60 3.90 -4.00 -3.63
N ALA A 61 3.92 -5.29 -3.83
CA ALA A 61 3.46 -5.86 -5.13
C ALA A 61 2.71 -7.17 -4.86
N TYR A 62 1.82 -7.54 -5.74
CA TYR A 62 1.07 -8.81 -5.51
C TYR A 62 0.50 -9.35 -6.82
N VAL A 63 0.42 -10.64 -6.94
CA VAL A 63 -0.16 -11.27 -8.17
C VAL A 63 -1.53 -11.83 -7.80
N VAL A 64 -2.56 -11.29 -8.37
CA VAL A 64 -3.92 -11.76 -8.04
C VAL A 64 -4.22 -13.09 -8.74
N GLN A 65 -5.32 -13.72 -8.41
CA GLN A 65 -5.66 -15.03 -9.05
C GLN A 65 -6.69 -14.82 -10.17
N GLU A 66 -7.85 -15.43 -10.05
CA GLU A 66 -8.89 -15.28 -11.11
C GLU A 66 -9.49 -13.87 -11.06
N PRO A 67 -9.99 -13.37 -12.17
CA PRO A 67 -10.61 -12.02 -12.25
C PRO A 67 -11.43 -11.68 -11.01
N GLY A 68 -11.66 -10.41 -10.77
CA GLY A 68 -12.45 -9.98 -9.58
C GLY A 68 -11.83 -8.73 -8.99
N ASP A 69 -12.61 -7.79 -8.58
CA ASP A 69 -12.04 -6.54 -8.00
C ASP A 69 -11.49 -6.82 -6.60
N TYR A 70 -10.49 -6.07 -6.20
CA TYR A 70 -9.89 -6.25 -4.84
C TYR A 70 -9.99 -4.94 -4.06
N GLU A 71 -10.72 -4.92 -2.98
CA GLU A 71 -10.85 -3.67 -2.18
C GLU A 71 -9.52 -3.35 -1.51
N VAL A 72 -8.88 -2.27 -1.91
CA VAL A 72 -7.57 -1.89 -1.29
C VAL A 72 -7.78 -0.73 -0.33
N SER A 73 -7.76 -0.99 0.95
CA SER A 73 -7.95 0.11 1.94
C SER A 73 -6.60 0.78 2.20
N VAL A 74 -6.51 2.07 1.99
CA VAL A 74 -5.23 2.81 2.21
C VAL A 74 -5.49 4.02 3.11
N LYS A 75 -4.83 4.11 4.25
CA LYS A 75 -5.08 5.28 5.14
C LYS A 75 -3.79 5.67 5.88
N PHE A 76 -3.63 6.94 6.14
CA PHE A 76 -2.40 7.42 6.86
C PHE A 76 -2.76 7.66 8.32
N ASN A 77 -1.98 7.16 9.24
CA ASN A 77 -2.31 7.36 10.67
C ASN A 77 -3.78 7.01 10.89
N GLU A 78 -4.24 5.99 10.22
CA GLU A 78 -5.67 5.57 10.34
C GLU A 78 -6.59 6.72 9.94
N GLU A 79 -6.26 7.42 8.88
CA GLU A 79 -7.13 8.56 8.42
C GLU A 79 -7.80 8.17 7.11
N HIS A 80 -7.34 8.71 6.01
CA HIS A 80 -7.95 8.37 4.69
C HIS A 80 -7.23 9.18 3.60
N ILE A 81 -6.25 8.60 2.94
CA ILE A 81 -5.55 9.36 1.87
C ILE A 81 -6.47 9.39 0.63
N PRO A 82 -6.33 10.39 -0.22
CA PRO A 82 -7.15 10.56 -1.44
C PRO A 82 -7.76 9.25 -1.96
N ASP A 83 -9.06 9.19 -2.03
CA ASP A 83 -9.74 7.94 -2.51
C ASP A 83 -9.11 6.72 -1.83
N SER A 84 -9.11 6.71 -0.52
CA SER A 84 -8.51 5.57 0.23
C SER A 84 -8.91 4.23 -0.41
N PRO A 85 -10.18 3.90 -0.44
CA PRO A 85 -10.64 2.62 -1.06
C PRO A 85 -10.38 2.61 -2.57
N PHE A 86 -9.44 1.82 -3.02
CA PHE A 86 -9.12 1.79 -4.49
C PHE A 86 -9.28 0.35 -5.00
N VAL A 87 -10.41 0.03 -5.58
CA VAL A 87 -10.62 -1.35 -6.09
C VAL A 87 -9.83 -1.52 -7.38
N VAL A 88 -9.56 -2.76 -7.74
CA VAL A 88 -8.78 -3.03 -8.99
C VAL A 88 -9.49 -4.09 -9.85
N PRO A 89 -10.24 -3.69 -10.86
CA PRO A 89 -10.93 -4.65 -11.76
C PRO A 89 -9.90 -5.58 -12.42
N VAL A 90 -9.85 -6.81 -11.99
CA VAL A 90 -8.86 -7.76 -12.58
C VAL A 90 -9.43 -8.43 -13.82
N ALA A 91 -8.58 -8.73 -14.76
CA ALA A 91 -9.03 -9.39 -16.03
C ALA A 91 -8.32 -10.75 -16.16
N SER A 92 -8.90 -11.65 -16.89
CA SER A 92 -8.27 -12.98 -17.07
C SER A 92 -6.80 -12.79 -17.51
N PRO A 93 -6.03 -13.85 -17.55
CA PRO A 93 -4.60 -13.78 -17.95
C PRO A 93 -4.42 -13.93 -19.47
N SER A 94 -4.00 -15.09 -19.90
CA SER A 94 -3.81 -15.35 -21.35
C SER A 94 -4.58 -16.61 -21.75
N GLY A 95 -4.85 -17.46 -20.80
CA GLY A 95 -5.60 -18.72 -21.11
C GLY A 95 -6.82 -18.38 -21.99
N TRP B 1 -11.01 -14.92 1.24
CA TRP B 1 -10.45 -14.60 2.58
C TRP B 1 -9.94 -13.14 2.58
N LYS B 2 -8.89 -12.88 3.30
CA LYS B 2 -8.35 -11.49 3.33
C LYS B 2 -6.91 -11.51 3.86
N VAL B 3 -6.13 -10.50 3.54
CA VAL B 3 -4.72 -10.47 4.02
C VAL B 3 -4.26 -9.01 4.14
N GLY B 4 -3.06 -8.80 4.59
CA GLY B 4 -2.56 -7.40 4.73
C GLY B 4 -1.33 -7.38 5.63
N PHE B 5 -0.85 -6.22 5.98
CA PHE B 5 0.35 -6.14 6.87
C PHE B 5 0.42 -4.76 7.51
N PHE B 6 1.58 -4.33 7.93
CA PHE B 6 1.72 -3.00 8.59
C PHE B 6 3.03 -2.34 8.13
N LYS B 7 3.24 -1.11 8.49
CA LYS B 7 4.47 -0.40 8.08
C LYS B 7 4.51 0.96 8.81
N ARG B 8 5.56 1.22 9.55
CA ARG B 8 5.65 2.53 10.28
C ARG B 8 6.38 3.54 9.39
N ASN B 9 5.76 4.65 9.08
CA ASN B 9 6.43 5.67 8.22
C ASN B 9 7.36 6.53 9.08
N ARG B 10 8.62 6.14 9.18
CA ARG B 10 9.57 6.92 10.01
C ARG B 10 10.18 8.05 9.14
N PRO B 11 10.59 9.15 9.74
CA PRO B 11 11.18 10.29 8.99
C PRO B 11 12.60 9.96 8.47
N PRO B 12 13.07 10.70 7.51
CA PRO B 12 14.43 10.48 6.93
C PRO B 12 15.54 10.91 7.90
N LEU B 13 15.19 11.56 8.97
CA LEU B 13 16.22 12.00 9.95
C LEU B 13 16.73 10.79 10.74
N GLU B 14 18.02 10.63 10.83
CA GLU B 14 18.58 9.47 11.58
C GLU B 14 18.61 9.79 13.07
N GLU B 15 18.06 10.91 13.45
CA GLU B 15 18.05 11.27 14.90
C GLU B 15 17.00 10.45 15.64
N ASP B 16 17.40 9.38 16.26
CA ASP B 16 16.42 8.52 16.99
C ASP B 16 16.01 9.23 18.28
N ASP B 17 14.82 8.96 18.77
CA ASP B 17 14.36 9.61 20.02
C ASP B 17 15.38 9.38 21.13
N GLU B 18 15.06 9.76 22.34
CA GLU B 18 16.02 9.56 23.46
C GLU B 18 16.20 8.05 23.72
N GLU B 19 15.42 7.23 23.05
CA GLU B 19 15.56 5.77 23.26
C GLU B 19 16.82 5.26 22.55
N GLY B 20 17.74 6.15 22.26
CA GLY B 20 18.99 5.72 21.56
C GLY B 20 19.61 4.55 22.33
N GLU B 21 19.55 4.57 23.63
CA GLU B 21 20.14 3.47 24.44
C GLU B 21 19.28 2.21 24.27
N GLY A 1 1.45 12.17 11.43
CA GLY A 1 0.47 11.87 10.29
C GLY A 1 0.96 11.19 9.05
N GLY A 2 1.97 11.77 8.45
CA GLY A 2 2.52 11.19 7.20
C GLY A 2 1.50 11.33 6.08
N ALA A 3 0.32 10.82 6.29
CA ALA A 3 -0.75 10.91 5.28
C ALA A 3 -0.84 12.35 4.74
N HIS A 4 -0.16 13.28 5.38
CA HIS A 4 -0.21 14.69 4.91
C HIS A 4 0.88 14.95 3.87
N LYS A 5 1.71 13.98 3.59
CA LYS A 5 2.80 14.20 2.58
C LYS A 5 3.20 12.87 1.93
N VAL A 6 2.28 11.95 1.81
CA VAL A 6 2.62 10.65 1.19
C VAL A 6 2.61 10.78 -0.34
N ARG A 7 3.50 10.07 -0.97
CA ARG A 7 3.56 10.06 -2.46
C ARG A 7 3.59 8.59 -2.84
N ALA A 8 2.55 8.10 -3.48
CA ALA A 8 2.51 6.64 -3.81
C ALA A 8 2.40 6.40 -5.32
N GLY A 9 2.77 5.21 -5.74
CA GLY A 9 2.68 4.84 -7.19
C GLY A 9 1.55 3.81 -7.29
N GLY A 10 1.41 3.12 -8.39
CA GLY A 10 0.31 2.14 -8.44
C GLY A 10 0.05 1.64 -9.87
N PRO A 11 1.02 1.04 -10.50
CA PRO A 11 0.84 0.50 -11.88
C PRO A 11 -0.31 -0.52 -11.90
N GLY A 12 -0.54 -1.17 -10.78
CA GLY A 12 -1.64 -2.17 -10.69
C GLY A 12 -2.53 -1.85 -9.48
N LEU A 13 -2.65 -0.59 -9.12
CA LEU A 13 -3.49 -0.20 -7.95
C LEU A 13 -4.69 0.61 -8.49
N GLU A 14 -4.67 0.90 -9.76
CA GLU A 14 -5.79 1.66 -10.38
C GLU A 14 -6.48 0.76 -11.41
N ARG A 15 -5.86 -0.32 -11.76
CA ARG A 15 -6.45 -1.26 -12.75
C ARG A 15 -5.54 -2.49 -12.90
N ALA A 16 -6.10 -3.67 -12.82
CA ALA A 16 -5.27 -4.91 -12.97
C ALA A 16 -5.98 -5.87 -13.93
N GLU A 17 -5.33 -6.97 -14.24
CA GLU A 17 -5.93 -7.97 -15.17
C GLU A 17 -5.59 -9.37 -14.64
N ALA A 18 -6.60 -10.12 -14.27
CA ALA A 18 -6.38 -11.49 -13.73
C ALA A 18 -5.14 -12.16 -14.34
N GLY A 19 -4.43 -12.93 -13.56
CA GLY A 19 -3.21 -13.63 -14.07
C GLY A 19 -2.05 -12.66 -14.21
N VAL A 20 -2.28 -11.37 -14.04
CA VAL A 20 -1.16 -10.38 -14.16
C VAL A 20 -0.84 -9.82 -12.77
N PRO A 21 0.42 -9.71 -12.40
CA PRO A 21 0.79 -9.17 -11.07
C PRO A 21 0.51 -7.66 -10.99
N ALA A 22 0.22 -7.17 -9.82
CA ALA A 22 -0.06 -5.72 -9.65
C ALA A 22 0.68 -5.25 -8.40
N GLU A 23 1.09 -4.01 -8.35
CA GLU A 23 1.83 -3.54 -7.15
C GLU A 23 1.68 -2.03 -6.98
N PHE A 24 2.29 -1.52 -5.96
CA PHE A 24 2.24 -0.05 -5.70
C PHE A 24 3.30 0.30 -4.68
N SER A 25 3.44 1.55 -4.35
CA SER A 25 4.48 1.95 -3.34
C SER A 25 3.98 3.15 -2.56
N ILE A 26 4.42 3.29 -1.33
CA ILE A 26 4.00 4.46 -0.49
C ILE A 26 5.23 5.30 -0.13
N TRP A 27 5.87 5.88 -1.11
CA TRP A 27 7.09 6.69 -0.83
C TRP A 27 6.78 7.78 0.21
N THR A 28 7.58 7.88 1.23
CA THR A 28 7.33 8.92 2.27
C THR A 28 8.57 9.05 3.17
N ARG A 29 9.73 9.06 2.59
CA ARG A 29 10.97 9.17 3.43
C ARG A 29 10.87 10.40 4.33
N GLU A 30 9.85 11.20 4.14
CA GLU A 30 9.69 12.42 4.98
C GLU A 30 8.96 12.05 6.28
N ALA A 31 7.87 11.33 6.18
CA ALA A 31 7.12 10.95 7.40
C ALA A 31 8.04 10.19 8.35
N GLY A 32 8.80 9.26 7.84
CA GLY A 32 9.74 8.48 8.69
C GLY A 32 9.07 8.08 10.01
N ALA A 33 7.77 8.12 10.07
CA ALA A 33 7.05 7.72 11.33
C ALA A 33 6.68 6.23 11.26
N GLY A 34 6.96 5.49 12.29
CA GLY A 34 6.64 4.03 12.30
C GLY A 34 5.14 3.81 12.00
N GLY A 35 4.55 2.83 12.64
CA GLY A 35 3.09 2.52 12.45
C GLY A 35 2.61 2.91 11.04
N LEU A 36 2.51 1.95 10.16
CA LEU A 36 2.03 2.24 8.76
C LEU A 36 0.98 1.18 8.39
N ALA A 37 -0.22 1.60 8.06
CA ALA A 37 -1.30 0.64 7.71
C ALA A 37 -1.33 0.39 6.20
N ILE A 38 -1.20 -0.84 5.80
CA ILE A 38 -1.24 -1.18 4.34
C ILE A 38 -1.87 -2.57 4.19
N ALA A 39 -3.04 -2.65 3.60
CA ALA A 39 -3.70 -3.98 3.45
C ALA A 39 -4.64 -3.98 2.23
N VAL A 40 -5.06 -5.15 1.80
CA VAL A 40 -5.99 -5.26 0.64
C VAL A 40 -7.13 -6.22 1.00
N GLU A 41 -8.26 -6.06 0.39
CA GLU A 41 -9.41 -6.97 0.70
C GLU A 41 -10.29 -7.14 -0.55
N GLY A 42 -10.72 -8.34 -0.81
CA GLY A 42 -11.57 -8.58 -2.02
C GLY A 42 -12.10 -10.01 -1.99
N PRO A 43 -13.03 -10.32 -2.86
CA PRO A 43 -13.65 -11.68 -2.94
C PRO A 43 -12.71 -12.69 -3.63
N SER A 44 -11.53 -12.87 -3.10
CA SER A 44 -10.58 -13.83 -3.72
C SER A 44 -9.36 -14.02 -2.80
N LYS A 45 -8.28 -14.53 -3.32
CA LYS A 45 -7.07 -14.73 -2.46
C LYS A 45 -5.82 -14.59 -3.33
N ALA A 46 -5.24 -13.42 -3.37
CA ALA A 46 -4.02 -13.21 -4.20
C ALA A 46 -2.78 -13.45 -3.34
N GLU A 47 -1.63 -13.61 -3.95
CA GLU A 47 -0.38 -13.84 -3.17
C GLU A 47 0.31 -12.49 -2.94
N ILE A 48 0.27 -11.99 -1.74
CA ILE A 48 0.92 -10.68 -1.45
C ILE A 48 2.37 -10.88 -1.01
N SER A 49 3.24 -9.97 -1.38
CA SER A 49 4.67 -10.08 -0.98
C SER A 49 5.18 -8.68 -0.63
N PHE A 50 5.25 -8.35 0.63
CA PHE A 50 5.71 -6.99 1.06
C PHE A 50 7.13 -7.07 1.63
N GLU A 51 7.80 -5.94 1.70
CA GLU A 51 9.18 -5.92 2.25
C GLU A 51 9.50 -4.51 2.74
N ASP A 52 9.75 -4.34 4.01
CA ASP A 52 10.05 -2.98 4.54
C ASP A 52 11.22 -2.39 3.75
N ARG A 53 11.31 -1.08 3.70
CA ARG A 53 12.42 -0.42 2.96
C ARG A 53 12.84 0.84 3.74
N LYS A 54 14.11 0.98 3.99
CA LYS A 54 14.60 2.18 4.73
C LYS A 54 13.98 3.43 4.12
N ASP A 55 13.61 3.36 2.88
CA ASP A 55 13.00 4.54 2.22
C ASP A 55 11.59 4.76 2.77
N GLY A 56 11.17 3.93 3.69
CA GLY A 56 9.80 4.10 4.25
C GLY A 56 8.75 3.71 3.21
N SER A 57 9.17 3.59 1.98
CA SER A 57 8.21 3.21 0.90
C SER A 57 7.85 1.73 1.03
N CYS A 58 6.59 1.40 1.13
CA CYS A 58 6.20 -0.03 1.26
C CYS A 58 6.03 -0.64 -0.14
N GLY A 59 6.92 -1.51 -0.53
CA GLY A 59 6.82 -2.14 -1.89
C GLY A 59 6.10 -3.48 -1.75
N VAL A 60 4.93 -3.60 -2.34
CA VAL A 60 4.16 -4.88 -2.25
C VAL A 60 3.58 -5.23 -3.63
N ALA A 61 3.42 -6.50 -3.91
CA ALA A 61 2.84 -6.91 -5.22
C ALA A 61 1.86 -8.06 -5.01
N TYR A 62 0.89 -8.19 -5.88
CA TYR A 62 -0.10 -9.30 -5.72
C TYR A 62 -0.68 -9.69 -7.07
N VAL A 63 -0.87 -10.96 -7.28
CA VAL A 63 -1.46 -11.47 -8.55
C VAL A 63 -2.84 -12.05 -8.23
N VAL A 64 -3.87 -11.37 -8.61
CA VAL A 64 -5.24 -11.89 -8.31
C VAL A 64 -5.60 -13.01 -9.27
N GLN A 65 -6.79 -13.55 -9.17
CA GLN A 65 -7.19 -14.65 -10.08
C GLN A 65 -8.72 -14.66 -10.22
N GLU A 66 -9.33 -13.52 -10.29
CA GLU A 66 -10.81 -13.47 -10.43
C GLU A 66 -11.26 -12.01 -10.63
N PRO A 67 -11.71 -11.64 -11.81
CA PRO A 67 -12.15 -10.24 -12.10
C PRO A 67 -12.97 -9.65 -10.94
N GLY A 68 -12.96 -8.35 -10.81
CA GLY A 68 -13.73 -7.69 -9.72
C GLY A 68 -12.85 -6.62 -9.06
N ASP A 69 -13.43 -5.54 -8.64
CA ASP A 69 -12.62 -4.47 -8.00
C ASP A 69 -12.20 -4.91 -6.59
N TYR A 70 -11.07 -4.42 -6.13
CA TYR A 70 -10.58 -4.79 -4.76
C TYR A 70 -10.47 -3.52 -3.92
N GLU A 71 -11.24 -3.41 -2.87
CA GLU A 71 -11.17 -2.19 -2.03
C GLU A 71 -9.84 -2.15 -1.28
N VAL A 72 -8.92 -1.33 -1.74
CA VAL A 72 -7.60 -1.23 -1.07
C VAL A 72 -7.62 -0.08 -0.07
N SER A 73 -7.40 -0.37 1.20
CA SER A 73 -7.39 0.71 2.21
C SER A 73 -5.97 1.25 2.36
N VAL A 74 -5.73 2.46 1.94
CA VAL A 74 -4.36 3.07 2.07
C VAL A 74 -4.44 4.13 3.18
N LYS A 75 -3.73 3.95 4.25
CA LYS A 75 -3.80 4.94 5.37
C LYS A 75 -2.44 5.06 6.06
N PHE A 76 -2.13 6.21 6.61
CA PHE A 76 -0.80 6.41 7.30
C PHE A 76 -1.05 6.82 8.75
N ASN A 77 -0.28 6.28 9.67
CA ASN A 77 -0.45 6.65 11.10
C ASN A 77 -1.94 6.67 11.46
N GLU A 78 -2.71 5.75 10.94
CA GLU A 78 -4.16 5.71 11.26
C GLU A 78 -4.81 7.05 10.88
N GLU A 79 -4.47 7.58 9.73
CA GLU A 79 -5.07 8.89 9.29
C GLU A 79 -5.83 8.67 7.98
N HIS A 80 -5.20 8.96 6.87
CA HIS A 80 -5.87 8.78 5.55
C HIS A 80 -4.99 9.49 4.51
N ILE A 81 -4.22 8.74 3.75
CA ILE A 81 -3.36 9.39 2.72
C ILE A 81 -4.25 9.74 1.52
N PRO A 82 -3.91 10.79 0.79
CA PRO A 82 -4.68 11.25 -0.39
C PRO A 82 -5.49 10.13 -1.07
N ASP A 83 -6.78 10.15 -0.88
CA ASP A 83 -7.64 9.11 -1.50
C ASP A 83 -7.35 7.74 -0.88
N SER A 84 -7.42 7.63 0.42
CA SER A 84 -7.15 6.32 1.11
C SER A 84 -7.73 5.15 0.29
N PRO A 85 -9.03 5.06 0.16
CA PRO A 85 -9.67 3.94 -0.61
C PRO A 85 -9.24 3.94 -2.07
N PHE A 86 -8.70 2.84 -2.56
CA PHE A 86 -8.25 2.77 -3.98
C PHE A 86 -8.72 1.44 -4.60
N VAL A 87 -9.82 1.47 -5.32
CA VAL A 87 -10.34 0.21 -5.94
C VAL A 87 -9.58 -0.08 -7.23
N VAL A 88 -9.45 -1.35 -7.57
CA VAL A 88 -8.72 -1.73 -8.82
C VAL A 88 -9.59 -2.64 -9.70
N PRO A 89 -10.25 -2.09 -10.71
CA PRO A 89 -11.09 -2.90 -11.63
C PRO A 89 -10.25 -4.02 -12.29
N VAL A 90 -10.44 -5.24 -11.86
CA VAL A 90 -9.64 -6.35 -12.44
C VAL A 90 -10.33 -6.92 -13.68
N ALA A 91 -9.54 -7.33 -14.65
CA ALA A 91 -10.13 -7.91 -15.91
C ALA A 91 -9.62 -9.34 -16.08
N SER A 92 -10.34 -10.14 -16.83
CA SER A 92 -9.92 -11.54 -17.05
C SER A 92 -8.45 -11.58 -17.51
N PRO A 93 -7.85 -12.75 -17.59
CA PRO A 93 -6.43 -12.89 -18.01
C PRO A 93 -6.30 -13.04 -19.52
N SER A 94 -6.08 -14.25 -19.99
CA SER A 94 -5.94 -14.50 -21.46
C SER A 94 -6.94 -15.59 -21.86
N GLY A 95 -7.33 -16.42 -20.93
CA GLY A 95 -8.29 -17.51 -21.26
C GLY A 95 -7.79 -18.31 -22.46
N TRP B 1 -10.35 -13.49 0.60
CA TRP B 1 -10.87 -13.04 1.93
C TRP B 1 -10.19 -11.73 2.32
N LYS B 2 -10.45 -11.25 3.51
CA LYS B 2 -9.83 -9.98 3.95
C LYS B 2 -8.45 -10.27 4.55
N VAL B 3 -7.42 -9.69 3.99
CA VAL B 3 -6.04 -9.93 4.52
C VAL B 3 -5.21 -8.65 4.34
N GLY B 4 -3.91 -8.78 4.38
CA GLY B 4 -3.03 -7.58 4.20
C GLY B 4 -1.82 -7.71 5.12
N PHE B 5 -1.20 -6.61 5.46
CA PHE B 5 -0.01 -6.69 6.36
C PHE B 5 0.32 -5.27 6.86
N PHE B 6 1.47 -5.08 7.45
CA PHE B 6 1.82 -3.72 7.95
C PHE B 6 3.33 -3.63 8.23
N LYS B 7 3.88 -2.45 8.18
CA LYS B 7 5.33 -2.27 8.44
C LYS B 7 5.51 -1.09 9.41
N ARG B 8 6.48 -0.26 9.19
CA ARG B 8 6.69 0.90 10.10
C ARG B 8 7.79 1.80 9.53
N ASN B 9 7.48 3.03 9.26
CA ASN B 9 8.53 3.94 8.71
C ASN B 9 9.52 4.29 9.84
N ARG B 10 10.77 3.98 9.67
CA ARG B 10 11.78 4.29 10.73
C ARG B 10 13.18 4.25 10.13
N PRO B 11 13.53 5.24 9.35
CA PRO B 11 14.87 5.31 8.71
C PRO B 11 15.95 5.85 9.67
N PRO B 12 17.21 5.61 9.38
CA PRO B 12 18.33 6.08 10.24
C PRO B 12 18.06 7.47 10.84
N LEU B 13 17.88 8.45 10.02
CA LEU B 13 17.62 9.83 10.54
C LEU B 13 16.31 9.82 11.35
N GLU B 14 16.40 9.65 12.64
CA GLU B 14 15.17 9.63 13.48
C GLU B 14 14.68 11.07 13.67
N GLU B 15 14.76 11.88 12.66
CA GLU B 15 14.29 13.29 12.79
C GLU B 15 12.89 13.30 13.40
N ASP B 16 12.67 14.11 14.40
CA ASP B 16 11.32 14.17 15.03
C ASP B 16 11.18 15.49 15.81
N ASP B 17 10.59 16.48 15.21
CA ASP B 17 10.42 17.78 15.91
C ASP B 17 9.74 17.55 17.26
N GLU B 18 9.40 18.60 17.96
CA GLU B 18 8.74 18.44 19.28
C GLU B 18 7.25 18.15 19.07
N GLU B 19 6.50 19.15 18.69
CA GLU B 19 5.04 18.93 18.46
C GLU B 19 4.84 18.05 17.23
N GLY B 20 3.65 18.01 16.70
CA GLY B 20 3.39 17.17 15.49
C GLY B 20 3.08 15.75 15.93
N GLU B 21 3.62 15.33 17.03
CA GLU B 21 3.37 13.94 17.52
C GLU B 21 1.90 13.81 17.92
#